data_5TH1
#
_entry.id   5TH1
#
_cell.length_a   64.404
_cell.length_b   254.466
_cell.length_c   70.649
_cell.angle_alpha   90.00
_cell.angle_beta   112.03
_cell.angle_gamma   90.00
#
_symmetry.space_group_name_H-M   'P 1 21 1'
#
loop_
_entity.id
_entity.type
_entity.pdbx_description
1 polymer 'Hemagglutinin HA1 chain'
2 polymer 'Hemagglutinin HA2 chain'
3 branched 'N-acetyl-alpha-neuraminic acid-(2-6)-beta-D-galactopyranose'
4 branched 'N-acetyl-alpha-neuraminic acid-(2-6)-beta-D-galactopyranose-(1-4)-2-acetamido-2-deoxy-beta-D-glucopyranose'
5 branched alpha-D-mannopyranose-(1-6)-beta-D-mannopyranose-(1-4)-2-acetamido-2-deoxy-beta-D-glucopyranose-(1-4)-2-acetamido-2-deoxy-beta-D-glucopyranose
6 branched 2-acetamido-2-deoxy-beta-D-glucopyranose-(1-4)-2-acetamido-2-deoxy-beta-D-glucopyranose
7 non-polymer 2-acetamido-2-deoxy-beta-D-glucopyranose
8 water water
#
loop_
_entity_poly.entity_id
_entity_poly.type
_entity_poly.pdbx_seq_one_letter_code
_entity_poly.pdbx_strand_id
1 'polypeptide(L)'
;ADPGDKICLGHHAVANGTIVKTLTNEQEEVTNATETVESTGINRLCMKGRKHKDLGNCHPIGMLIGTPACDLHLTGMWDT
LIERENAIAYCYPGATVNVEALRQKIMESGGINKISTGFTYGSSINSAGTTRACMRNGGNSFYAELKWLVSKSAGQNFPQ
TTNTYRNTDTAEHLIMWGIHHPSSTQEKNDLYGTQSLSISVGSSTYRNNFVPVVGARPQVNGLSSRIDFHWTLVQPGDNI
TFSHNGGLIAPSRVSKLIGRGLGIQSDAPIDNNCESKCFWRGGSINTRLPFQNLSPRTVGQCPKYVNRRSLMLATGMRNV
PEL
;
A,C,E
2 'polypeptide(L)'
;LFGAIAGFLENGWEGMVDGWYGFRHQNAQGTGQAADYKSTQAAIDQITGKLNRLVEKTNTEFESIESEFSEIEHQIGNVI
NWTKDSITDIWTYQAELLVAMENQHTIDMADSEMLNLYERVRKQLRQNAEEDGKGCFEIYHACDDSCMESIRNNTYDHSQ
YREEALLNRLNINSGRLVPR
;
B,D,F
#
# COMPACT_ATOMS: atom_id res chain seq x y z
N ASP A 5 -19.77 56.25 26.18
CA ASP A 5 -18.80 55.97 25.12
C ASP A 5 -18.25 54.54 25.22
N LYS A 6 -18.09 53.88 24.08
CA LYS A 6 -17.87 52.44 24.06
C LYS A 6 -17.36 52.00 22.70
N ILE A 7 -16.45 51.04 22.68
CA ILE A 7 -16.02 50.45 21.42
C ILE A 7 -16.03 48.92 21.51
N CYS A 8 -16.63 48.29 20.50
CA CYS A 8 -16.92 46.87 20.52
C CYS A 8 -16.21 46.09 19.42
N LEU A 9 -15.68 44.92 19.79
CA LEU A 9 -15.05 44.06 18.80
C LEU A 9 -15.93 42.90 18.42
N GLY A 10 -15.87 42.50 17.15
CA GLY A 10 -16.61 41.32 16.71
C GLY A 10 -16.13 40.73 15.40
N HIS A 11 -16.70 39.57 15.06
CA HIS A 11 -16.43 38.90 13.81
C HIS A 11 -17.70 38.79 12.99
N HIS A 12 -17.56 38.57 11.68
CA HIS A 12 -18.74 38.43 10.84
C HIS A 12 -19.38 37.04 11.04
N ALA A 13 -20.60 36.90 10.51
CA ALA A 13 -21.26 35.61 10.39
C ALA A 13 -22.23 35.67 9.22
N VAL A 14 -22.80 34.53 8.84
CA VAL A 14 -23.80 34.49 7.77
C VAL A 14 -25.05 33.80 8.31
N ALA A 15 -26.18 33.96 7.64
CA ALA A 15 -27.41 33.26 8.03
C ALA A 15 -27.28 31.74 7.79
N ASN A 16 -26.87 31.37 6.57
CA ASN A 16 -26.71 29.96 6.14
C ASN A 16 -25.28 29.43 6.27
N GLY A 17 -25.01 28.69 7.34
CA GLY A 17 -23.68 28.13 7.54
C GLY A 17 -23.46 26.83 6.79
N THR A 18 -22.21 26.36 6.76
CA THR A 18 -21.89 25.05 6.17
C THR A 18 -21.27 24.14 7.21
N ILE A 19 -21.69 22.88 7.23
CA ILE A 19 -21.19 21.92 8.20
C ILE A 19 -19.93 21.22 7.71
N VAL A 20 -18.96 21.10 8.62
CA VAL A 20 -17.69 20.43 8.37
C VAL A 20 -17.41 19.52 9.56
N LYS A 21 -16.49 18.58 9.41
CA LYS A 21 -16.13 17.73 10.54
C LYS A 21 -14.81 18.25 11.09
N THR A 22 -14.58 17.99 12.37
CA THR A 22 -13.30 18.29 12.98
C THR A 22 -12.87 17.07 13.76
N LEU A 23 -11.76 17.20 14.47
CA LEU A 23 -11.25 16.13 15.32
C LEU A 23 -12.17 15.83 16.50
N THR A 24 -12.98 16.82 16.88
CA THR A 24 -13.77 16.73 18.11
C THR A 24 -15.26 16.86 17.84
N ASN A 25 -15.63 17.15 16.60
CA ASN A 25 -17.03 17.44 16.31
C ASN A 25 -17.45 17.08 14.87
N GLU A 26 -18.40 16.15 14.79
CA GLU A 26 -18.97 15.74 13.52
C GLU A 26 -19.75 16.86 12.83
N GLN A 27 -20.43 17.66 13.63
CA GLN A 27 -21.37 18.66 13.11
C GLN A 27 -20.96 20.06 13.53
N GLU A 28 -19.94 20.61 12.88
CA GLU A 28 -19.45 21.94 13.20
C GLU A 28 -19.85 22.92 12.09
N GLU A 29 -20.45 24.04 12.46
CA GLU A 29 -20.92 24.99 11.46
C GLU A 29 -19.93 26.12 11.25
N VAL A 30 -19.48 26.31 10.02
CA VAL A 30 -18.53 27.37 9.70
C VAL A 30 -19.09 28.29 8.63
N THR A 31 -18.46 29.43 8.41
CA THR A 31 -18.97 30.44 7.49
C THR A 31 -18.93 30.04 6.00
N ASN A 32 -17.89 29.30 5.62
CA ASN A 32 -17.69 28.83 4.25
C ASN A 32 -16.90 27.51 4.24
N ALA A 33 -17.04 26.73 3.16
CA ALA A 33 -16.24 25.52 2.97
C ALA A 33 -16.17 25.13 1.48
N THR A 34 -15.16 24.32 1.12
CA THR A 34 -15.10 23.72 -0.22
C THR A 34 -14.76 22.22 -0.21
N GLU A 35 -15.17 21.57 -1.30
CA GLU A 35 -14.95 20.15 -1.53
C GLU A 35 -13.48 19.82 -1.74
N THR A 36 -13.03 18.70 -1.19
CA THR A 36 -11.71 18.17 -1.51
C THR A 36 -11.76 16.87 -2.33
N VAL A 37 -12.96 16.30 -2.48
CA VAL A 37 -13.14 15.11 -3.30
C VAL A 37 -13.86 15.41 -4.62
N GLU A 38 -13.16 15.25 -5.75
CA GLU A 38 -13.77 15.38 -7.08
C GLU A 38 -14.84 14.35 -7.38
N SER A 39 -15.99 14.81 -7.84
CA SER A 39 -17.07 13.87 -8.09
C SER A 39 -17.51 13.87 -9.56
N THR A 40 -16.99 14.81 -10.33
CA THR A 40 -17.44 14.98 -11.70
C THR A 40 -16.28 14.77 -12.65
N GLY A 41 -16.53 14.01 -13.71
CA GLY A 41 -15.51 13.78 -14.70
C GLY A 41 -15.98 14.32 -16.02
N ILE A 42 -15.09 14.27 -17.02
CA ILE A 42 -15.40 14.69 -18.36
C ILE A 42 -15.68 13.43 -19.17
N ASN A 43 -16.78 13.43 -19.92
CA ASN A 43 -17.23 12.24 -20.64
C ASN A 43 -16.55 12.06 -21.99
N ARG A 44 -15.30 12.45 -22.07
CA ARG A 44 -14.53 12.45 -23.29
C ARG A 44 -13.13 12.03 -22.89
N LEU A 45 -12.44 11.33 -23.78
CA LEU A 45 -11.00 11.16 -23.68
C LEU A 45 -10.36 12.42 -24.23
N CYS A 46 -9.87 13.26 -23.33
CA CYS A 46 -9.21 14.52 -23.72
C CYS A 46 -7.80 14.27 -24.26
N MET A 47 -7.71 14.26 -25.57
CA MET A 47 -6.47 13.93 -26.26
C MET A 47 -5.63 15.07 -26.84
N LYS A 48 -6.01 16.31 -26.58
CA LYS A 48 -5.18 17.40 -27.09
C LYS A 48 -3.77 17.37 -26.51
N GLY A 49 -2.78 17.52 -27.38
CA GLY A 49 -1.37 17.45 -26.99
C GLY A 49 -0.84 16.02 -26.93
N ARG A 50 -1.65 15.03 -27.31
CA ARG A 50 -1.18 13.62 -27.31
C ARG A 50 -1.25 13.06 -28.71
N LYS A 51 -0.20 12.36 -29.14
CA LYS A 51 -0.30 11.56 -30.37
C LYS A 51 -1.04 10.28 -30.01
N HIS A 52 -2.34 10.28 -30.16
CA HIS A 52 -3.10 9.13 -29.69
C HIS A 52 -3.51 8.25 -30.85
N LYS A 53 -3.77 6.99 -30.58
CA LYS A 53 -4.34 6.06 -31.55
C LYS A 53 -5.58 5.43 -30.90
N ASP A 54 -6.74 5.72 -31.48
CA ASP A 54 -7.97 5.07 -31.11
C ASP A 54 -8.11 3.79 -31.96
N LEU A 55 -8.03 2.61 -31.33
CA LEU A 55 -8.07 1.36 -32.11
C LEU A 55 -9.46 0.97 -32.68
N GLY A 56 -10.53 1.62 -32.22
CA GLY A 56 -11.88 1.22 -32.64
C GLY A 56 -12.14 -0.24 -32.29
N ASN A 57 -12.63 -1.04 -33.24
CA ASN A 57 -12.88 -2.46 -32.96
C ASN A 57 -11.66 -3.38 -33.22
N CYS A 58 -10.47 -2.78 -33.27
CA CYS A 58 -9.25 -3.56 -33.40
C CYS A 58 -8.64 -3.84 -31.98
N HIS A 59 -8.47 -5.11 -31.65
CA HIS A 59 -7.83 -5.48 -30.38
C HIS A 59 -6.30 -5.39 -30.52
N PRO A 60 -5.60 -4.89 -29.49
CA PRO A 60 -4.14 -4.83 -29.53
C PRO A 60 -3.44 -6.09 -30.09
N ILE A 61 -3.79 -7.29 -29.62
CA ILE A 61 -3.21 -8.50 -30.21
C ILE A 61 -3.43 -8.56 -31.72
N GLY A 62 -4.61 -8.14 -32.20
CA GLY A 62 -4.88 -8.20 -33.64
C GLY A 62 -3.93 -7.36 -34.48
N MET A 63 -3.29 -6.36 -33.87
CA MET A 63 -2.26 -5.56 -34.58
C MET A 63 -1.02 -6.37 -34.96
N LEU A 64 -0.65 -7.35 -34.13
CA LEU A 64 0.54 -8.16 -34.39
C LEU A 64 0.32 -9.24 -35.44
N ILE A 65 -0.88 -9.80 -35.48
CA ILE A 65 -1.15 -10.89 -36.43
C ILE A 65 -1.88 -10.43 -37.68
N GLY A 66 -2.48 -9.24 -37.61
CA GLY A 66 -3.09 -8.69 -38.80
C GLY A 66 -4.50 -9.16 -39.10
N THR A 67 -5.32 -9.14 -38.07
CA THR A 67 -6.72 -9.47 -38.23
C THR A 67 -7.32 -8.33 -39.09
N PRO A 68 -8.27 -8.66 -40.00
CA PRO A 68 -8.88 -7.68 -40.93
C PRO A 68 -9.31 -6.39 -40.21
N ALA A 69 -9.87 -6.51 -39.01
CA ALA A 69 -10.27 -5.31 -38.25
C ALA A 69 -9.11 -4.38 -37.88
N CYS A 70 -7.88 -4.89 -37.92
CA CYS A 70 -6.73 -4.09 -37.56
C CYS A 70 -5.90 -3.60 -38.76
N ASP A 71 -6.47 -3.62 -39.96
CA ASP A 71 -5.73 -3.28 -41.17
C ASP A 71 -5.22 -1.83 -41.15
N LEU A 72 -5.95 -0.93 -40.47
CA LEU A 72 -5.52 0.46 -40.38
C LEU A 72 -4.52 0.67 -39.24
N HIS A 73 -4.19 -0.40 -38.50
CA HIS A 73 -3.38 -0.26 -37.30
C HIS A 73 -2.23 -1.27 -37.25
N LEU A 74 -1.66 -1.60 -38.41
CA LEU A 74 -0.60 -2.63 -38.47
C LEU A 74 0.75 -2.02 -38.12
N THR A 75 0.93 -0.74 -38.45
CA THR A 75 2.11 0.01 -38.02
C THR A 75 1.66 1.38 -37.58
N GLY A 76 2.47 2.02 -36.74
CA GLY A 76 2.23 3.40 -36.36
C GLY A 76 3.08 3.89 -35.22
N MET A 77 2.78 5.11 -34.74
CA MET A 77 3.47 5.74 -33.61
C MET A 77 2.45 6.47 -32.77
N TRP A 78 2.62 6.44 -31.45
CA TRP A 78 1.62 7.04 -30.56
C TRP A 78 2.22 7.21 -29.18
N ASP A 79 1.69 8.11 -28.37
CA ASP A 79 2.06 8.13 -26.97
C ASP A 79 0.88 7.71 -26.09
N THR A 80 -0.23 7.40 -26.73
CA THR A 80 -1.45 7.00 -26.02
C THR A 80 -2.21 6.06 -26.93
N LEU A 81 -2.53 4.88 -26.42
CA LEU A 81 -3.18 3.86 -27.22
C LEU A 81 -4.52 3.50 -26.58
N ILE A 82 -5.62 3.63 -27.34
CA ILE A 82 -6.98 3.44 -26.82
C ILE A 82 -7.63 2.14 -27.33
N GLU A 83 -7.97 1.27 -26.40
CA GLU A 83 -8.62 -0.03 -26.68
C GLU A 83 -10.10 0.12 -26.36
N ARG A 84 -10.95 -0.41 -27.23
CA ARG A 84 -12.41 -0.33 -27.03
C ARG A 84 -13.02 -1.67 -26.62
N GLU A 85 -14.19 -1.63 -26.00
CA GLU A 85 -14.93 -2.84 -25.67
C GLU A 85 -15.31 -3.73 -26.89
N ASN A 86 -15.25 -5.04 -26.71
CA ASN A 86 -15.46 -5.98 -27.83
C ASN A 86 -14.59 -5.67 -29.07
N ALA A 87 -13.37 -5.19 -28.84
CA ALA A 87 -12.38 -5.17 -29.91
C ALA A 87 -12.21 -6.61 -30.40
N ILE A 88 -11.88 -6.77 -31.68
CA ILE A 88 -11.66 -8.08 -32.28
C ILE A 88 -10.15 -8.41 -32.39
N ALA A 89 -9.73 -9.56 -31.87
CA ALA A 89 -8.35 -10.03 -32.03
C ALA A 89 -8.22 -11.12 -33.08
N TYR A 90 -9.20 -12.04 -33.12
CA TYR A 90 -9.12 -13.28 -33.91
C TYR A 90 -10.26 -13.37 -34.91
N CYS A 91 -9.95 -13.72 -36.14
CA CYS A 91 -11.02 -13.91 -37.12
C CYS A 91 -11.23 -15.41 -37.24
N TYR A 92 -10.16 -16.17 -37.39
CA TYR A 92 -10.20 -17.61 -37.22
C TYR A 92 -10.23 -17.95 -35.73
N PRO A 93 -11.13 -18.84 -35.30
CA PRO A 93 -11.15 -19.12 -33.85
C PRO A 93 -9.82 -19.66 -33.27
N GLY A 94 -9.52 -19.24 -32.04
CA GLY A 94 -8.29 -19.61 -31.36
C GLY A 94 -7.96 -18.70 -30.19
N ALA A 95 -6.78 -18.88 -29.64
CA ALA A 95 -6.36 -18.24 -28.41
C ALA A 95 -4.85 -18.05 -28.41
N THR A 96 -4.36 -17.18 -27.52
CA THR A 96 -2.93 -16.87 -27.47
C THR A 96 -2.41 -17.24 -26.09
N VAL A 97 -1.26 -17.93 -26.03
CA VAL A 97 -0.60 -18.19 -24.75
C VAL A 97 -0.07 -16.86 -24.16
N ASN A 98 -0.17 -16.72 -22.84
CA ASN A 98 0.23 -15.50 -22.10
C ASN A 98 -0.33 -14.21 -22.71
N VAL A 99 -1.63 -14.20 -22.96
CA VAL A 99 -2.21 -13.14 -23.76
C VAL A 99 -2.25 -11.80 -23.01
N GLU A 100 -2.40 -11.80 -21.69
CA GLU A 100 -2.55 -10.52 -20.99
C GLU A 100 -1.17 -9.85 -20.83
N ALA A 101 -0.12 -10.64 -20.68
CA ALA A 101 1.24 -10.10 -20.71
C ALA A 101 1.47 -9.42 -22.06
N LEU A 102 1.12 -10.11 -23.15
CA LEU A 102 1.31 -9.56 -24.50
C LEU A 102 0.45 -8.28 -24.70
N ARG A 103 -0.84 -8.35 -24.35
CA ARG A 103 -1.69 -7.17 -24.46
C ARG A 103 -1.06 -6.01 -23.67
N GLN A 104 -0.58 -6.26 -22.46
CA GLN A 104 0.02 -5.17 -21.66
C GLN A 104 1.31 -4.59 -22.28
N LYS A 105 2.11 -5.43 -22.93
CA LYS A 105 3.32 -4.95 -23.60
C LYS A 105 2.93 -3.98 -24.73
N ILE A 106 1.93 -4.36 -25.54
CA ILE A 106 1.49 -3.57 -26.67
C ILE A 106 0.95 -2.24 -26.13
N MET A 107 0.17 -2.31 -25.04
CA MET A 107 -0.50 -1.13 -24.46
C MET A 107 0.42 -0.19 -23.66
N GLU A 108 1.67 -0.57 -23.41
CA GLU A 108 2.60 0.40 -22.86
C GLU A 108 3.55 0.87 -23.95
N SER A 109 3.32 0.43 -25.19
CA SER A 109 4.29 0.77 -26.24
C SER A 109 3.98 2.14 -26.81
N GLY A 110 4.94 2.68 -27.58
CA GLY A 110 4.74 3.94 -28.28
C GLY A 110 4.70 3.75 -29.79
N GLY A 111 4.38 2.54 -30.23
CA GLY A 111 4.29 2.29 -31.65
C GLY A 111 4.76 0.92 -32.03
N ILE A 112 4.51 0.56 -33.28
CA ILE A 112 4.89 -0.74 -33.80
C ILE A 112 5.46 -0.56 -35.20
N ASN A 113 6.55 -1.25 -35.49
CA ASN A 113 7.04 -1.35 -36.86
C ASN A 113 6.94 -2.82 -37.27
N LYS A 114 6.80 -3.10 -38.55
CA LYS A 114 6.74 -4.47 -39.05
C LYS A 114 7.93 -4.76 -39.97
N ILE A 115 8.52 -5.93 -39.79
CA ILE A 115 9.68 -6.35 -40.56
C ILE A 115 9.43 -7.71 -41.19
N SER A 116 9.71 -7.83 -42.48
CA SER A 116 9.51 -9.09 -43.19
C SER A 116 10.38 -10.18 -42.61
N THR A 117 9.88 -11.40 -42.50
CA THR A 117 10.71 -12.52 -42.10
C THR A 117 11.51 -13.02 -43.29
N GLY A 118 11.04 -12.71 -44.49
CA GLY A 118 11.68 -13.20 -45.70
C GLY A 118 11.48 -14.70 -45.96
N PHE A 119 10.54 -15.34 -45.26
CA PHE A 119 10.33 -16.78 -45.44
C PHE A 119 9.80 -17.12 -46.81
N THR A 120 10.43 -18.09 -47.45
CA THR A 120 9.96 -18.60 -48.72
C THR A 120 9.79 -20.10 -48.59
N TYR A 121 8.90 -20.63 -49.39
CA TYR A 121 8.55 -22.02 -49.31
C TYR A 121 8.66 -22.57 -50.73
N GLY A 122 9.00 -23.85 -50.86
CA GLY A 122 9.21 -24.46 -52.16
C GLY A 122 7.88 -24.76 -52.78
N SER A 123 7.92 -25.45 -53.93
CA SER A 123 6.73 -25.73 -54.74
C SER A 123 5.76 -26.73 -54.13
N SER A 124 6.19 -27.48 -53.13
CA SER A 124 5.29 -28.44 -52.49
C SER A 124 4.36 -27.79 -51.47
N ILE A 125 4.59 -26.52 -51.16
CA ILE A 125 3.76 -25.83 -50.17
C ILE A 125 2.86 -24.77 -50.79
N ASN A 126 1.59 -24.82 -50.45
CA ASN A 126 0.70 -23.68 -50.73
C ASN A 126 0.64 -22.79 -49.49
N SER A 127 1.26 -21.62 -49.59
CA SER A 127 1.28 -20.69 -48.47
C SER A 127 0.13 -19.67 -48.51
N ALA A 128 -0.85 -19.88 -49.37
CA ALA A 128 -1.91 -18.87 -49.50
C ALA A 128 -3.25 -19.40 -49.02
N GLY A 129 -3.22 -20.20 -47.96
CA GLY A 129 -4.46 -20.62 -47.36
C GLY A 129 -5.25 -19.42 -46.87
N THR A 130 -6.56 -19.45 -47.12
CA THR A 130 -7.51 -18.42 -46.74
C THR A 130 -8.77 -19.05 -46.18
N THR A 131 -9.64 -18.22 -45.63
CA THR A 131 -10.84 -18.72 -45.00
C THR A 131 -11.98 -17.70 -45.05
N ARG A 132 -13.20 -18.21 -45.17
CA ARG A 132 -14.39 -17.41 -45.02
C ARG A 132 -14.47 -16.64 -43.67
N ALA A 133 -13.79 -17.14 -42.64
CA ALA A 133 -13.85 -16.50 -41.33
C ALA A 133 -13.03 -15.20 -41.26
N CYS A 134 -12.18 -14.97 -42.24
CA CYS A 134 -11.38 -13.75 -42.31
C CYS A 134 -11.58 -13.01 -43.65
N MET A 135 -12.70 -12.30 -43.81
CA MET A 135 -12.96 -11.55 -45.03
C MET A 135 -12.16 -10.27 -45.09
N ARG A 136 -11.58 -9.94 -46.24
CA ARG A 136 -10.80 -8.70 -46.27
C ARG A 136 -11.29 -7.65 -47.28
N ASN A 137 -11.26 -7.98 -48.57
CA ASN A 137 -11.88 -7.09 -49.57
C ASN A 137 -12.99 -7.82 -50.32
N GLY A 138 -14.04 -8.19 -49.61
CA GLY A 138 -15.09 -9.04 -50.16
C GLY A 138 -14.63 -10.47 -50.46
N GLY A 139 -13.33 -10.74 -50.30
CA GLY A 139 -12.76 -12.07 -50.50
C GLY A 139 -12.27 -12.79 -49.26
N ASN A 140 -12.33 -14.12 -49.30
CA ASN A 140 -11.75 -14.95 -48.27
C ASN A 140 -10.30 -14.56 -48.10
N SER A 141 -9.83 -14.43 -46.86
CA SER A 141 -8.46 -13.97 -46.64
C SER A 141 -7.83 -14.68 -45.40
N PHE A 142 -6.87 -14.03 -44.76
CA PHE A 142 -6.22 -14.61 -43.61
C PHE A 142 -5.46 -13.52 -42.90
N TYR A 143 -5.05 -13.78 -41.67
CA TYR A 143 -4.24 -12.83 -40.92
C TYR A 143 -3.13 -12.26 -41.82
N ALA A 144 -2.98 -10.95 -41.86
CA ALA A 144 -2.06 -10.30 -42.81
C ALA A 144 -0.58 -10.57 -42.49
N GLU A 145 -0.23 -10.77 -41.22
CA GLU A 145 1.18 -10.97 -40.89
C GLU A 145 1.57 -12.44 -40.77
N LEU A 146 0.65 -13.33 -41.18
CA LEU A 146 0.86 -14.78 -41.06
C LEU A 146 0.51 -15.47 -42.34
N LYS A 147 0.98 -16.71 -42.47
CA LYS A 147 0.67 -17.48 -43.65
C LYS A 147 0.25 -18.90 -43.28
N TRP A 148 -0.91 -19.30 -43.78
CA TRP A 148 -1.38 -20.66 -43.60
C TRP A 148 -0.79 -21.64 -44.61
N LEU A 149 0.18 -22.42 -44.17
CA LEU A 149 0.88 -23.34 -45.04
C LEU A 149 0.12 -24.65 -45.08
N VAL A 150 -0.17 -25.15 -46.28
CA VAL A 150 -0.74 -26.48 -46.45
C VAL A 150 -0.04 -27.17 -47.62
N SER A 151 -0.21 -28.47 -47.77
CA SER A 151 0.38 -29.17 -48.91
C SER A 151 -0.21 -28.66 -50.23
N LYS A 152 0.64 -28.36 -51.21
CA LYS A 152 0.12 -27.92 -52.49
C LYS A 152 -0.72 -29.01 -53.17
N SER A 153 -0.26 -30.27 -53.11
CA SER A 153 -1.07 -31.41 -53.58
C SER A 153 -1.84 -32.02 -52.40
N ALA A 154 -3.17 -31.89 -52.43
CA ALA A 154 -4.00 -32.25 -51.30
C ALA A 154 -3.83 -33.71 -50.91
N GLY A 155 -3.72 -33.97 -49.60
CA GLY A 155 -3.58 -35.32 -49.11
C GLY A 155 -2.15 -35.81 -49.04
N GLN A 156 -1.25 -35.12 -49.72
CA GLN A 156 0.17 -35.47 -49.68
C GLN A 156 0.86 -34.95 -48.42
N ASN A 157 1.86 -35.68 -47.93
CA ASN A 157 2.62 -35.24 -46.78
C ASN A 157 3.28 -33.90 -47.02
N PHE A 158 2.97 -32.94 -46.15
CA PHE A 158 3.63 -31.66 -46.13
C PHE A 158 5.13 -31.92 -45.91
N PRO A 159 6.01 -31.25 -46.67
CA PRO A 159 7.43 -31.61 -46.53
C PRO A 159 8.08 -31.07 -45.26
N GLN A 160 9.11 -31.78 -44.80
CA GLN A 160 9.95 -31.30 -43.73
C GLN A 160 10.59 -29.99 -44.19
N THR A 161 10.46 -28.93 -43.39
CA THR A 161 10.76 -27.56 -43.80
C THR A 161 11.42 -26.82 -42.67
N THR A 162 12.37 -25.95 -42.99
CA THR A 162 13.11 -25.23 -41.98
C THR A 162 13.15 -23.80 -42.43
N ASN A 163 12.77 -22.88 -41.54
CA ASN A 163 12.75 -21.45 -41.82
C ASN A 163 13.41 -20.71 -40.68
N THR A 164 14.30 -19.79 -41.01
CA THR A 164 15.02 -19.08 -39.97
C THR A 164 14.87 -17.59 -40.18
N TYR A 165 14.52 -16.86 -39.12
CA TYR A 165 14.50 -15.42 -39.12
C TYR A 165 15.65 -14.89 -38.29
N ARG A 166 16.39 -13.95 -38.85
CA ARG A 166 17.53 -13.36 -38.13
C ARG A 166 17.24 -11.90 -37.79
N ASN A 167 17.29 -11.57 -36.50
CA ASN A 167 17.13 -10.18 -36.10
C ASN A 167 18.46 -9.43 -36.30
N THR A 168 18.54 -8.66 -37.38
CA THR A 168 19.78 -7.91 -37.71
C THR A 168 19.65 -6.45 -37.28
N ASP A 169 18.75 -6.20 -36.34
CA ASP A 169 18.42 -4.86 -35.85
C ASP A 169 19.17 -4.64 -34.54
N THR A 170 18.99 -3.49 -33.88
CA THR A 170 19.61 -3.25 -32.56
C THR A 170 18.62 -3.28 -31.41
N ALA A 171 17.37 -3.64 -31.71
CA ALA A 171 16.35 -3.76 -30.67
C ALA A 171 15.66 -5.12 -30.81
N GLU A 172 15.05 -5.60 -29.74
CA GLU A 172 14.36 -6.89 -29.81
C GLU A 172 13.14 -6.82 -30.74
N HIS A 173 12.85 -7.94 -31.40
CA HIS A 173 11.63 -8.06 -32.19
C HIS A 173 10.70 -9.09 -31.58
N LEU A 174 9.40 -8.85 -31.71
CA LEU A 174 8.43 -9.78 -31.19
C LEU A 174 7.91 -10.63 -32.35
N ILE A 175 7.99 -11.94 -32.24
CA ILE A 175 7.56 -12.78 -33.34
C ILE A 175 6.41 -13.66 -32.85
N MET A 176 5.39 -13.79 -33.71
CA MET A 176 4.20 -14.58 -33.39
C MET A 176 3.99 -15.69 -34.39
N TRP A 177 3.50 -16.84 -33.94
CA TRP A 177 3.19 -17.87 -34.89
C TRP A 177 1.96 -18.59 -34.38
N GLY A 178 1.35 -19.43 -35.20
CA GLY A 178 0.18 -20.17 -34.78
C GLY A 178 0.39 -21.64 -35.06
N ILE A 179 -0.36 -22.47 -34.35
CA ILE A 179 -0.37 -23.91 -34.50
C ILE A 179 -1.78 -24.33 -34.88
N HIS A 180 -1.98 -24.95 -36.04
CA HIS A 180 -3.33 -25.29 -36.44
C HIS A 180 -3.75 -26.62 -35.77
N HIS A 181 -4.92 -26.63 -35.12
CA HIS A 181 -5.48 -27.84 -34.52
C HIS A 181 -6.78 -28.19 -35.25
N PRO A 182 -6.69 -29.10 -36.23
CA PRO A 182 -7.82 -29.43 -37.08
C PRO A 182 -8.99 -30.05 -36.32
N SER A 183 -10.16 -30.07 -36.94
CA SER A 183 -11.32 -30.60 -36.23
C SER A 183 -11.67 -32.05 -36.62
N SER A 184 -11.00 -32.61 -37.62
CA SER A 184 -11.18 -34.01 -38.00
C SER A 184 -9.92 -34.58 -38.66
N THR A 185 -9.81 -35.91 -38.63
CA THR A 185 -8.72 -36.64 -39.29
C THR A 185 -8.68 -36.39 -40.80
N GLN A 186 -9.85 -36.43 -41.43
CA GLN A 186 -9.96 -36.17 -42.85
C GLN A 186 -9.40 -34.80 -43.21
N GLU A 187 -9.68 -33.81 -42.38
CA GLU A 187 -9.20 -32.46 -42.60
C GLU A 187 -7.68 -32.37 -42.42
N LYS A 188 -7.20 -32.94 -41.33
CA LYS A 188 -5.77 -33.00 -41.07
C LYS A 188 -5.03 -33.73 -42.22
N ASN A 189 -5.56 -34.85 -42.71
CA ASN A 189 -4.90 -35.60 -43.81
C ASN A 189 -4.87 -34.81 -45.11
N ASP A 190 -5.97 -34.14 -45.43
CA ASP A 190 -6.06 -33.36 -46.65
C ASP A 190 -5.06 -32.19 -46.67
N LEU A 191 -4.96 -31.47 -45.56
CA LEU A 191 -4.06 -30.33 -45.42
C LEU A 191 -2.56 -30.69 -45.33
N TYR A 192 -2.25 -31.74 -44.57
CA TYR A 192 -0.87 -31.96 -44.14
C TYR A 192 -0.38 -33.37 -44.41
N GLY A 193 -1.29 -34.26 -44.81
CA GLY A 193 -0.92 -35.65 -45.07
C GLY A 193 -1.11 -36.50 -43.82
N THR A 194 -0.90 -37.80 -43.98
CA THR A 194 -1.18 -38.79 -42.95
C THR A 194 -0.06 -38.91 -41.91
N GLN A 195 1.13 -38.38 -42.22
CA GLN A 195 2.27 -38.47 -41.30
C GLN A 195 2.01 -37.85 -39.91
N SER A 196 2.88 -38.19 -38.98
CA SER A 196 2.94 -37.54 -37.68
C SER A 196 3.43 -36.11 -37.80
N LEU A 197 2.72 -35.17 -37.18
CA LEU A 197 3.04 -33.74 -37.31
C LEU A 197 3.81 -33.24 -36.10
N SER A 198 4.76 -32.35 -36.34
CA SER A 198 5.65 -31.86 -35.30
C SER A 198 6.20 -30.54 -35.73
N ILE A 199 6.14 -29.55 -34.85
CA ILE A 199 6.65 -28.22 -35.13
C ILE A 199 7.60 -27.82 -34.01
N SER A 200 8.84 -27.54 -34.32
CA SER A 200 9.73 -27.09 -33.26
C SER A 200 10.24 -25.70 -33.53
N VAL A 201 10.35 -24.94 -32.46
CA VAL A 201 10.69 -23.56 -32.59
C VAL A 201 11.84 -23.32 -31.65
N GLY A 202 12.88 -22.65 -32.10
CA GLY A 202 13.99 -22.43 -31.21
C GLY A 202 14.77 -21.19 -31.51
N SER A 203 15.17 -20.50 -30.45
CA SER A 203 16.13 -19.40 -30.57
C SER A 203 17.17 -19.52 -29.43
N SER A 204 18.08 -18.56 -29.31
CA SER A 204 19.02 -18.54 -28.16
C SER A 204 18.30 -18.56 -26.82
N THR A 205 17.06 -18.06 -26.79
CA THR A 205 16.29 -17.91 -25.54
C THR A 205 14.91 -18.57 -25.53
N TYR A 206 14.67 -19.51 -26.43
CA TYR A 206 13.38 -20.16 -26.50
C TYR A 206 13.50 -21.54 -27.19
N ARG A 207 12.87 -22.57 -26.61
CA ARG A 207 12.79 -23.84 -27.32
C ARG A 207 11.52 -24.56 -26.94
N ASN A 208 10.79 -25.03 -27.94
CA ASN A 208 9.49 -25.63 -27.70
C ASN A 208 9.11 -26.51 -28.84
N ASN A 209 8.29 -27.52 -28.54
CA ASN A 209 7.72 -28.36 -29.56
C ASN A 209 6.19 -28.36 -29.47
N PHE A 210 5.53 -28.31 -30.63
CA PHE A 210 4.07 -28.34 -30.70
C PHE A 210 3.63 -29.45 -31.63
N VAL A 211 2.51 -30.07 -31.27
CA VAL A 211 1.88 -31.07 -32.12
C VAL A 211 0.44 -30.67 -32.36
N PRO A 212 0.05 -30.52 -33.64
CA PRO A 212 -1.37 -30.28 -33.93
C PRO A 212 -2.23 -31.43 -33.39
N VAL A 213 -3.31 -31.11 -32.70
CA VAL A 213 -4.21 -32.14 -32.19
C VAL A 213 -5.59 -32.10 -32.85
N VAL A 214 -5.99 -33.23 -33.41
CA VAL A 214 -7.33 -33.34 -33.96
C VAL A 214 -8.33 -33.56 -32.84
N GLY A 215 -9.41 -32.79 -32.84
CA GLY A 215 -10.40 -32.96 -31.80
C GLY A 215 -11.71 -32.31 -32.17
N ALA A 216 -12.79 -33.03 -31.91
CA ALA A 216 -14.13 -32.50 -32.09
C ALA A 216 -14.40 -31.44 -31.04
N ARG A 217 -15.10 -30.38 -31.41
CA ARG A 217 -15.35 -29.26 -30.50
C ARG A 217 -16.35 -28.33 -31.19
N PRO A 218 -16.94 -27.37 -30.46
CA PRO A 218 -18.00 -26.62 -31.13
C PRO A 218 -17.55 -25.68 -32.23
N GLN A 219 -18.49 -25.29 -33.07
CA GLN A 219 -18.24 -24.30 -34.11
C GLN A 219 -18.21 -22.89 -33.56
N VAL A 220 -17.22 -22.13 -34.03
CA VAL A 220 -17.08 -20.73 -33.68
C VAL A 220 -16.85 -20.00 -34.99
N ASN A 221 -17.71 -19.03 -35.32
CA ASN A 221 -17.73 -18.42 -36.66
C ASN A 221 -17.89 -19.49 -37.74
N GLY A 222 -18.64 -20.54 -37.43
CA GLY A 222 -18.82 -21.63 -38.37
C GLY A 222 -17.76 -22.70 -38.37
N LEU A 223 -16.69 -22.53 -37.58
CA LEU A 223 -15.51 -23.41 -37.66
C LEU A 223 -15.18 -24.17 -36.36
N SER A 224 -14.83 -25.45 -36.50
CA SER A 224 -14.56 -26.27 -35.33
C SER A 224 -13.07 -26.40 -35.07
N SER A 225 -12.26 -26.10 -36.07
CA SER A 225 -10.83 -26.16 -35.82
C SER A 225 -10.42 -24.85 -35.13
N ARG A 226 -9.17 -24.81 -34.68
CA ARG A 226 -8.63 -23.69 -33.90
C ARG A 226 -7.22 -23.39 -34.39
N ILE A 227 -6.84 -22.14 -34.22
CA ILE A 227 -5.45 -21.74 -34.32
C ILE A 227 -5.05 -21.13 -32.99
N ASP A 228 -4.13 -21.80 -32.30
CA ASP A 228 -3.50 -21.28 -31.08
C ASP A 228 -2.20 -20.46 -31.39
N PHE A 229 -2.08 -19.28 -30.80
CA PHE A 229 -0.94 -18.42 -31.09
C PHE A 229 0.11 -18.43 -29.99
N HIS A 230 1.36 -18.30 -30.42
CA HIS A 230 2.48 -18.25 -29.48
C HIS A 230 3.36 -17.07 -29.84
N TRP A 231 4.16 -16.60 -28.90
CA TRP A 231 5.03 -15.49 -29.21
C TRP A 231 6.27 -15.54 -28.36
N THR A 232 7.35 -14.96 -28.85
CA THR A 232 8.53 -14.79 -28.03
C THR A 232 9.27 -13.54 -28.50
N LEU A 233 10.24 -13.09 -27.72
CA LEU A 233 11.09 -11.96 -28.08
C LEU A 233 12.39 -12.47 -28.67
N VAL A 234 12.77 -11.97 -29.86
CA VAL A 234 14.05 -12.32 -30.46
C VAL A 234 15.05 -11.18 -30.28
N GLN A 235 16.09 -11.40 -29.48
CA GLN A 235 17.05 -10.33 -29.17
C GLN A 235 17.91 -9.94 -30.39
N PRO A 236 18.50 -8.72 -30.37
CA PRO A 236 19.34 -8.30 -31.51
C PRO A 236 20.45 -9.29 -31.80
N GLY A 237 20.67 -9.63 -33.06
CA GLY A 237 21.71 -10.56 -33.44
C GLY A 237 21.27 -12.02 -33.37
N ASP A 238 20.19 -12.32 -32.65
CA ASP A 238 19.83 -13.70 -32.49
C ASP A 238 18.92 -14.17 -33.66
N ASN A 239 18.73 -15.49 -33.74
CA ASN A 239 18.00 -16.14 -34.81
C ASN A 239 16.97 -17.06 -34.24
N ILE A 240 15.84 -17.17 -34.94
CA ILE A 240 14.81 -18.09 -34.51
C ILE A 240 14.47 -18.97 -35.70
N THR A 241 14.46 -20.27 -35.47
CA THR A 241 14.23 -21.26 -36.51
C THR A 241 12.96 -22.04 -36.22
N PHE A 242 12.15 -22.23 -37.26
CA PHE A 242 11.00 -23.12 -37.28
C PHE A 242 11.31 -24.39 -38.07
N SER A 243 11.18 -25.59 -37.47
CA SER A 243 11.21 -26.89 -38.17
C SER A 243 9.86 -27.48 -38.13
N HIS A 244 9.26 -27.71 -39.27
CA HIS A 244 7.89 -28.11 -39.26
C HIS A 244 7.57 -28.99 -40.42
N ASN A 245 6.52 -29.77 -40.19
CA ASN A 245 6.16 -30.95 -40.93
C ASN A 245 4.69 -30.72 -41.42
N GLY A 246 4.13 -29.57 -41.04
CA GLY A 246 2.72 -29.28 -41.30
C GLY A 246 1.97 -28.85 -40.03
N GLY A 247 1.10 -27.85 -40.15
CA GLY A 247 0.36 -27.37 -38.99
C GLY A 247 0.88 -26.03 -38.48
N LEU A 248 2.03 -25.59 -38.99
CA LEU A 248 2.53 -24.28 -38.60
C LEU A 248 1.80 -23.15 -39.33
N ILE A 249 1.44 -22.12 -38.59
CA ILE A 249 0.94 -20.88 -39.16
C ILE A 249 2.08 -19.89 -38.98
N ALA A 250 2.80 -19.63 -40.08
CA ALA A 250 4.13 -19.03 -40.06
C ALA A 250 4.10 -17.51 -40.20
N PRO A 251 4.97 -16.81 -39.46
CA PRO A 251 5.02 -15.34 -39.53
C PRO A 251 5.59 -14.87 -40.87
N SER A 252 4.92 -13.91 -41.53
CA SER A 252 5.53 -13.32 -42.72
C SER A 252 6.09 -11.97 -42.37
N ARG A 253 5.65 -11.43 -41.23
CA ARG A 253 6.27 -10.23 -40.70
C ARG A 253 6.37 -10.41 -39.20
N VAL A 254 7.38 -9.82 -38.60
CA VAL A 254 7.50 -9.75 -37.15
C VAL A 254 7.31 -8.31 -36.70
N SER A 255 7.04 -8.10 -35.42
CA SER A 255 6.81 -6.75 -34.93
C SER A 255 8.00 -6.22 -34.18
N LYS A 256 8.08 -4.90 -34.08
CA LYS A 256 8.99 -4.25 -33.17
C LYS A 256 8.18 -3.20 -32.40
N LEU A 257 8.07 -3.36 -31.09
CA LEU A 257 7.44 -2.35 -30.27
C LEU A 257 8.43 -1.20 -30.06
N ILE A 258 7.98 0.01 -30.29
CA ILE A 258 8.84 1.17 -30.17
C ILE A 258 8.44 2.07 -29.04
N GLY A 259 9.40 2.37 -28.18
CA GLY A 259 9.24 3.39 -27.16
C GLY A 259 8.19 3.07 -26.11
N ARG A 260 7.53 4.12 -25.61
CA ARG A 260 6.61 3.99 -24.49
C ARG A 260 5.40 4.87 -24.72
N GLY A 261 4.27 4.48 -24.15
CA GLY A 261 3.02 5.18 -24.34
C GLY A 261 2.11 4.74 -23.22
N LEU A 262 1.01 5.46 -23.03
CA LEU A 262 0.04 5.15 -22.00
C LEU A 262 -1.15 4.40 -22.59
N GLY A 263 -1.44 3.19 -22.10
CA GLY A 263 -2.55 2.39 -22.59
C GLY A 263 -3.86 2.74 -21.87
N ILE A 264 -4.93 2.98 -22.62
CA ILE A 264 -6.23 3.34 -22.00
C ILE A 264 -7.31 2.38 -22.50
N GLN A 265 -8.07 1.77 -21.60
CA GLN A 265 -9.29 1.08 -22.00
C GLN A 265 -10.47 1.97 -21.66
N SER A 266 -11.26 2.35 -22.65
CA SER A 266 -12.31 3.30 -22.37
C SER A 266 -13.49 3.20 -23.32
N ASP A 267 -14.65 3.60 -22.84
CA ASP A 267 -15.92 3.75 -23.59
C ASP A 267 -16.13 5.13 -24.23
N ALA A 268 -15.35 6.13 -23.83
CA ALA A 268 -15.68 7.50 -24.16
C ALA A 268 -15.12 7.94 -25.50
N PRO A 269 -15.87 8.77 -26.23
CA PRO A 269 -15.35 9.34 -27.48
C PRO A 269 -14.16 10.28 -27.24
N ILE A 270 -13.40 10.46 -28.31
CA ILE A 270 -12.23 11.30 -28.26
C ILE A 270 -12.60 12.75 -28.44
N ASP A 271 -11.99 13.61 -27.64
CA ASP A 271 -12.04 15.06 -27.84
C ASP A 271 -10.62 15.60 -28.00
N ASN A 272 -10.25 15.89 -29.25
CA ASN A 272 -8.89 16.32 -29.55
C ASN A 272 -8.65 17.82 -29.31
N ASN A 273 -9.63 18.49 -28.71
CA ASN A 273 -9.54 19.90 -28.35
C ASN A 273 -9.48 20.11 -26.84
N CYS A 274 -9.46 19.01 -26.09
CA CYS A 274 -9.39 19.05 -24.62
C CYS A 274 -8.10 18.33 -24.12
N GLU A 275 -7.52 18.85 -23.06
CA GLU A 275 -6.29 18.32 -22.50
C GLU A 275 -6.55 17.60 -21.16
N SER A 276 -5.82 16.52 -20.89
CA SER A 276 -5.96 15.82 -19.61
C SER A 276 -4.77 14.88 -19.30
N LYS A 277 -4.63 14.49 -18.04
CA LYS A 277 -3.53 13.64 -17.63
C LYS A 277 -4.07 12.40 -16.95
N CYS A 278 -5.39 12.38 -16.72
CA CYS A 278 -6.00 11.31 -15.96
C CYS A 278 -7.23 10.72 -16.68
N PHE A 279 -7.26 9.40 -16.82
CA PHE A 279 -8.30 8.72 -17.60
C PHE A 279 -8.86 7.53 -16.88
N TRP A 280 -10.09 7.20 -17.23
CA TRP A 280 -10.75 6.02 -16.70
C TRP A 280 -11.73 5.53 -17.76
N ARG A 281 -12.44 4.46 -17.46
CA ARG A 281 -13.29 3.82 -18.46
C ARG A 281 -14.35 4.80 -19.03
N GLY A 282 -14.89 5.66 -18.17
CA GLY A 282 -15.81 6.76 -18.48
C GLY A 282 -15.30 7.98 -19.25
N GLY A 283 -13.98 8.18 -19.26
CA GLY A 283 -13.43 9.41 -19.82
C GLY A 283 -12.19 9.95 -19.11
N SER A 284 -12.20 11.25 -18.84
CA SER A 284 -11.05 11.95 -18.26
C SER A 284 -11.44 12.64 -16.96
N ILE A 285 -10.46 12.84 -16.10
CA ILE A 285 -10.64 13.61 -14.89
C ILE A 285 -9.66 14.79 -14.87
N ASN A 286 -10.22 16.00 -14.90
CA ASN A 286 -9.44 17.25 -14.86
C ASN A 286 -9.77 18.06 -13.62
N THR A 287 -8.94 17.96 -12.59
CA THR A 287 -9.26 18.63 -11.32
C THR A 287 -8.00 19.04 -10.55
N ARG A 288 -8.12 20.06 -9.70
CA ARG A 288 -7.04 20.42 -8.81
C ARG A 288 -7.20 19.72 -7.45
N LEU A 289 -8.34 19.07 -7.23
CA LEU A 289 -8.58 18.41 -5.95
C LEU A 289 -7.71 17.15 -5.82
N PRO A 290 -7.24 16.85 -4.59
CA PRO A 290 -6.34 15.69 -4.41
C PRO A 290 -7.06 14.33 -4.41
N PHE A 291 -8.37 14.33 -4.21
CA PHE A 291 -9.09 13.06 -4.10
C PHE A 291 -10.23 13.03 -5.11
N GLN A 292 -10.70 11.83 -5.41
CA GLN A 292 -11.84 11.66 -6.32
C GLN A 292 -12.57 10.40 -5.94
N ASN A 293 -13.85 10.37 -6.26
CA ASN A 293 -14.69 9.22 -5.95
C ASN A 293 -15.43 8.74 -7.19
N LEU A 294 -14.91 9.15 -8.35
CA LEU A 294 -15.41 8.70 -9.67
C LEU A 294 -15.17 7.22 -9.90
N SER A 295 -13.96 6.78 -9.62
CA SER A 295 -13.55 5.44 -10.00
C SER A 295 -12.24 5.03 -9.39
N PRO A 296 -12.20 3.82 -8.82
CA PRO A 296 -10.95 3.29 -8.29
C PRO A 296 -10.01 2.74 -9.39
N ARG A 297 -10.41 2.80 -10.64
CA ARG A 297 -9.55 2.31 -11.72
C ARG A 297 -9.25 3.45 -12.67
N THR A 298 -8.08 4.04 -12.52
CA THR A 298 -7.68 5.15 -13.37
C THR A 298 -6.26 4.93 -13.84
N VAL A 299 -5.88 5.62 -14.90
CA VAL A 299 -4.53 5.63 -15.37
C VAL A 299 -4.08 7.04 -15.61
N GLY A 300 -2.77 7.24 -15.59
CA GLY A 300 -2.15 8.53 -15.80
C GLY A 300 -1.85 9.17 -14.45
N GLN A 301 -1.95 10.49 -14.38
CA GLN A 301 -1.62 11.23 -13.16
C GLN A 301 -2.90 11.68 -12.51
N CYS A 302 -3.33 10.99 -11.48
CA CYS A 302 -4.70 11.16 -11.04
C CYS A 302 -4.75 11.53 -9.58
N PRO A 303 -5.87 12.14 -9.17
CA PRO A 303 -6.17 12.25 -7.74
C PRO A 303 -6.42 10.85 -7.19
N LYS A 304 -6.19 10.66 -5.90
CA LYS A 304 -6.38 9.34 -5.32
C LYS A 304 -7.87 9.02 -5.09
N TYR A 305 -8.26 7.79 -5.39
CA TYR A 305 -9.61 7.31 -5.11
C TYR A 305 -9.88 7.13 -3.62
N VAL A 306 -11.02 7.62 -3.14
CA VAL A 306 -11.42 7.51 -1.73
C VAL A 306 -12.88 7.06 -1.61
N ASN A 307 -13.20 6.27 -0.59
CA ASN A 307 -14.56 5.78 -0.39
C ASN A 307 -15.54 6.76 0.28
N ARG A 308 -15.61 8.00 -0.22
CA ARG A 308 -16.46 9.05 0.37
C ARG A 308 -17.09 9.94 -0.68
N ARG A 309 -18.36 10.27 -0.50
CA ARG A 309 -19.08 11.17 -1.41
C ARG A 309 -18.55 12.60 -1.29
N SER A 310 -18.24 13.02 -0.05
CA SER A 310 -17.91 14.42 0.22
C SER A 310 -16.95 14.57 1.42
N LEU A 311 -16.02 15.51 1.32
CA LEU A 311 -15.15 15.87 2.45
C LEU A 311 -14.94 17.38 2.46
N MET A 312 -15.66 18.10 3.32
CA MET A 312 -15.62 19.55 3.25
C MET A 312 -14.47 20.12 4.08
N LEU A 313 -13.65 20.94 3.43
CA LEU A 313 -12.59 21.68 4.08
C LEU A 313 -13.11 23.09 4.43
N ALA A 314 -13.10 23.44 5.73
CA ALA A 314 -13.50 24.78 6.16
C ALA A 314 -12.58 25.84 5.57
N THR A 315 -13.19 26.93 5.11
CA THR A 315 -12.41 28.08 4.64
C THR A 315 -12.90 29.32 5.34
N GLY A 316 -13.41 29.15 6.57
CA GLY A 316 -13.89 30.27 7.36
C GLY A 316 -14.05 29.91 8.82
N MET A 317 -14.31 30.89 9.66
CA MET A 317 -14.39 30.66 11.10
C MET A 317 -15.66 29.94 11.48
N ARG A 318 -15.78 29.56 12.75
CA ARG A 318 -17.05 29.10 13.29
C ARG A 318 -18.13 30.14 12.97
N ASN A 319 -19.29 29.65 12.52
CA ASN A 319 -20.45 30.52 12.25
C ASN A 319 -21.32 30.56 13.51
N VAL A 320 -21.52 31.76 14.04
CA VAL A 320 -22.32 31.96 15.23
C VAL A 320 -23.42 32.99 14.97
N PRO A 321 -24.62 32.51 14.59
CA PRO A 321 -25.67 33.43 14.14
C PRO A 321 -26.23 34.21 15.32
N GLU A 322 -26.86 35.35 15.05
CA GLU A 322 -27.39 36.22 16.11
C GLU A 322 -28.53 35.62 16.93
N LEU B 1 -8.21 26.31 21.63
CA LEU B 1 -9.25 27.35 21.63
C LEU B 1 -8.83 28.62 22.38
N PHE B 2 -9.19 29.77 21.83
CA PHE B 2 -8.71 31.04 22.35
C PHE B 2 -9.78 31.90 23.04
N GLY B 3 -10.99 31.36 23.21
CA GLY B 3 -11.98 31.99 24.07
C GLY B 3 -12.84 33.09 23.51
N ALA B 4 -12.51 33.58 22.32
CA ALA B 4 -13.29 34.66 21.70
C ALA B 4 -14.51 34.21 20.87
N ILE B 5 -14.28 33.63 19.69
CA ILE B 5 -15.35 33.57 18.67
C ILE B 5 -16.61 32.81 19.09
N ALA B 6 -16.49 31.64 19.71
CA ALA B 6 -17.74 31.09 20.25
C ALA B 6 -17.65 31.08 21.76
N GLY B 7 -16.98 32.10 22.30
CA GLY B 7 -16.70 32.18 23.72
C GLY B 7 -17.29 33.43 24.35
N PHE B 8 -16.44 34.38 24.75
CA PHE B 8 -16.95 35.57 25.41
C PHE B 8 -17.60 36.55 24.43
N LEU B 9 -17.35 36.39 23.14
CA LEU B 9 -18.13 37.16 22.17
C LEU B 9 -19.39 36.36 21.87
N GLU B 10 -20.55 36.91 22.24
CA GLU B 10 -21.82 36.18 22.22
C GLU B 10 -22.17 35.61 20.83
N ASN B 11 -21.95 36.41 19.80
CA ASN B 11 -22.26 35.96 18.45
C ASN B 11 -21.58 36.80 17.40
N GLY B 12 -21.64 36.34 16.16
CA GLY B 12 -21.09 37.09 15.04
C GLY B 12 -22.04 38.18 14.61
N TRP B 13 -21.56 39.05 13.74
CA TRP B 13 -22.38 40.10 13.16
C TRP B 13 -22.63 39.83 11.68
N GLU B 14 -23.84 39.40 11.33
CA GLU B 14 -24.19 39.13 9.93
C GLU B 14 -24.13 40.41 9.10
N GLY B 15 -24.31 41.55 9.77
CA GLY B 15 -24.24 42.83 9.12
C GLY B 15 -22.85 43.32 8.73
N MET B 16 -21.83 42.55 9.09
CA MET B 16 -20.48 42.94 8.71
C MET B 16 -20.02 42.14 7.50
N VAL B 17 -20.32 42.68 6.33
CA VAL B 17 -19.98 42.07 5.05
C VAL B 17 -18.69 42.68 4.54
N ASP B 18 -18.18 43.60 5.33
CA ASP B 18 -17.01 44.40 4.99
C ASP B 18 -15.68 43.62 5.22
N GLY B 19 -15.73 42.59 6.05
CA GLY B 19 -14.53 41.85 6.42
C GLY B 19 -14.84 40.81 7.50
N TRP B 20 -13.81 40.13 7.97
CA TRP B 20 -13.96 39.04 8.93
C TRP B 20 -14.05 39.47 10.38
N TYR B 21 -13.26 40.49 10.74
CA TYR B 21 -13.27 41.06 12.08
C TYR B 21 -13.50 42.56 11.99
N GLY B 22 -13.97 43.18 13.07
CA GLY B 22 -14.19 44.61 13.01
C GLY B 22 -14.70 45.28 14.27
N PHE B 23 -14.91 46.59 14.16
CA PHE B 23 -15.33 47.41 15.28
C PHE B 23 -16.77 47.89 15.17
N ARG B 24 -17.45 47.96 16.31
CA ARG B 24 -18.67 48.75 16.45
C ARG B 24 -18.46 49.72 17.61
N HIS B 25 -18.77 50.99 17.39
CA HIS B 25 -18.59 51.98 18.46
C HIS B 25 -19.89 52.67 18.80
N GLN B 26 -19.94 53.24 20.00
CA GLN B 26 -21.05 54.09 20.39
C GLN B 26 -20.54 55.32 21.14
N ASN B 27 -20.80 56.49 20.58
CA ASN B 27 -20.44 57.76 21.20
C ASN B 27 -21.60 58.74 21.06
N ALA B 28 -21.49 59.92 21.65
CA ALA B 28 -22.61 60.88 21.69
C ALA B 28 -23.11 61.20 20.29
N GLN B 29 -22.18 61.25 19.35
CA GLN B 29 -22.45 61.47 17.93
C GLN B 29 -23.34 60.39 17.29
N GLY B 30 -23.18 59.14 17.73
CA GLY B 30 -24.01 58.05 17.24
C GLY B 30 -23.24 56.74 17.15
N THR B 31 -23.91 55.68 16.69
CA THR B 31 -23.27 54.38 16.46
C THR B 31 -22.59 54.27 15.08
N GLY B 32 -21.77 53.24 14.90
CA GLY B 32 -21.09 53.02 13.63
C GLY B 32 -20.30 51.71 13.62
N GLN B 33 -19.83 51.30 12.45
CA GLN B 33 -19.23 49.96 12.27
C GLN B 33 -18.15 49.98 11.20
N ALA B 34 -17.03 49.34 11.51
CA ALA B 34 -15.94 49.24 10.55
C ALA B 34 -15.22 47.90 10.68
N ALA B 35 -14.68 47.42 9.57
CA ALA B 35 -13.97 46.15 9.54
C ALA B 35 -12.49 46.40 9.58
N ASP B 36 -11.75 45.58 10.34
CA ASP B 36 -10.30 45.71 10.41
C ASP B 36 -9.59 44.88 9.33
N TYR B 37 -9.04 45.58 8.33
CA TYR B 37 -8.41 44.95 7.18
C TYR B 37 -7.21 44.07 7.49
N LYS B 38 -6.42 44.44 8.50
CA LYS B 38 -5.17 43.73 8.80
C LYS B 38 -5.42 42.33 9.34
N SER B 39 -6.24 42.24 10.37
CA SER B 39 -6.55 40.96 10.98
C SER B 39 -7.32 40.03 10.01
N THR B 40 -8.23 40.59 9.21
CA THR B 40 -8.98 39.78 8.26
C THR B 40 -8.04 39.20 7.19
N GLN B 41 -7.12 40.03 6.67
CA GLN B 41 -6.15 39.55 5.69
C GLN B 41 -5.17 38.52 6.26
N ALA B 42 -4.84 38.62 7.54
CA ALA B 42 -3.98 37.62 8.17
C ALA B 42 -4.66 36.25 8.19
N ALA B 43 -5.96 36.23 8.45
CA ALA B 43 -6.72 35.00 8.48
C ALA B 43 -6.93 34.44 7.06
N ILE B 44 -7.35 35.30 6.13
CA ILE B 44 -7.57 34.92 4.73
C ILE B 44 -6.30 34.35 4.10
N ASP B 45 -5.16 35.00 4.35
CA ASP B 45 -3.87 34.57 3.80
C ASP B 45 -3.50 33.16 4.28
N GLN B 46 -3.84 32.84 5.53
CA GLN B 46 -3.58 31.51 6.04
C GLN B 46 -4.53 30.49 5.41
N ILE B 47 -5.77 30.87 5.15
CA ILE B 47 -6.72 30.00 4.46
C ILE B 47 -6.25 29.67 3.04
N THR B 48 -5.95 30.71 2.28
CA THR B 48 -5.28 30.64 0.99
C THR B 48 -4.08 29.70 1.01
N GLY B 49 -3.19 29.88 1.97
CA GLY B 49 -2.09 28.95 2.15
C GLY B 49 -2.47 27.48 2.26
N LYS B 50 -3.48 27.14 3.07
CA LYS B 50 -3.93 25.75 3.15
C LYS B 50 -4.52 25.24 1.84
N LEU B 51 -5.20 26.12 1.10
CA LEU B 51 -5.79 25.74 -0.19
C LEU B 51 -4.70 25.55 -1.25
N ASN B 52 -3.61 26.32 -1.17
CA ASN B 52 -2.51 26.15 -2.12
C ASN B 52 -1.82 24.81 -1.91
N ARG B 53 -1.78 24.40 -0.65
CA ARG B 53 -1.26 23.13 -0.20
C ARG B 53 -2.58 22.38 -0.08
N LEU B 54 -2.90 21.60 -1.11
CA LEU B 54 -4.15 20.84 -1.33
C LEU B 54 -4.07 20.50 -2.78
N VAL B 55 -4.09 21.53 -3.60
CA VAL B 55 -4.02 21.46 -5.05
C VAL B 55 -2.60 21.44 -5.58
N LYS B 57 -0.14 19.38 -5.10
CA LYS B 57 0.47 18.10 -5.39
C LYS B 57 0.78 17.83 -6.86
N THR B 58 1.99 17.30 -7.04
CA THR B 58 2.53 16.93 -8.32
C THR B 58 2.46 15.41 -8.31
N ASN B 59 1.95 14.84 -9.39
CA ASN B 59 1.72 13.39 -9.42
C ASN B 59 2.47 12.39 -10.35
N THR B 60 2.72 11.22 -9.75
CA THR B 60 3.18 9.98 -10.38
C THR B 60 2.29 9.45 -11.53
N GLU B 61 2.89 8.94 -12.60
CA GLU B 61 2.14 8.32 -13.71
C GLU B 61 1.85 6.84 -13.39
N PHE B 62 0.58 6.46 -13.40
CA PHE B 62 0.21 5.06 -13.13
C PHE B 62 -0.31 4.43 -14.41
N GLU B 63 0.00 3.16 -14.59
CA GLU B 63 -0.56 2.38 -15.69
C GLU B 63 -1.58 1.36 -15.20
N SER B 64 -2.33 0.79 -16.13
CA SER B 64 -3.37 -0.17 -15.79
C SER B 64 -2.80 -1.50 -15.38
N ILE B 65 -3.28 -2.07 -14.27
CA ILE B 65 -2.95 -3.46 -13.93
C ILE B 65 -4.23 -4.31 -13.86
N GLU B 66 -5.33 -3.75 -14.35
CA GLU B 66 -6.61 -4.45 -14.32
C GLU B 66 -7.35 -4.26 -15.64
N SER B 67 -7.53 -5.33 -16.41
CA SER B 67 -8.20 -5.19 -17.66
C SER B 67 -9.69 -4.90 -17.44
N GLU B 68 -10.17 -3.85 -18.09
CA GLU B 68 -11.56 -3.44 -18.06
C GLU B 68 -12.46 -4.37 -18.91
N PHE B 69 -11.89 -4.99 -19.94
CA PHE B 69 -12.68 -5.62 -20.98
C PHE B 69 -12.39 -7.12 -21.18
N SER B 70 -11.56 -7.69 -20.31
CA SER B 70 -11.18 -9.08 -20.47
C SER B 70 -10.90 -9.61 -19.07
N GLU B 71 -10.95 -10.92 -18.90
CA GLU B 71 -10.81 -11.46 -17.57
C GLU B 71 -9.34 -11.56 -17.18
N ILE B 72 -9.08 -11.45 -15.89
CA ILE B 72 -7.72 -11.48 -15.38
C ILE B 72 -7.63 -12.81 -14.60
N GLU B 73 -6.48 -13.47 -14.59
CA GLU B 73 -6.34 -14.73 -13.84
C GLU B 73 -6.73 -14.54 -12.35
N HIS B 74 -7.36 -15.57 -11.79
CA HIS B 74 -8.14 -15.38 -10.57
C HIS B 74 -7.26 -15.05 -9.36
N GLN B 75 -6.16 -15.77 -9.20
CA GLN B 75 -5.27 -15.55 -8.07
C GLN B 75 -4.64 -14.15 -8.13
N ILE B 76 -4.04 -13.79 -9.27
CA ILE B 76 -3.43 -12.46 -9.39
C ILE B 76 -4.51 -11.37 -9.24
N GLY B 77 -5.71 -11.61 -9.75
CA GLY B 77 -6.76 -10.61 -9.62
C GLY B 77 -7.13 -10.40 -8.14
N ASN B 78 -7.12 -11.50 -7.37
CA ASN B 78 -7.39 -11.40 -5.94
C ASN B 78 -6.30 -10.65 -5.22
N VAL B 79 -5.05 -10.85 -5.62
CA VAL B 79 -3.94 -10.10 -5.04
C VAL B 79 -4.07 -8.60 -5.32
N ILE B 80 -4.39 -8.28 -6.57
CA ILE B 80 -4.63 -6.91 -7.01
C ILE B 80 -5.82 -6.28 -6.27
N ASN B 81 -6.92 -7.00 -6.15
CA ASN B 81 -8.08 -6.51 -5.40
C ASN B 81 -7.73 -6.15 -3.97
N TRP B 82 -7.01 -7.04 -3.30
CA TRP B 82 -6.66 -6.83 -1.91
C TRP B 82 -5.74 -5.58 -1.79
N THR B 83 -4.79 -5.45 -2.70
CA THR B 83 -3.83 -4.35 -2.67
C THR B 83 -4.48 -3.00 -2.92
N LYS B 84 -5.29 -2.91 -3.97
CA LYS B 84 -5.96 -1.68 -4.31
C LYS B 84 -6.90 -1.27 -3.18
N ASP B 85 -7.60 -2.24 -2.60
CA ASP B 85 -8.53 -1.94 -1.51
C ASP B 85 -7.80 -1.48 -0.26
N SER B 86 -6.65 -2.09 0.01
CA SER B 86 -5.79 -1.64 1.08
C SER B 86 -5.29 -0.22 0.85
N ILE B 87 -4.91 0.11 -0.38
CA ILE B 87 -4.40 1.44 -0.70
C ILE B 87 -5.53 2.47 -0.51
N THR B 88 -6.70 2.14 -1.03
CA THR B 88 -7.88 2.99 -0.90
C THR B 88 -8.30 3.20 0.56
N ASP B 89 -8.23 2.17 1.40
CA ASP B 89 -8.48 2.34 2.82
C ASP B 89 -7.52 3.37 3.43
N ILE B 90 -6.23 3.28 3.06
CA ILE B 90 -5.24 4.25 3.55
C ILE B 90 -5.57 5.67 3.09
N TRP B 91 -5.83 5.86 1.81
CA TRP B 91 -6.19 7.20 1.34
C TRP B 91 -7.51 7.73 1.90
N THR B 92 -8.49 6.85 2.12
CA THR B 92 -9.77 7.31 2.66
C THR B 92 -9.56 7.85 4.07
N TYR B 93 -8.79 7.09 4.86
CA TYR B 93 -8.44 7.46 6.21
C TYR B 93 -7.63 8.75 6.24
N GLN B 94 -6.63 8.84 5.36
CA GLN B 94 -5.80 10.05 5.30
C GLN B 94 -6.61 11.28 4.90
N ALA B 95 -7.53 11.10 3.98
CA ALA B 95 -8.35 12.21 3.54
C ALA B 95 -9.27 12.72 4.64
N GLU B 96 -9.89 11.79 5.36
CA GLU B 96 -10.75 12.13 6.49
C GLU B 96 -9.93 12.87 7.57
N LEU B 97 -8.74 12.35 7.86
CA LEU B 97 -7.90 12.93 8.91
C LEU B 97 -7.41 14.33 8.50
N LEU B 98 -6.92 14.45 7.25
CA LEU B 98 -6.47 15.75 6.73
C LEU B 98 -7.50 16.84 6.98
N VAL B 99 -8.72 16.60 6.53
CA VAL B 99 -9.77 17.58 6.66
C VAL B 99 -10.19 17.80 8.13
N ALA B 100 -10.35 16.74 8.93
CA ALA B 100 -10.71 16.93 10.33
C ALA B 100 -9.65 17.79 11.07
N MET B 101 -8.37 17.52 10.83
CA MET B 101 -7.28 18.23 11.49
C MET B 101 -7.11 19.65 10.96
N GLU B 102 -7.13 19.78 9.65
CA GLU B 102 -7.09 21.09 9.01
C GLU B 102 -8.24 21.99 9.50
N ASN B 103 -9.43 21.40 9.65
CA ASN B 103 -10.61 22.18 10.04
C ASN B 103 -10.49 22.68 11.47
N GLN B 104 -9.94 21.85 12.35
CA GLN B 104 -9.77 22.22 13.74
C GLN B 104 -8.83 23.40 13.84
N HIS B 105 -7.76 23.32 13.06
CA HIS B 105 -6.77 24.37 13.05
C HIS B 105 -7.27 25.67 12.44
N THR B 106 -8.06 25.57 11.38
CA THR B 106 -8.62 26.75 10.73
C THR B 106 -9.58 27.52 11.68
N ILE B 107 -10.46 26.80 12.35
CA ILE B 107 -11.37 27.37 13.37
C ILE B 107 -10.60 28.01 14.53
N ASP B 108 -9.54 27.37 15.00
CA ASP B 108 -8.75 27.90 16.11
C ASP B 108 -7.86 29.07 15.66
N MET B 109 -7.36 29.02 14.43
CA MET B 109 -6.62 30.13 13.89
C MET B 109 -7.50 31.38 13.81
N ALA B 110 -8.72 31.21 13.33
CA ALA B 110 -9.62 32.35 13.19
C ALA B 110 -9.98 32.94 14.55
N ASP B 111 -10.10 32.08 15.56
CA ASP B 111 -10.34 32.48 16.94
C ASP B 111 -9.14 33.27 17.50
N SER B 112 -7.95 32.76 17.25
CA SER B 112 -6.73 33.46 17.59
C SER B 112 -6.64 34.86 16.95
N GLU B 113 -6.94 34.99 15.66
CA GLU B 113 -6.81 36.32 15.03
C GLU B 113 -7.80 37.33 15.63
N MET B 114 -8.95 36.83 16.08
CA MET B 114 -9.93 37.66 16.75
C MET B 114 -9.37 38.18 18.07
N LEU B 115 -8.84 37.26 18.88
CA LEU B 115 -8.25 37.58 20.17
C LEU B 115 -7.05 38.54 20.07
N ASN B 116 -6.20 38.36 19.05
CA ASN B 116 -5.06 39.26 18.87
C ASN B 116 -5.47 40.68 18.54
N LEU B 117 -6.57 40.83 17.80
CA LEU B 117 -7.11 42.16 17.55
C LEU B 117 -7.61 42.77 18.86
N TYR B 118 -8.43 42.03 19.58
CA TYR B 118 -8.91 42.43 20.89
C TYR B 118 -7.79 42.89 21.84
N GLU B 119 -6.75 42.07 21.93
CA GLU B 119 -5.59 42.34 22.75
C GLU B 119 -4.80 43.55 22.30
N ARG B 120 -4.69 43.76 20.98
CA ARG B 120 -4.01 44.95 20.47
C ARG B 120 -4.76 46.24 20.82
N VAL B 121 -6.08 46.19 20.80
CA VAL B 121 -6.88 47.36 21.14
C VAL B 121 -6.83 47.57 22.65
N ARG B 122 -6.83 46.48 23.41
CA ARG B 122 -6.76 46.61 24.86
C ARG B 122 -5.48 47.31 25.32
N LYS B 123 -4.33 46.89 24.81
CA LYS B 123 -3.06 47.51 25.19
C LYS B 123 -3.02 48.96 24.72
N GLN B 124 -3.58 49.23 23.56
CA GLN B 124 -3.62 50.58 23.02
C GLN B 124 -4.41 51.56 23.91
N LEU B 125 -5.50 51.06 24.51
CA LEU B 125 -6.35 51.89 25.35
C LEU B 125 -5.70 52.14 26.70
N ARG B 126 -4.78 51.25 27.08
CA ARG B 126 -4.04 51.33 28.34
C ARG B 126 -4.98 51.54 29.54
N GLN B 127 -4.88 52.68 30.25
CA GLN B 127 -5.66 52.88 31.47
C GLN B 127 -6.91 53.73 31.22
N ASN B 128 -7.19 54.02 29.96
CA ASN B 128 -8.30 54.90 29.61
C ASN B 128 -9.60 54.16 29.44
N ALA B 129 -9.56 52.84 29.59
CA ALA B 129 -10.73 52.01 29.35
C ALA B 129 -10.73 50.72 30.18
N GLU B 130 -11.90 50.11 30.31
CA GLU B 130 -12.02 48.84 31.02
C GLU B 130 -12.86 47.87 30.17
N GLU B 131 -12.72 46.58 30.46
CA GLU B 131 -13.43 45.54 29.70
C GLU B 131 -14.75 45.15 30.36
N ASP B 132 -15.82 45.04 29.57
CA ASP B 132 -16.92 44.21 30.03
C ASP B 132 -16.62 42.77 29.63
N GLY B 133 -17.36 41.81 30.13
CA GLY B 133 -17.10 40.42 29.75
C GLY B 133 -17.33 40.05 28.28
N LYS B 134 -18.07 40.88 27.55
CA LYS B 134 -18.61 40.52 26.23
C LYS B 134 -17.83 41.04 25.01
N GLY B 135 -16.59 41.49 25.22
CA GLY B 135 -15.77 41.98 24.12
C GLY B 135 -15.83 43.46 23.79
N CYS B 136 -16.60 44.22 24.58
CA CYS B 136 -16.58 45.68 24.48
C CYS B 136 -15.56 46.35 25.42
N PHE B 137 -15.11 47.54 25.02
CA PHE B 137 -14.31 48.40 25.89
C PHE B 137 -15.10 49.66 26.29
N GLU B 138 -15.37 49.83 27.57
CA GLU B 138 -16.03 51.05 28.05
C GLU B 138 -14.96 52.13 28.23
N ILE B 139 -15.00 53.14 27.35
CA ILE B 139 -14.01 54.20 27.27
C ILE B 139 -14.39 55.36 28.21
N TYR B 140 -13.48 55.76 29.11
CA TYR B 140 -13.83 56.71 30.17
C TYR B 140 -13.45 58.15 29.88
N HIS B 141 -13.54 58.54 28.61
CA HIS B 141 -13.46 59.93 28.21
C HIS B 141 -14.38 60.10 27.01
N ALA B 142 -14.57 61.33 26.56
CA ALA B 142 -15.38 61.57 25.38
C ALA B 142 -14.58 61.16 24.16
N CYS B 143 -15.03 60.11 23.47
CA CYS B 143 -14.28 59.67 22.30
C CYS B 143 -14.98 60.08 21.02
N ASP B 144 -14.39 61.08 20.39
CA ASP B 144 -14.74 61.62 19.07
C ASP B 144 -14.88 60.56 17.96
N ASP B 145 -15.61 60.87 16.89
CA ASP B 145 -15.65 59.98 15.72
C ASP B 145 -14.24 59.89 15.15
N SER B 146 -13.52 61.00 15.15
CA SER B 146 -12.09 61.03 14.81
C SER B 146 -11.22 60.26 15.84
N CYS B 147 -11.60 60.32 17.11
CA CYS B 147 -10.93 59.55 18.17
C CYS B 147 -11.14 58.06 17.95
N MET B 148 -12.37 57.68 17.61
CA MET B 148 -12.72 56.29 17.31
C MET B 148 -11.90 55.78 16.15
N GLU B 149 -11.86 56.55 15.08
CA GLU B 149 -11.06 56.19 13.93
C GLU B 149 -9.61 55.98 14.33
N SER B 150 -9.13 56.73 15.33
CA SER B 150 -7.75 56.62 15.73
C SER B 150 -7.48 55.32 16.51
N ILE B 151 -8.52 54.77 17.12
CA ILE B 151 -8.39 53.51 17.80
C ILE B 151 -8.33 52.33 16.80
N ARG B 152 -9.12 52.41 15.72
CA ARG B 152 -9.06 51.41 14.65
C ARG B 152 -7.79 51.53 13.82
N ASN B 153 -7.41 52.77 13.56
CA ASN B 153 -6.23 53.17 12.79
C ASN B 153 -4.91 52.85 13.48
N ASN B 154 -5.00 52.40 14.73
CA ASN B 154 -3.83 52.17 15.59
C ASN B 154 -2.94 53.40 15.84
N THR B 155 -3.53 54.60 15.82
CA THR B 155 -2.76 55.81 16.02
C THR B 155 -3.09 56.53 17.34
N TYR B 156 -4.09 56.02 18.08
CA TYR B 156 -4.55 56.59 19.35
C TYR B 156 -3.48 56.78 20.44
N ASP B 157 -3.37 58.00 20.94
CA ASP B 157 -2.36 58.35 21.95
C ASP B 157 -3.00 58.41 23.33
N HIS B 158 -2.74 57.39 24.15
CA HIS B 158 -3.43 57.24 25.43
C HIS B 158 -3.07 58.36 26.43
N SER B 159 -1.86 58.89 26.34
CA SER B 159 -1.38 59.87 27.31
C SER B 159 -2.16 61.17 27.21
N GLN B 160 -2.69 61.43 26.01
CA GLN B 160 -3.50 62.59 25.70
C GLN B 160 -4.85 62.63 26.43
N TYR B 161 -5.37 61.47 26.83
CA TYR B 161 -6.70 61.43 27.46
C TYR B 161 -6.67 60.88 28.88
N ARG B 162 -5.47 60.53 29.35
CA ARG B 162 -5.30 59.76 30.57
C ARG B 162 -5.81 60.41 31.84
N GLU B 163 -5.55 61.70 31.97
CA GLU B 163 -5.98 62.46 33.14
C GLU B 163 -7.49 62.42 33.29
N GLU B 164 -8.16 62.82 32.22
CA GLU B 164 -9.62 62.78 32.14
C GLU B 164 -10.18 61.39 32.42
N ALA B 165 -9.61 60.39 31.77
CA ALA B 165 -10.10 59.01 31.91
C ALA B 165 -9.96 58.50 33.32
N LEU B 166 -8.78 58.71 33.91
CA LEU B 166 -8.52 58.20 35.26
C LEU B 166 -9.42 58.85 36.30
N LEU B 167 -9.71 60.13 36.10
CA LEU B 167 -10.59 60.85 37.02
C LEU B 167 -11.96 60.21 36.99
N ASN B 168 -12.46 59.95 35.79
CA ASN B 168 -13.74 59.29 35.61
C ASN B 168 -13.80 57.86 36.14
N ARG B 169 -12.66 57.16 36.05
CA ARG B 169 -12.62 55.76 36.48
C ARG B 169 -12.68 55.64 37.99
N LEU B 170 -12.09 56.61 38.69
CA LEU B 170 -12.08 56.62 40.14
C LEU B 170 -13.29 57.32 40.76
N ASN B 171 -13.77 58.37 40.09
CA ASN B 171 -14.95 59.10 40.58
C ASN B 171 -16.24 58.38 40.19
N ASP C 5 -9.51 37.75 51.73
CA ASP C 5 -10.67 37.39 50.93
C ASP C 5 -10.30 37.03 49.48
N LYS C 6 -10.26 35.73 49.15
CA LYS C 6 -9.87 35.37 47.77
C LYS C 6 -10.55 34.12 47.20
N ILE C 7 -10.63 34.08 45.87
CA ILE C 7 -11.16 32.94 45.14
C ILE C 7 -10.09 32.38 44.18
N CYS C 8 -9.94 31.06 44.14
CA CYS C 8 -8.89 30.41 43.37
C CYS C 8 -9.44 29.46 42.30
N LEU C 9 -8.78 29.45 41.15
CA LEU C 9 -9.11 28.48 40.11
C LEU C 9 -8.16 27.28 40.12
N GLY C 10 -8.72 26.12 39.81
CA GLY C 10 -7.98 24.88 39.83
C GLY C 10 -8.57 23.80 38.96
N HIS C 11 -7.77 22.78 38.69
CA HIS C 11 -8.20 21.59 37.96
C HIS C 11 -8.01 20.40 38.85
N HIS C 12 -8.61 19.27 38.49
CA HIS C 12 -8.42 18.10 39.33
C HIS C 12 -7.12 17.41 38.98
N ALA C 13 -6.86 16.35 39.71
CA ALA C 13 -5.70 15.50 39.51
C ALA C 13 -6.08 14.17 40.12
N VAL C 14 -5.26 13.15 39.96
CA VAL C 14 -5.57 11.86 40.55
C VAL C 14 -4.32 11.30 41.17
N ALA C 15 -4.48 10.32 42.07
CA ALA C 15 -3.35 9.73 42.75
C ALA C 15 -2.51 8.90 41.78
N ASN C 16 -3.17 8.02 41.04
CA ASN C 16 -2.48 7.16 40.08
C ASN C 16 -2.86 7.51 38.64
N GLY C 17 -1.97 8.23 37.95
CA GLY C 17 -2.23 8.58 36.57
C GLY C 17 -1.61 7.61 35.58
N THR C 18 -1.83 7.86 34.30
CA THR C 18 -1.32 6.97 33.25
C THR C 18 -0.46 7.66 32.21
N ILE C 19 0.52 6.95 31.69
CA ILE C 19 1.47 7.52 30.75
C ILE C 19 1.02 7.36 29.29
N VAL C 20 1.13 8.44 28.51
CA VAL C 20 0.85 8.41 27.06
C VAL C 20 1.96 9.16 26.34
N LYS C 21 2.04 8.98 25.03
CA LYS C 21 3.04 9.71 24.25
C LYS C 21 2.36 10.83 23.49
N THR C 22 3.09 11.93 23.35
CA THR C 22 2.59 13.05 22.57
C THR C 22 3.62 13.34 21.50
N LEU C 23 3.42 14.40 20.74
CA LEU C 23 4.38 14.80 19.72
C LEU C 23 5.74 15.22 20.30
N THR C 24 5.75 15.71 21.54
CA THR C 24 6.95 16.27 22.17
C THR C 24 7.50 15.47 23.34
N ASN C 25 6.74 14.47 23.79
CA ASN C 25 7.08 13.79 25.02
C ASN C 25 6.60 12.33 25.02
N GLU C 26 7.51 11.38 25.09
CA GLU C 26 7.07 9.99 25.12
C GLU C 26 6.62 9.53 26.50
N GLN C 27 6.80 10.38 27.52
CA GLN C 27 6.43 10.01 28.89
C GLN C 27 5.56 11.11 29.52
N GLU C 28 4.38 11.33 28.96
CA GLU C 28 3.47 12.36 29.44
C GLU C 28 2.40 11.79 30.35
N GLU C 29 2.30 12.27 31.59
CA GLU C 29 1.31 11.73 32.50
C GLU C 29 0.00 12.54 32.51
N VAL C 30 -1.10 11.82 32.43
CA VAL C 30 -2.44 12.35 32.18
C VAL C 30 -3.42 11.67 33.16
N THR C 31 -4.59 12.25 33.39
CA THR C 31 -5.54 11.71 34.39
C THR C 31 -6.15 10.36 33.99
N ASN C 32 -6.44 10.18 32.71
CA ASN C 32 -6.99 8.95 32.19
C ASN C 32 -6.50 8.71 30.73
N ALA C 33 -6.48 7.46 30.28
CA ALA C 33 -6.21 7.16 28.87
C ALA C 33 -6.92 5.86 28.49
N THR C 34 -7.11 5.60 27.19
CA THR C 34 -7.78 4.37 26.77
C THR C 34 -7.03 3.72 25.58
N GLU C 35 -7.13 2.39 25.45
CA GLU C 35 -6.42 1.66 24.41
C GLU C 35 -6.96 1.96 23.03
N THR C 36 -6.10 1.89 22.01
CA THR C 36 -6.57 1.98 20.62
C THR C 36 -6.20 0.71 19.85
N VAL C 37 -5.42 -0.17 20.48
CA VAL C 37 -4.97 -1.40 19.84
C VAL C 37 -5.54 -2.64 20.54
N GLU C 38 -6.45 -3.34 19.86
CA GLU C 38 -6.99 -4.60 20.36
C GLU C 38 -5.93 -5.70 20.41
N SER C 39 -5.83 -6.36 21.56
CA SER C 39 -4.80 -7.36 21.77
C SER C 39 -5.38 -8.73 22.17
N THR C 40 -6.68 -8.79 22.45
CA THR C 40 -7.20 -10.03 23.02
C THR C 40 -7.85 -10.95 21.98
N GLY C 41 -9.05 -10.64 21.52
CA GLY C 41 -9.68 -11.60 20.61
C GLY C 41 -10.20 -12.92 21.20
N ILE C 42 -10.98 -13.65 20.41
CA ILE C 42 -11.70 -14.83 20.86
C ILE C 42 -11.20 -16.09 20.12
N ASN C 43 -10.79 -17.13 20.86
CA ASN C 43 -10.21 -18.31 20.21
C ASN C 43 -11.27 -19.31 19.75
N ARG C 44 -12.39 -18.78 19.27
CA ARG C 44 -13.44 -19.58 18.66
C ARG C 44 -13.91 -18.87 17.40
N LEU C 45 -14.58 -19.60 16.51
CA LEU C 45 -15.20 -19.01 15.34
C LEU C 45 -16.62 -18.58 15.62
N CYS C 46 -16.81 -17.30 15.90
CA CYS C 46 -18.13 -16.73 16.19
C CYS C 46 -19.04 -16.74 14.97
N MET C 47 -19.92 -17.72 14.87
CA MET C 47 -20.74 -17.90 13.66
C MET C 47 -22.22 -17.49 13.78
N LYS C 48 -22.57 -16.84 14.88
CA LYS C 48 -23.96 -16.43 15.09
C LYS C 48 -24.42 -15.50 13.97
N GLY C 49 -25.59 -15.80 13.42
CA GLY C 49 -26.15 -15.00 12.34
C GLY C 49 -25.63 -15.42 10.96
N ARG C 50 -24.71 -16.36 10.91
CA ARG C 50 -24.21 -16.84 9.64
C ARG C 50 -24.70 -18.24 9.29
N LYS C 51 -25.12 -18.42 8.05
CA LYS C 51 -25.38 -19.77 7.59
C LYS C 51 -24.04 -20.35 7.14
N HIS C 52 -23.33 -20.98 8.07
CA HIS C 52 -22.02 -21.53 7.78
C HIS C 52 -22.00 -23.01 7.45
N LYS C 53 -20.93 -23.43 6.76
CA LYS C 53 -20.64 -24.84 6.56
C LYS C 53 -19.24 -25.10 7.09
N ASP C 54 -19.11 -25.98 8.07
CA ASP C 54 -17.81 -26.46 8.54
C ASP C 54 -17.45 -27.70 7.71
N LEU C 55 -16.43 -27.59 6.86
CA LEU C 55 -15.98 -28.69 6.02
C LEU C 55 -15.32 -29.85 6.80
N GLY C 56 -14.91 -29.61 8.04
CA GLY C 56 -14.24 -30.65 8.81
C GLY C 56 -12.99 -31.12 8.07
N ASN C 57 -12.86 -32.44 7.90
CA ASN C 57 -11.71 -32.96 7.19
C ASN C 57 -11.94 -33.04 5.68
N CYS C 58 -12.96 -32.34 5.18
CA CYS C 58 -13.19 -32.27 3.75
C CYS C 58 -12.54 -30.99 3.16
N HIS C 59 -11.63 -31.17 2.19
CA HIS C 59 -11.02 -30.03 1.48
C HIS C 59 -11.96 -29.48 0.39
N PRO C 60 -12.01 -28.15 0.21
CA PRO C 60 -12.91 -27.57 -0.81
C PRO C 60 -12.84 -28.28 -2.17
N ILE C 61 -11.65 -28.63 -2.65
CA ILE C 61 -11.55 -29.32 -3.94
C ILE C 61 -12.30 -30.66 -3.91
N GLY C 62 -12.17 -31.38 -2.80
CA GLY C 62 -12.90 -32.64 -2.61
C GLY C 62 -14.40 -32.52 -2.82
N MET C 63 -14.99 -31.38 -2.47
CA MET C 63 -16.41 -31.15 -2.76
C MET C 63 -16.76 -31.29 -4.26
N LEU C 64 -15.85 -30.87 -5.14
CA LEU C 64 -16.16 -30.86 -6.58
C LEU C 64 -16.02 -32.25 -7.19
N ILE C 65 -15.04 -33.02 -6.73
CA ILE C 65 -14.79 -34.32 -7.32
C ILE C 65 -15.48 -35.45 -6.53
N GLY C 66 -15.85 -35.20 -5.28
CA GLY C 66 -16.58 -36.22 -4.54
C GLY C 66 -15.70 -37.24 -3.83
N THR C 67 -14.62 -36.77 -3.21
CA THR C 67 -13.84 -37.61 -2.31
C THR C 67 -14.74 -38.10 -1.18
N PRO C 68 -14.54 -39.35 -0.70
CA PRO C 68 -15.42 -39.87 0.36
C PRO C 68 -15.53 -38.96 1.57
N ALA C 69 -14.43 -38.36 2.02
CA ALA C 69 -14.48 -37.40 3.14
C ALA C 69 -15.46 -36.23 2.90
N CYS C 70 -15.77 -35.95 1.65
CA CYS C 70 -16.68 -34.83 1.34
C CYS C 70 -18.11 -35.28 0.95
N ASP C 71 -18.49 -36.52 1.28
CA ASP C 71 -19.83 -36.98 0.89
C ASP C 71 -21.01 -36.17 1.51
N LEU C 72 -20.80 -35.53 2.65
CA LEU C 72 -21.88 -34.70 3.20
C LEU C 72 -21.75 -33.25 2.76
N HIS C 73 -20.85 -33.00 1.79
CA HIS C 73 -20.54 -31.64 1.37
C HIS C 73 -20.46 -31.51 -0.16
N LEU C 74 -21.27 -32.28 -0.87
CA LEU C 74 -21.24 -32.27 -2.32
C LEU C 74 -22.10 -31.14 -2.88
N THR C 75 -23.07 -30.69 -2.08
CA THR C 75 -23.90 -29.54 -2.42
C THR C 75 -24.26 -28.82 -1.13
N GLY C 76 -24.77 -27.60 -1.27
CA GLY C 76 -25.23 -26.84 -0.13
C GLY C 76 -25.26 -25.34 -0.48
N MET C 77 -25.67 -24.54 0.50
CA MET C 77 -25.65 -23.09 0.42
C MET C 77 -25.08 -22.57 1.72
N TRP C 78 -24.30 -21.50 1.65
CA TRP C 78 -23.69 -20.94 2.85
C TRP C 78 -23.32 -19.51 2.59
N ASP C 79 -23.08 -18.72 3.64
CA ASP C 79 -22.47 -17.42 3.46
C ASP C 79 -21.07 -17.40 4.05
N THR C 80 -20.71 -18.50 4.71
CA THR C 80 -19.41 -18.63 5.32
C THR C 80 -18.96 -20.09 5.19
N LEU C 81 -17.81 -20.31 4.55
CA LEU C 81 -17.25 -21.64 4.36
C LEU C 81 -16.00 -21.77 5.22
N ILE C 82 -15.94 -22.84 6.01
CA ILE C 82 -14.80 -23.03 6.92
C ILE C 82 -13.96 -24.23 6.49
N GLU C 83 -12.68 -23.97 6.25
CA GLU C 83 -11.71 -24.97 5.85
C GLU C 83 -10.77 -25.27 7.03
N ARG C 84 -10.47 -26.55 7.24
CA ARG C 84 -9.65 -27.00 8.36
C ARG C 84 -8.28 -27.51 7.90
N GLU C 85 -7.32 -27.49 8.80
CA GLU C 85 -5.98 -27.94 8.48
C GLU C 85 -5.94 -29.45 8.16
N ASN C 86 -5.18 -29.83 7.15
CA ASN C 86 -5.03 -31.22 6.73
C ASN C 86 -6.32 -31.80 6.15
N ALA C 87 -7.23 -30.95 5.68
CA ALA C 87 -8.43 -31.47 5.05
C ALA C 87 -8.04 -32.30 3.82
N ILE C 88 -8.89 -33.26 3.48
CA ILE C 88 -8.62 -34.22 2.43
C ILE C 88 -9.25 -33.83 1.11
N ALA C 89 -8.43 -33.74 0.07
CA ALA C 89 -8.92 -33.50 -1.29
C ALA C 89 -8.88 -34.77 -2.09
N TYR C 90 -7.78 -35.50 -1.99
CA TYR C 90 -7.54 -36.63 -2.90
C TYR C 90 -7.40 -37.97 -2.19
N CYS C 91 -8.25 -38.93 -2.53
CA CYS C 91 -8.08 -40.23 -1.92
C CYS C 91 -7.08 -41.02 -2.77
N TYR C 92 -7.19 -40.91 -4.07
CA TYR C 92 -6.20 -41.47 -4.98
C TYR C 92 -5.07 -40.46 -5.15
N PRO C 93 -3.82 -40.92 -5.19
CA PRO C 93 -2.79 -39.88 -5.26
C PRO C 93 -2.85 -39.10 -6.58
N GLY C 94 -2.54 -37.82 -6.45
CA GLY C 94 -2.53 -36.93 -7.60
C GLY C 94 -2.53 -35.49 -7.16
N ALA C 95 -2.77 -34.60 -8.11
CA ALA C 95 -2.79 -33.16 -7.84
C ALA C 95 -3.63 -32.45 -8.89
N THR C 96 -4.01 -31.22 -8.59
CA THR C 96 -4.86 -30.45 -9.47
C THR C 96 -4.04 -29.31 -10.08
N VAL C 97 -4.05 -29.18 -11.39
CA VAL C 97 -3.39 -28.05 -12.04
C VAL C 97 -4.16 -26.78 -11.74
N ASN C 98 -3.43 -25.69 -11.45
CA ASN C 98 -4.02 -24.42 -11.00
C ASN C 98 -4.94 -24.60 -9.80
N VAL C 99 -4.41 -25.20 -8.74
CA VAL C 99 -5.22 -25.60 -7.60
C VAL C 99 -5.61 -24.43 -6.72
N GLU C 100 -4.72 -23.45 -6.54
CA GLU C 100 -5.01 -22.41 -5.58
C GLU C 100 -6.09 -21.45 -6.15
N ALA C 101 -6.10 -21.24 -7.47
CA ALA C 101 -7.17 -20.47 -8.08
C ALA C 101 -8.53 -21.15 -7.91
N LEU C 102 -8.56 -22.48 -8.01
CA LEU C 102 -9.81 -23.20 -7.87
C LEU C 102 -10.29 -23.18 -6.41
N ARG C 103 -9.38 -23.40 -5.46
CA ARG C 103 -9.72 -23.37 -4.05
C ARG C 103 -10.26 -21.98 -3.67
N GLN C 104 -9.61 -20.92 -4.18
CA GLN C 104 -10.08 -19.56 -3.87
C GLN C 104 -11.47 -19.29 -4.48
N LYS C 105 -11.79 -19.88 -5.62
CA LYS C 105 -13.13 -19.66 -6.18
C LYS C 105 -14.18 -20.28 -5.32
N ILE C 106 -13.91 -21.49 -4.83
CA ILE C 106 -14.87 -22.21 -3.98
C ILE C 106 -15.02 -21.45 -2.67
N MET C 107 -13.89 -21.03 -2.11
CA MET C 107 -13.89 -20.34 -0.82
C MET C 107 -14.54 -18.95 -0.92
N GLU C 108 -14.87 -18.51 -2.13
CA GLU C 108 -15.56 -17.23 -2.33
C GLU C 108 -17.05 -17.42 -2.62
N SER C 109 -17.45 -18.66 -2.88
CA SER C 109 -18.81 -18.91 -3.31
C SER C 109 -19.79 -18.89 -2.14
N GLY C 110 -21.08 -18.90 -2.46
CA GLY C 110 -22.08 -19.03 -1.43
C GLY C 110 -22.86 -20.33 -1.62
N GLY C 111 -22.25 -21.31 -2.27
CA GLY C 111 -22.89 -22.60 -2.41
C GLY C 111 -22.45 -23.34 -3.63
N ILE C 112 -22.86 -24.61 -3.73
CA ILE C 112 -22.61 -25.43 -4.89
C ILE C 112 -23.83 -26.25 -5.23
N ASN C 113 -24.21 -26.24 -6.51
CA ASN C 113 -25.15 -27.23 -7.02
C ASN C 113 -24.41 -28.20 -7.92
N LYS C 114 -24.89 -29.43 -8.00
CA LYS C 114 -24.35 -30.39 -8.93
C LYS C 114 -25.36 -30.70 -10.04
N ILE C 115 -24.84 -30.92 -11.23
CA ILE C 115 -25.63 -31.12 -12.43
C ILE C 115 -25.05 -32.30 -13.17
N SER C 116 -25.89 -33.27 -13.50
CA SER C 116 -25.46 -34.48 -14.18
C SER C 116 -24.94 -34.15 -15.59
N THR C 117 -23.84 -34.78 -16.00
CA THR C 117 -23.33 -34.60 -17.37
C THR C 117 -24.10 -35.46 -18.34
N GLY C 118 -24.65 -36.59 -17.86
CA GLY C 118 -25.38 -37.49 -18.70
C GLY C 118 -24.47 -38.32 -19.58
N PHE C 119 -23.19 -38.36 -19.26
CA PHE C 119 -22.28 -39.14 -20.09
C PHE C 119 -22.62 -40.61 -20.08
N THR C 120 -22.63 -41.22 -21.26
CA THR C 120 -22.84 -42.67 -21.37
C THR C 120 -21.76 -43.28 -22.25
N TYR C 121 -21.49 -44.54 -22.01
CA TYR C 121 -20.37 -45.22 -22.65
C TYR C 121 -20.79 -46.52 -23.30
N GLY C 122 -20.15 -46.85 -24.42
CA GLY C 122 -20.43 -48.08 -25.11
C GLY C 122 -20.00 -49.33 -24.34
N SER C 123 -20.52 -50.46 -24.82
CA SER C 123 -20.37 -51.77 -24.20
C SER C 123 -18.95 -52.22 -23.87
N SER C 124 -17.96 -51.81 -24.67
CA SER C 124 -16.58 -52.24 -24.47
C SER C 124 -15.84 -51.35 -23.43
N ILE C 125 -16.57 -50.48 -22.75
CA ILE C 125 -15.99 -49.65 -21.68
C ILE C 125 -16.54 -50.11 -20.33
N ASN C 126 -15.65 -50.40 -19.39
CA ASN C 126 -16.08 -50.56 -18.00
C ASN C 126 -15.93 -49.18 -17.34
N SER C 127 -17.05 -48.61 -16.90
CA SER C 127 -17.09 -47.26 -16.38
C SER C 127 -17.14 -47.30 -14.85
N ALA C 128 -17.13 -48.49 -14.27
CA ALA C 128 -17.24 -48.60 -12.81
C ALA C 128 -15.91 -49.00 -12.15
N GLY C 129 -14.79 -48.52 -12.69
CA GLY C 129 -13.53 -48.72 -11.99
C GLY C 129 -13.53 -48.16 -10.58
N THR C 130 -12.89 -48.89 -9.66
CA THR C 130 -12.79 -48.50 -8.25
C THR C 130 -11.39 -48.80 -7.75
N THR C 131 -11.07 -48.35 -6.55
CA THR C 131 -9.71 -48.50 -5.99
C THR C 131 -9.77 -48.63 -4.48
N ARG C 132 -8.81 -49.34 -3.89
CA ARG C 132 -8.72 -49.39 -2.43
C ARG C 132 -8.30 -48.08 -1.77
N ALA C 133 -7.88 -47.10 -2.57
CA ALA C 133 -7.50 -45.81 -1.97
C ALA C 133 -8.72 -44.90 -1.67
N CYS C 134 -9.85 -45.13 -2.33
CA CYS C 134 -11.06 -44.34 -2.03
C CYS C 134 -12.14 -45.28 -1.55
N MET C 135 -12.38 -45.29 -0.25
CA MET C 135 -13.25 -46.31 0.28
C MET C 135 -14.57 -45.77 0.79
N ARG C 136 -15.63 -46.55 0.57
CA ARG C 136 -16.91 -46.28 1.20
C ARG C 136 -17.37 -47.59 1.80
N ASN C 137 -17.92 -47.50 3.00
CA ASN C 137 -18.36 -48.65 3.77
C ASN C 137 -17.23 -49.68 3.94
N GLY C 138 -15.99 -49.18 3.97
CA GLY C 138 -14.86 -50.04 4.17
C GLY C 138 -14.50 -50.86 2.94
N GLY C 139 -15.06 -50.52 1.77
CA GLY C 139 -14.74 -51.24 0.55
C GLY C 139 -14.32 -50.32 -0.59
N ASN C 140 -13.75 -50.89 -1.67
CA ASN C 140 -13.25 -50.11 -2.79
C ASN C 140 -14.32 -49.26 -3.43
N SER C 141 -13.98 -48.02 -3.75
CA SER C 141 -14.93 -47.07 -4.34
C SER C 141 -14.17 -46.13 -5.26
N PHE C 142 -14.79 -44.99 -5.57
CA PHE C 142 -14.14 -43.99 -6.39
C PHE C 142 -14.74 -42.63 -6.09
N TYR C 143 -14.11 -41.58 -6.61
CA TYR C 143 -14.63 -40.23 -6.54
C TYR C 143 -16.09 -40.23 -7.00
N ALA C 144 -16.95 -39.59 -6.22
CA ALA C 144 -18.38 -39.66 -6.45
C ALA C 144 -18.82 -38.95 -7.73
N GLU C 145 -18.11 -37.90 -8.13
CA GLU C 145 -18.52 -37.11 -9.29
C GLU C 145 -17.76 -37.47 -10.57
N LEU C 146 -16.99 -38.55 -10.54
CA LEU C 146 -16.13 -38.95 -11.65
C LEU C 146 -16.24 -40.46 -11.87
N LYS C 147 -15.81 -40.92 -13.05
CA LYS C 147 -15.82 -42.33 -13.40
C LYS C 147 -14.50 -42.76 -14.01
N TRP C 148 -13.93 -43.80 -13.44
CA TRP C 148 -12.70 -44.36 -13.99
C TRP C 148 -13.05 -45.32 -15.11
N LEU C 149 -12.86 -44.86 -16.34
CA LEU C 149 -13.18 -45.62 -17.54
C LEU C 149 -12.02 -46.52 -17.88
N VAL C 150 -12.30 -47.82 -18.03
CA VAL C 150 -11.28 -48.75 -18.53
C VAL C 150 -11.88 -49.71 -19.55
N SER C 151 -11.03 -50.40 -20.32
CA SER C 151 -11.48 -51.44 -21.26
C SER C 151 -12.17 -52.58 -20.49
N LYS C 152 -13.41 -52.90 -20.81
CA LYS C 152 -14.10 -54.03 -20.16
C LYS C 152 -13.34 -55.34 -20.30
N SER C 153 -12.74 -55.51 -21.47
CA SER C 153 -11.96 -56.71 -21.70
C SER C 153 -10.50 -56.38 -21.52
N ALA C 154 -9.91 -56.91 -20.46
CA ALA C 154 -8.60 -56.48 -20.04
C ALA C 154 -7.56 -56.67 -21.14
N GLY C 155 -6.66 -55.70 -21.25
CA GLY C 155 -5.60 -55.74 -22.23
C GLY C 155 -5.98 -55.34 -23.62
N GLN C 156 -7.27 -55.18 -23.88
CA GLN C 156 -7.73 -54.80 -25.23
C GLN C 156 -7.74 -53.28 -25.40
N ASN C 157 -7.59 -52.83 -26.64
CA ASN C 157 -7.60 -51.39 -26.92
C ASN C 157 -8.93 -50.72 -26.55
N PHE C 158 -8.87 -49.74 -25.65
CA PHE C 158 -9.98 -48.84 -25.29
C PHE C 158 -10.47 -48.11 -26.52
N PRO C 159 -11.79 -48.10 -26.75
CA PRO C 159 -12.25 -47.52 -28.02
C PRO C 159 -12.14 -46.00 -28.09
N GLN C 160 -12.03 -45.47 -29.30
CA GLN C 160 -12.05 -44.04 -29.52
C GLN C 160 -13.44 -43.56 -29.14
N THR C 161 -13.51 -42.58 -28.25
CA THR C 161 -14.77 -42.21 -27.62
C THR C 161 -14.95 -40.70 -27.59
N THR C 162 -16.19 -40.27 -27.73
CA THR C 162 -16.50 -38.87 -27.62
C THR C 162 -17.67 -38.67 -26.66
N ASN C 163 -17.59 -37.65 -25.83
CA ASN C 163 -18.63 -37.33 -24.86
C ASN C 163 -18.75 -35.83 -24.83
N THR C 164 -19.96 -35.32 -24.90
CA THR C 164 -20.15 -33.88 -24.92
C THR C 164 -21.06 -33.43 -23.79
N TYR C 165 -20.63 -32.43 -23.03
CA TYR C 165 -21.51 -31.84 -22.03
C TYR C 165 -22.06 -30.52 -22.51
N ARG C 166 -23.36 -30.32 -22.33
CA ARG C 166 -24.00 -29.13 -22.87
C ARG C 166 -24.54 -28.28 -21.75
N ASN C 167 -24.09 -27.04 -21.69
CA ASN C 167 -24.59 -26.14 -20.69
C ASN C 167 -25.83 -25.35 -21.18
N THR C 168 -27.02 -25.85 -20.82
CA THR C 168 -28.32 -25.26 -21.18
C THR C 168 -28.83 -24.26 -20.13
N ASP C 169 -28.01 -24.05 -19.11
CA ASP C 169 -28.34 -23.18 -18.00
C ASP C 169 -27.97 -21.74 -18.34
N THR C 170 -28.23 -20.80 -17.43
CA THR C 170 -27.97 -19.38 -17.71
C THR C 170 -26.76 -18.85 -16.94
N ALA C 171 -26.11 -19.73 -16.18
CA ALA C 171 -24.90 -19.38 -15.46
C ALA C 171 -23.74 -20.31 -15.83
N GLU C 172 -22.51 -19.86 -15.67
CA GLU C 172 -21.36 -20.71 -15.98
C GLU C 172 -21.31 -21.94 -15.06
N HIS C 173 -20.91 -23.07 -15.62
CA HIS C 173 -20.64 -24.27 -14.85
C HIS C 173 -19.15 -24.63 -14.81
N LEU C 174 -18.75 -25.29 -13.73
CA LEU C 174 -17.36 -25.71 -13.48
C LEU C 174 -17.24 -27.19 -13.69
N ILE C 175 -16.49 -27.59 -14.72
CA ILE C 175 -16.35 -29.01 -15.03
C ILE C 175 -14.92 -29.46 -14.67
N MET C 176 -14.82 -30.65 -14.07
CA MET C 176 -13.53 -31.19 -13.62
C MET C 176 -13.37 -32.55 -14.22
N TRP C 177 -12.14 -32.89 -14.61
CA TRP C 177 -11.87 -34.23 -15.09
C TRP C 177 -10.47 -34.62 -14.63
N GLY C 178 -10.15 -35.90 -14.70
CA GLY C 178 -8.84 -36.37 -14.35
C GLY C 178 -8.18 -37.06 -15.52
N ILE C 179 -6.87 -37.23 -15.38
CA ILE C 179 -6.06 -37.96 -16.34
C ILE C 179 -5.30 -39.01 -15.54
N HIS C 180 -5.38 -40.25 -15.96
CA HIS C 180 -4.70 -41.30 -15.22
C HIS C 180 -3.26 -41.45 -15.72
N HIS C 181 -2.28 -41.29 -14.85
CA HIS C 181 -0.89 -41.61 -15.22
C HIS C 181 -0.44 -42.93 -14.58
N PRO C 182 -0.47 -44.02 -15.35
CA PRO C 182 -0.23 -45.37 -14.82
C PRO C 182 1.18 -45.53 -14.27
N SER C 183 1.40 -46.59 -13.48
CA SER C 183 2.69 -46.81 -12.82
C SER C 183 3.67 -47.63 -13.69
N SER C 184 3.13 -48.34 -14.67
CA SER C 184 3.95 -49.25 -15.47
C SER C 184 3.31 -49.43 -16.83
N THR C 185 4.14 -49.78 -17.80
CA THR C 185 3.68 -50.18 -19.14
C THR C 185 2.65 -51.32 -19.06
N GLN C 186 2.92 -52.32 -18.23
CA GLN C 186 2.02 -53.46 -18.13
C GLN C 186 0.63 -53.01 -17.64
N GLU C 187 0.62 -52.17 -16.61
CA GLU C 187 -0.63 -51.65 -16.08
C GLU C 187 -1.36 -50.85 -17.14
N LYS C 188 -0.65 -49.95 -17.79
CA LYS C 188 -1.21 -49.15 -18.87
C LYS C 188 -1.84 -50.06 -19.93
N ASN C 189 -1.12 -51.08 -20.38
CA ASN C 189 -1.62 -51.98 -21.43
C ASN C 189 -2.88 -52.73 -21.02
N ASP C 190 -2.90 -53.23 -19.78
CA ASP C 190 -4.03 -53.96 -19.25
C ASP C 190 -5.29 -53.08 -19.14
N LEU C 191 -5.14 -51.86 -18.63
CA LEU C 191 -6.26 -50.93 -18.49
C LEU C 191 -6.77 -50.37 -19.82
N TYR C 192 -5.88 -50.00 -20.73
CA TYR C 192 -6.29 -49.26 -21.91
C TYR C 192 -5.81 -49.85 -23.25
N GLY C 193 -4.96 -50.86 -23.20
CA GLY C 193 -4.46 -51.44 -24.44
C GLY C 193 -3.09 -50.88 -24.81
N THR C 194 -2.58 -51.27 -25.98
CA THR C 194 -1.20 -50.98 -26.37
C THR C 194 -1.11 -49.74 -27.25
N GLN C 195 -2.25 -49.24 -27.72
CA GLN C 195 -2.32 -48.04 -28.54
C GLN C 195 -1.78 -46.80 -27.83
N SER C 196 -1.53 -45.74 -28.59
CA SER C 196 -1.10 -44.46 -28.01
C SER C 196 -2.31 -43.72 -27.42
N LEU C 197 -2.14 -43.19 -26.21
CA LEU C 197 -3.23 -42.57 -25.48
C LEU C 197 -3.26 -41.06 -25.69
N SER C 198 -4.44 -40.54 -25.97
CA SER C 198 -4.62 -39.12 -26.27
C SER C 198 -6.00 -38.65 -25.78
N ILE C 199 -6.02 -37.67 -24.88
CA ILE C 199 -7.28 -37.07 -24.46
C ILE C 199 -7.33 -35.61 -24.89
N SER C 200 -8.30 -35.23 -25.72
CA SER C 200 -8.43 -33.81 -26.09
C SER C 200 -9.77 -33.26 -25.62
N VAL C 201 -9.75 -32.03 -25.14
CA VAL C 201 -10.93 -31.43 -24.57
C VAL C 201 -11.14 -30.09 -25.24
N GLY C 202 -12.33 -29.83 -25.74
CA GLY C 202 -12.58 -28.55 -26.37
C GLY C 202 -13.97 -28.01 -26.21
N SER C 203 -14.03 -26.72 -25.87
CA SER C 203 -15.25 -25.92 -25.90
C SER C 203 -15.11 -24.80 -26.93
N SER C 204 -16.01 -23.82 -26.89
CA SER C 204 -15.87 -22.63 -27.74
C SER C 204 -14.68 -21.79 -27.25
N THR C 205 -14.35 -21.92 -25.96
CA THR C 205 -13.42 -21.01 -25.31
C THR C 205 -12.22 -21.74 -24.67
N TYR C 206 -12.12 -23.04 -24.87
CA TYR C 206 -11.08 -23.81 -24.19
C TYR C 206 -10.64 -24.93 -25.09
N ARG C 207 -9.34 -25.20 -25.10
CA ARG C 207 -8.81 -26.29 -25.90
C ARG C 207 -7.56 -26.84 -25.23
N ASN C 208 -7.46 -28.16 -25.11
CA ASN C 208 -6.29 -28.72 -24.45
C ASN C 208 -6.20 -30.19 -24.80
N ASN C 209 -4.99 -30.73 -24.73
CA ASN C 209 -4.76 -32.15 -25.01
C ASN C 209 -3.87 -32.72 -23.91
N PHE C 210 -4.10 -33.98 -23.56
CA PHE C 210 -3.36 -34.61 -22.47
C PHE C 210 -2.90 -35.99 -22.89
N VAL C 211 -1.70 -36.35 -22.47
CA VAL C 211 -1.17 -37.66 -22.72
C VAL C 211 -0.77 -38.31 -21.41
N PRO C 212 -1.44 -39.42 -21.03
CA PRO C 212 -1.03 -40.24 -19.90
C PRO C 212 0.44 -40.64 -20.01
N VAL C 213 1.16 -40.41 -18.93
CA VAL C 213 2.58 -40.71 -18.85
C VAL C 213 2.85 -41.87 -17.90
N VAL C 214 3.39 -42.95 -18.46
CA VAL C 214 3.76 -44.09 -17.67
C VAL C 214 5.07 -43.80 -16.94
N GLY C 215 5.06 -43.89 -15.63
CA GLY C 215 6.29 -43.60 -14.92
C GLY C 215 6.41 -44.24 -13.56
N ALA C 216 7.62 -44.68 -13.24
CA ALA C 216 7.91 -45.13 -11.89
C ALA C 216 7.87 -43.90 -10.98
N ARG C 217 7.36 -44.10 -9.78
CA ARG C 217 7.32 -43.06 -8.76
C ARG C 217 7.03 -43.77 -7.44
N PRO C 218 7.14 -43.05 -6.31
CA PRO C 218 6.91 -43.78 -5.07
C PRO C 218 5.44 -44.02 -4.80
N GLN C 219 5.15 -45.01 -3.97
CA GLN C 219 3.79 -45.32 -3.60
C GLN C 219 3.22 -44.32 -2.61
N VAL C 220 1.99 -43.88 -2.91
CA VAL C 220 1.21 -43.03 -2.03
C VAL C 220 -0.09 -43.81 -1.88
N ASN C 221 -0.64 -43.87 -0.67
CA ASN C 221 -1.74 -44.79 -0.35
C ASN C 221 -1.56 -46.18 -0.99
N GLY C 222 -0.32 -46.68 -1.03
CA GLY C 222 0.00 -47.91 -1.75
C GLY C 222 0.04 -47.88 -3.28
N LEU C 223 -0.09 -46.71 -3.89
CA LEU C 223 -0.18 -46.62 -5.36
C LEU C 223 0.86 -45.71 -6.04
N SER C 224 1.47 -46.19 -7.14
CA SER C 224 2.45 -45.42 -7.92
C SER C 224 1.83 -44.72 -9.13
N SER C 225 0.60 -45.09 -9.43
CA SER C 225 -0.18 -44.31 -10.38
C SER C 225 -0.51 -42.96 -9.80
N ARG C 226 -0.99 -42.07 -10.67
CA ARG C 226 -1.48 -40.76 -10.26
C ARG C 226 -2.72 -40.47 -11.08
N ILE C 227 -3.62 -39.72 -10.50
CA ILE C 227 -4.68 -39.09 -11.28
C ILE C 227 -4.50 -37.61 -11.03
N ASP C 228 -4.06 -36.90 -12.06
CA ASP C 228 -4.00 -35.44 -12.03
C ASP C 228 -5.36 -34.84 -12.48
N PHE C 229 -5.80 -33.79 -11.82
CA PHE C 229 -7.09 -33.17 -12.18
C PHE C 229 -6.94 -31.84 -12.93
N HIS C 230 -7.87 -31.58 -13.84
CA HIS C 230 -7.89 -30.34 -14.59
C HIS C 230 -9.31 -29.76 -14.53
N TRP C 231 -9.49 -28.48 -14.82
CA TRP C 231 -10.81 -27.87 -14.73
C TRP C 231 -10.91 -26.65 -15.64
N THR C 232 -12.13 -26.35 -16.04
CA THR C 232 -12.40 -25.14 -16.80
C THR C 232 -13.86 -24.74 -16.60
N LEU C 233 -14.18 -23.48 -16.86
CA LEU C 233 -15.57 -23.00 -16.77
C LEU C 233 -16.27 -23.16 -18.13
N VAL C 234 -17.49 -23.69 -18.13
CA VAL C 234 -18.26 -23.81 -19.37
C VAL C 234 -19.37 -22.74 -19.38
N GLN C 235 -19.32 -21.80 -20.32
CA GLN C 235 -20.28 -20.69 -20.33
C GLN C 235 -21.69 -21.12 -20.74
N PRO C 236 -22.71 -20.33 -20.34
CA PRO C 236 -24.10 -20.65 -20.71
C PRO C 236 -24.26 -20.82 -22.21
N GLY C 237 -24.86 -21.94 -22.63
CA GLY C 237 -25.07 -22.19 -24.05
C GLY C 237 -23.88 -22.81 -24.78
N ASP C 238 -22.75 -22.98 -24.09
CA ASP C 238 -21.59 -23.61 -24.72
C ASP C 238 -21.54 -25.11 -24.40
N ASN C 239 -20.82 -25.84 -25.23
CA ASN C 239 -20.59 -27.27 -25.09
C ASN C 239 -19.09 -27.55 -24.92
N ILE C 240 -18.76 -28.63 -24.23
CA ILE C 240 -17.40 -29.01 -24.08
C ILE C 240 -17.33 -30.48 -24.43
N THR C 241 -16.42 -30.82 -25.33
CA THR C 241 -16.34 -32.17 -25.85
C THR C 241 -15.03 -32.85 -25.46
N PHE C 242 -15.14 -34.03 -24.87
CA PHE C 242 -14.05 -34.92 -24.58
C PHE C 242 -13.88 -35.96 -25.68
N SER C 243 -12.70 -36.00 -26.32
CA SER C 243 -12.33 -37.03 -27.29
C SER C 243 -11.18 -37.84 -26.72
N HIS C 244 -11.35 -39.14 -26.56
CA HIS C 244 -10.41 -39.85 -25.71
C HIS C 244 -10.39 -41.29 -26.07
N ASN C 245 -9.27 -41.97 -25.79
CA ASN C 245 -9.15 -43.38 -26.09
C ASN C 245 -8.43 -44.09 -24.95
N GLY C 246 -8.52 -43.55 -23.75
CA GLY C 246 -7.97 -44.25 -22.59
C GLY C 246 -7.16 -43.32 -21.68
N GLY C 247 -7.54 -43.27 -20.42
CA GLY C 247 -6.80 -42.44 -19.49
C GLY C 247 -7.64 -41.30 -18.92
N LEU C 248 -8.78 -41.04 -19.54
CA LEU C 248 -9.70 -40.03 -19.03
C LEU C 248 -10.44 -40.56 -17.79
N ILE C 249 -10.40 -39.77 -16.71
CA ILE C 249 -11.30 -39.94 -15.59
C ILE C 249 -12.44 -38.95 -15.83
N ALA C 250 -13.57 -39.45 -16.33
CA ALA C 250 -14.64 -38.61 -16.86
C ALA C 250 -15.64 -38.13 -15.81
N PRO C 251 -16.08 -36.88 -15.92
CA PRO C 251 -17.03 -36.27 -14.98
C PRO C 251 -18.45 -36.84 -15.18
N SER C 252 -19.14 -37.18 -14.10
CA SER C 252 -20.50 -37.62 -14.21
C SER C 252 -21.43 -36.52 -13.70
N ARG C 253 -20.84 -35.53 -13.03
CA ARG C 253 -21.56 -34.34 -12.64
C ARG C 253 -20.65 -33.13 -12.76
N VAL C 254 -21.21 -31.96 -13.06
CA VAL C 254 -20.46 -30.70 -13.03
C VAL C 254 -20.98 -29.88 -11.88
N SER C 255 -20.23 -28.86 -11.49
CA SER C 255 -20.65 -28.04 -10.36
C SER C 255 -21.10 -26.68 -10.84
N LYS C 256 -21.92 -26.03 -10.02
CA LYS C 256 -22.23 -24.63 -10.25
C LYS C 256 -21.98 -23.90 -8.95
N LEU C 257 -21.05 -22.94 -8.95
CA LEU C 257 -20.81 -22.10 -7.78
C LEU C 257 -21.86 -21.00 -7.73
N ILE C 258 -22.45 -20.79 -6.56
CA ILE C 258 -23.60 -19.88 -6.45
C ILE C 258 -23.32 -18.74 -5.49
N GLY C 259 -23.52 -17.52 -5.95
CA GLY C 259 -23.36 -16.32 -5.15
C GLY C 259 -22.04 -16.16 -4.42
N ARG C 260 -22.06 -15.44 -3.30
CA ARG C 260 -20.83 -15.16 -2.59
C ARG C 260 -20.93 -15.53 -1.15
N GLY C 261 -19.78 -15.79 -0.54
CA GLY C 261 -19.68 -15.99 0.88
C GLY C 261 -18.23 -15.77 1.26
N LEU C 262 -17.98 -15.75 2.56
CA LEU C 262 -16.62 -15.56 3.10
C LEU C 262 -15.91 -16.89 3.39
N GLY C 263 -14.70 -17.05 2.89
CA GLY C 263 -13.92 -18.25 3.19
C GLY C 263 -13.01 -18.03 4.37
N ILE C 264 -13.01 -18.96 5.32
CA ILE C 264 -12.17 -18.87 6.52
C ILE C 264 -11.30 -20.12 6.63
N GLN C 265 -10.02 -19.95 6.83
CA GLN C 265 -9.15 -21.08 7.15
C GLN C 265 -8.79 -20.99 8.61
N SER C 266 -9.36 -21.86 9.42
CA SER C 266 -9.07 -21.81 10.84
C SER C 266 -9.33 -23.15 11.50
N ASP C 267 -8.57 -23.48 12.53
CA ASP C 267 -8.81 -24.68 13.34
C ASP C 267 -9.56 -24.39 14.64
N ALA C 268 -9.95 -23.14 14.88
CA ALA C 268 -10.67 -22.79 16.09
C ALA C 268 -12.06 -23.43 16.12
N PRO C 269 -12.52 -23.86 17.30
CA PRO C 269 -13.86 -24.44 17.38
C PRO C 269 -14.94 -23.41 17.12
N ILE C 270 -16.08 -23.85 16.61
CA ILE C 270 -17.17 -22.95 16.28
C ILE C 270 -18.06 -22.58 17.47
N ASP C 271 -18.39 -21.30 17.61
CA ASP C 271 -19.27 -20.80 18.66
C ASP C 271 -20.51 -20.14 18.04
N ASN C 272 -21.66 -20.77 18.21
CA ASN C 272 -22.89 -20.27 17.61
C ASN C 272 -23.60 -19.16 18.41
N ASN C 273 -23.04 -18.81 19.56
CA ASN C 273 -23.69 -17.85 20.46
C ASN C 273 -23.12 -16.43 20.37
N CYS C 274 -21.94 -16.29 19.74
CA CYS C 274 -21.37 -14.97 19.54
C CYS C 274 -21.20 -14.66 18.04
N GLU C 275 -21.31 -13.37 17.69
CA GLU C 275 -21.19 -13.00 16.30
C GLU C 275 -19.94 -12.14 16.13
N SER C 276 -19.52 -12.03 14.88
CA SER C 276 -18.27 -11.35 14.54
C SER C 276 -18.20 -11.12 13.05
N LYS C 277 -17.35 -10.20 12.66
CA LYS C 277 -17.15 -9.88 11.27
C LYS C 277 -15.69 -10.04 10.84
N CYS C 278 -14.83 -10.41 11.79
CA CYS C 278 -13.40 -10.50 11.52
C CYS C 278 -12.80 -11.82 12.00
N PHE C 279 -12.05 -12.52 11.15
CA PHE C 279 -11.55 -13.86 11.51
C PHE C 279 -10.11 -14.03 11.15
N TRP C 280 -9.43 -14.91 11.87
CA TRP C 280 -8.07 -15.26 11.52
C TRP C 280 -7.89 -16.73 11.84
N ARG C 281 -6.66 -17.22 11.79
CA ARG C 281 -6.41 -18.65 11.98
C ARG C 281 -6.82 -19.09 13.40
N GLY C 282 -6.63 -18.21 14.40
CA GLY C 282 -6.86 -18.57 15.78
C GLY C 282 -8.23 -18.21 16.36
N GLY C 283 -9.12 -17.65 15.55
CA GLY C 283 -10.46 -17.38 16.04
C GLY C 283 -11.08 -16.13 15.44
N SER C 284 -11.76 -15.35 16.28
CA SER C 284 -12.43 -14.13 15.85
C SER C 284 -11.90 -12.90 16.59
N ILE C 285 -12.19 -11.73 16.03
CA ILE C 285 -11.78 -10.47 16.65
C ILE C 285 -12.97 -9.56 16.71
N ASN C 286 -13.41 -9.28 17.93
CA ASN C 286 -14.58 -8.47 18.20
C ASN C 286 -14.21 -7.19 18.93
N THR C 287 -14.07 -6.07 18.22
CA THR C 287 -13.60 -4.85 18.89
C THR C 287 -14.09 -3.62 18.14
N ARG C 288 -14.31 -2.52 18.87
CA ARG C 288 -14.67 -1.25 18.25
C ARG C 288 -13.38 -0.51 17.87
N LEU C 289 -12.27 -0.97 18.43
CA LEU C 289 -10.96 -0.33 18.19
C LEU C 289 -10.52 -0.43 16.73
N PRO C 290 -9.83 0.60 16.23
CA PRO C 290 -9.49 0.67 14.80
C PRO C 290 -8.23 -0.14 14.44
N PHE C 291 -7.46 -0.51 15.46
CA PHE C 291 -6.24 -1.28 15.26
C PHE C 291 -6.28 -2.59 16.08
N GLN C 292 -5.49 -3.59 15.65
CA GLN C 292 -5.36 -4.84 16.40
C GLN C 292 -3.95 -5.34 16.24
N ASN C 293 -3.42 -6.08 17.21
CA ASN C 293 -2.08 -6.63 17.04
C ASN C 293 -2.11 -8.17 17.10
N LEU C 294 -3.29 -8.74 16.94
CA LEU C 294 -3.49 -10.20 16.93
C LEU C 294 -2.88 -10.91 15.75
N SER C 295 -3.16 -10.41 14.55
CA SER C 295 -2.63 -11.09 13.36
C SER C 295 -2.61 -10.22 12.10
N PRO C 296 -1.54 -10.35 11.32
CA PRO C 296 -1.45 -9.70 10.01
C PRO C 296 -2.33 -10.36 8.96
N ARG C 297 -2.83 -11.55 9.23
CA ARG C 297 -3.65 -12.24 8.24
C ARG C 297 -5.07 -12.42 8.74
N THR C 298 -5.97 -11.58 8.26
CA THR C 298 -7.35 -11.65 8.69
C THR C 298 -8.27 -11.66 7.49
N VAL C 299 -9.54 -12.02 7.69
CA VAL C 299 -10.53 -11.93 6.63
C VAL C 299 -11.77 -11.31 7.20
N GLY C 300 -12.56 -10.71 6.32
CA GLY C 300 -13.79 -10.04 6.70
C GLY C 300 -13.55 -8.54 6.85
N GLN C 301 -14.27 -7.94 7.80
CA GLN C 301 -14.18 -6.50 8.11
C GLN C 301 -13.40 -6.31 9.41
N CYS C 302 -12.13 -5.93 9.29
CA CYS C 302 -11.21 -6.05 10.42
C CYS C 302 -10.57 -4.73 10.80
N PRO C 303 -10.19 -4.60 12.08
CA PRO C 303 -9.27 -3.53 12.46
C PRO C 303 -7.93 -3.68 11.74
N LYS C 304 -7.29 -2.56 11.45
CA LYS C 304 -6.01 -2.61 10.73
C LYS C 304 -4.90 -3.19 11.61
N TYR C 305 -4.15 -4.17 11.12
CA TYR C 305 -3.06 -4.73 11.94
C TYR C 305 -1.89 -3.74 12.17
N VAL C 306 -1.43 -3.61 13.41
CA VAL C 306 -0.27 -2.76 13.68
C VAL C 306 0.81 -3.48 14.49
N ASN C 307 2.05 -3.09 14.23
CA ASN C 307 3.23 -3.63 14.89
C ASN C 307 3.47 -3.11 16.32
N ARG C 308 2.41 -2.89 17.09
CA ARG C 308 2.56 -2.38 18.46
C ARG C 308 1.66 -3.09 19.45
N ARG C 309 2.20 -3.37 20.64
CA ARG C 309 1.43 -3.92 21.74
C ARG C 309 0.38 -2.93 22.29
N SER C 310 0.74 -1.65 22.37
CA SER C 310 -0.13 -0.66 23.01
C SER C 310 0.05 0.78 22.54
N LEU C 311 -1.07 1.46 22.28
CA LEU C 311 -1.07 2.89 21.98
C LEU C 311 -2.18 3.56 22.79
N MET C 312 -1.79 4.30 23.82
CA MET C 312 -2.76 4.89 24.72
C MET C 312 -3.17 6.26 24.22
N LEU C 313 -4.47 6.47 24.13
CA LEU C 313 -5.02 7.74 23.75
C LEU C 313 -5.53 8.50 25.01
N ALA C 314 -4.90 9.62 25.36
CA ALA C 314 -5.33 10.43 26.50
C ALA C 314 -6.80 10.78 26.47
N THR C 315 -7.49 10.57 27.59
CA THR C 315 -8.89 10.94 27.68
C THR C 315 -9.08 11.92 28.85
N GLY C 316 -7.98 12.56 29.25
CA GLY C 316 -8.00 13.62 30.24
C GLY C 316 -6.82 14.60 30.16
N MET C 317 -6.80 15.55 31.07
CA MET C 317 -5.76 16.57 31.09
C MET C 317 -4.46 16.00 31.65
N ARG C 318 -3.40 16.79 31.49
CA ARG C 318 -2.14 16.56 32.18
C ARG C 318 -2.38 16.31 33.68
N ASN C 319 -1.67 15.34 34.24
CA ASN C 319 -1.80 15.01 35.66
C ASN C 319 -0.68 15.64 36.44
N VAL C 320 -1.02 16.65 37.23
CA VAL C 320 -0.08 17.37 38.09
C VAL C 320 -0.42 17.19 39.57
N PRO C 321 0.09 16.13 40.19
CA PRO C 321 -0.31 15.86 41.59
C PRO C 321 0.43 16.76 42.57
N GLU C 322 -0.04 16.81 43.81
CA GLU C 322 0.59 17.63 44.86
C GLU C 322 1.97 17.08 45.25
N LEU C 323 2.93 18.00 45.41
CA LEU C 323 4.29 17.64 45.83
C LEU C 323 4.34 16.99 47.21
N LEU D 1 0.17 25.17 24.09
CA LEU D 1 0.06 25.44 25.53
C LEU D 1 -0.35 26.85 25.93
N PHE D 2 -1.28 26.88 26.87
CA PHE D 2 -1.93 28.09 27.30
C PHE D 2 -1.45 28.61 28.65
N GLY D 3 -0.52 27.92 29.29
CA GLY D 3 0.16 28.52 30.43
C GLY D 3 -0.43 28.29 31.81
N ALA D 4 -1.65 27.76 31.86
CA ALA D 4 -2.30 27.46 33.15
C ALA D 4 -1.93 26.11 33.74
N ILE D 5 -2.45 25.03 33.16
CA ILE D 5 -2.22 23.68 33.67
C ILE D 5 -0.76 23.28 33.51
N ALA D 6 -0.11 22.90 34.61
CA ALA D 6 1.35 22.74 34.69
C ALA D 6 2.10 24.02 34.32
N GLY D 7 1.43 25.16 34.48
CA GLY D 7 2.03 26.46 34.24
C GLY D 7 2.00 27.30 35.50
N PHE D 8 1.19 28.36 35.48
CA PHE D 8 1.13 29.26 36.63
C PHE D 8 0.21 28.70 37.73
N LEU D 9 -0.51 27.63 37.41
CA LEU D 9 -1.20 26.86 38.44
C LEU D 9 -0.24 25.77 38.91
N GLU D 10 0.22 25.89 40.15
CA GLU D 10 1.24 25.02 40.73
C GLU D 10 0.89 23.53 40.59
N ASN D 11 -0.39 23.19 40.72
CA ASN D 11 -0.81 21.79 40.65
C ASN D 11 -2.33 21.59 40.64
N GLY D 12 -2.73 20.34 40.43
CA GLY D 12 -4.13 19.97 40.42
C GLY D 12 -4.61 19.60 41.81
N TRP D 13 -5.92 19.62 42.00
CA TRP D 13 -6.53 19.26 43.28
C TRP D 13 -7.06 17.85 43.25
N GLU D 14 -6.47 16.96 44.04
CA GLU D 14 -6.96 15.58 44.09
C GLU D 14 -8.33 15.52 44.72
N GLY D 15 -8.61 16.44 45.64
CA GLY D 15 -9.87 16.45 46.35
C GLY D 15 -11.06 16.90 45.54
N MET D 16 -10.83 17.37 44.32
CA MET D 16 -11.96 17.71 43.45
C MET D 16 -12.39 16.50 42.64
N VAL D 17 -13.67 16.18 42.71
CA VAL D 17 -14.17 14.93 42.15
C VAL D 17 -15.50 15.07 41.41
N ASP D 18 -16.07 16.27 41.41
CA ASP D 18 -17.34 16.49 40.71
C ASP D 18 -17.14 17.35 39.46
N GLY D 19 -15.91 17.40 38.98
CA GLY D 19 -15.59 18.21 37.81
C GLY D 19 -14.11 18.24 37.52
N TRP D 20 -13.79 18.77 36.35
CA TRP D 20 -12.40 18.87 35.91
C TRP D 20 -11.80 20.19 36.32
N TYR D 21 -12.64 21.23 36.34
CA TYR D 21 -12.26 22.56 36.73
C TYR D 21 -13.21 23.03 37.83
N GLY D 22 -12.69 23.86 38.74
CA GLY D 22 -13.50 24.38 39.83
C GLY D 22 -12.87 25.49 40.66
N PHE D 23 -13.66 26.00 41.61
CA PHE D 23 -13.29 27.12 42.46
C PHE D 23 -12.99 26.73 43.90
N ARG D 24 -11.89 27.24 44.45
CA ARG D 24 -11.69 27.26 45.90
C ARG D 24 -11.71 28.71 46.39
N HIS D 25 -12.29 28.92 47.57
CA HIS D 25 -12.38 30.28 48.11
C HIS D 25 -12.14 30.28 49.60
N GLN D 26 -11.78 31.46 50.10
CA GLN D 26 -11.63 31.67 51.54
C GLN D 26 -12.20 33.04 51.89
N ASN D 27 -13.12 33.06 52.86
CA ASN D 27 -13.67 34.32 53.36
C ASN D 27 -13.86 34.23 54.89
N ALA D 28 -14.62 35.15 55.45
CA ALA D 28 -14.85 35.20 56.91
C ALA D 28 -15.50 33.90 57.39
N GLN D 29 -16.56 33.49 56.69
CA GLN D 29 -17.31 32.27 57.02
C GLN D 29 -16.46 30.99 56.95
N GLY D 30 -15.37 31.03 56.20
CA GLY D 30 -14.53 29.86 56.04
C GLY D 30 -14.13 29.64 54.59
N THR D 31 -13.91 28.38 54.23
CA THR D 31 -13.46 28.00 52.89
C THR D 31 -14.43 27.04 52.22
N GLY D 32 -14.46 27.05 50.88
CA GLY D 32 -15.33 26.15 50.13
C GLY D 32 -14.78 25.71 48.78
N GLN D 33 -15.22 24.53 48.33
CA GLN D 33 -14.82 23.97 47.03
C GLN D 33 -16.02 23.56 46.18
N ALA D 34 -16.16 24.19 45.02
CA ALA D 34 -17.21 23.85 44.05
C ALA D 34 -16.60 23.62 42.64
N ALA D 35 -17.03 22.57 41.95
CA ALA D 35 -16.56 22.34 40.57
C ALA D 35 -17.31 23.27 39.62
N ASP D 36 -16.77 23.50 38.43
CA ASP D 36 -17.51 24.25 37.41
C ASP D 36 -18.05 23.34 36.31
N TYR D 37 -19.36 23.31 36.16
CA TYR D 37 -20.02 22.35 35.28
C TYR D 37 -19.75 22.65 33.80
N LYS D 38 -19.92 23.92 33.43
CA LYS D 38 -19.85 24.34 32.05
C LYS D 38 -18.45 24.15 31.43
N SER D 39 -17.40 24.47 32.17
CA SER D 39 -16.06 24.27 31.65
C SER D 39 -15.75 22.77 31.65
N THR D 40 -16.24 22.06 32.66
CA THR D 40 -15.98 20.63 32.79
C THR D 40 -16.64 19.87 31.64
N GLN D 41 -17.82 20.31 31.20
CA GLN D 41 -18.51 19.64 30.10
C GLN D 41 -17.94 19.99 28.73
N ALA D 42 -17.43 21.21 28.59
CA ALA D 42 -16.80 21.63 27.35
C ALA D 42 -15.62 20.71 27.06
N ALA D 43 -14.86 20.38 28.10
CA ALA D 43 -13.68 19.54 27.94
C ALA D 43 -14.10 18.13 27.61
N ILE D 44 -14.95 17.56 28.47
CA ILE D 44 -15.42 16.18 28.31
C ILE D 44 -16.08 15.92 26.95
N ASP D 45 -16.87 16.88 26.46
CA ASP D 45 -17.55 16.75 25.17
C ASP D 45 -16.56 16.67 24.03
N GLN D 46 -15.49 17.45 24.11
CA GLN D 46 -14.46 17.40 23.08
C GLN D 46 -13.77 16.04 23.09
N ILE D 47 -13.52 15.48 24.27
CA ILE D 47 -12.91 14.17 24.39
C ILE D 47 -13.82 13.09 23.78
N THR D 48 -15.11 13.14 24.10
CA THR D 48 -16.02 12.13 23.54
C THR D 48 -16.21 12.31 22.02
N GLY D 49 -15.92 13.49 21.50
CA GLY D 49 -15.95 13.73 20.07
C GLY D 49 -14.79 13.02 19.38
N LYS D 50 -13.62 13.03 20.00
CA LYS D 50 -12.47 12.30 19.49
C LYS D 50 -12.69 10.79 19.55
N LEU D 51 -13.31 10.34 20.64
CA LEU D 51 -13.54 8.93 20.88
C LEU D 51 -14.53 8.39 19.87
N ASN D 52 -15.49 9.20 19.48
CA ASN D 52 -16.42 8.83 18.45
C ASN D 52 -15.74 8.66 17.09
N ARG D 53 -14.84 9.56 16.73
CA ARG D 53 -14.10 9.41 15.48
C ARG D 53 -13.28 8.13 15.52
N LEU D 54 -12.85 7.76 16.71
CA LEU D 54 -12.00 6.60 16.92
C LEU D 54 -12.69 5.27 16.57
N VAL D 55 -13.97 5.16 16.91
CA VAL D 55 -14.68 3.90 16.75
C VAL D 55 -15.57 3.84 15.50
N GLU D 56 -15.44 4.83 14.62
CA GLU D 56 -16.05 4.81 13.29
C GLU D 56 -15.40 3.70 12.45
N LYS D 57 -16.20 2.92 11.70
CA LYS D 57 -15.62 1.81 10.94
C LYS D 57 -16.34 1.56 9.59
N THR D 60 -14.58 -2.07 5.07
CA THR D 60 -14.15 -2.74 3.83
C THR D 60 -13.96 -4.22 4.11
N GLU D 61 -14.59 -5.06 3.29
CA GLU D 61 -14.45 -6.51 3.42
C GLU D 61 -13.21 -7.02 2.70
N PHE D 62 -12.35 -7.74 3.40
CA PHE D 62 -11.21 -8.34 2.72
C PHE D 62 -11.34 -9.85 2.69
N GLU D 63 -10.90 -10.47 1.60
CA GLU D 63 -10.86 -11.92 1.52
C GLU D 63 -9.41 -12.35 1.72
N SER D 64 -9.18 -13.66 1.77
CA SER D 64 -7.81 -14.17 1.91
C SER D 64 -7.03 -14.16 0.59
N ILE D 65 -5.73 -13.90 0.66
CA ILE D 65 -4.88 -14.03 -0.52
C ILE D 65 -3.63 -14.82 -0.16
N GLU D 66 -3.66 -15.49 0.98
CA GLU D 66 -2.52 -16.21 1.46
C GLU D 66 -3.08 -17.44 2.16
N SER D 67 -2.88 -18.61 1.56
CA SER D 67 -3.43 -19.81 2.13
C SER D 67 -2.72 -20.19 3.41
N GLU D 68 -3.52 -20.38 4.46
CA GLU D 68 -3.01 -20.82 5.75
C GLU D 68 -2.44 -22.26 5.75
N PHE D 69 -3.07 -23.17 5.01
CA PHE D 69 -2.79 -24.60 5.11
C PHE D 69 -2.10 -25.27 3.91
N SER D 70 -1.79 -24.49 2.88
CA SER D 70 -1.13 -25.07 1.70
C SER D 70 -0.10 -24.08 1.17
N GLU D 71 0.87 -24.60 0.43
CA GLU D 71 1.98 -23.81 -0.07
C GLU D 71 1.53 -22.77 -1.08
N ILE D 72 2.19 -21.64 -1.04
CA ILE D 72 1.89 -20.55 -1.96
C ILE D 72 3.09 -20.48 -2.91
N GLU D 73 2.83 -20.33 -4.20
CA GLU D 73 3.90 -20.15 -5.19
C GLU D 73 4.90 -19.10 -4.67
N HIS D 74 6.18 -19.41 -4.76
CA HIS D 74 7.20 -18.65 -4.05
C HIS D 74 7.30 -17.17 -4.47
N GLN D 75 7.28 -16.87 -5.76
CA GLN D 75 7.49 -15.48 -6.20
C GLN D 75 6.28 -14.60 -5.83
N ILE D 76 5.07 -15.10 -6.06
CA ILE D 76 3.89 -14.33 -5.70
C ILE D 76 3.77 -14.25 -4.17
N GLY D 77 4.20 -15.29 -3.46
CA GLY D 77 4.22 -15.29 -2.01
C GLY D 77 5.16 -14.21 -1.47
N ASN D 78 6.27 -13.95 -2.17
CA ASN D 78 7.16 -12.85 -1.82
C ASN D 78 6.56 -11.46 -2.12
N VAL D 79 5.82 -11.33 -3.21
CA VAL D 79 5.19 -10.05 -3.54
C VAL D 79 4.15 -9.73 -2.46
N ILE D 80 3.37 -10.73 -2.05
CA ILE D 80 2.32 -10.54 -1.05
C ILE D 80 2.90 -10.13 0.30
N ASN D 81 3.94 -10.84 0.75
CA ASN D 81 4.65 -10.51 1.98
C ASN D 81 5.17 -9.07 1.95
N TRP D 82 5.80 -8.66 0.85
CA TRP D 82 6.33 -7.31 0.72
C TRP D 82 5.19 -6.28 0.84
N THR D 83 4.09 -6.56 0.15
CA THR D 83 2.93 -5.65 0.12
C THR D 83 2.27 -5.53 1.50
N LYS D 84 2.04 -6.68 2.12
CA LYS D 84 1.42 -6.72 3.41
C LYS D 84 2.29 -6.03 4.47
N ASP D 85 3.59 -6.31 4.47
CA ASP D 85 4.52 -5.63 5.38
C ASP D 85 4.57 -4.12 5.11
N SER D 86 4.51 -3.71 3.85
CA SER D 86 4.49 -2.29 3.54
C SER D 86 3.20 -1.61 4.02
N ILE D 87 2.06 -2.27 3.85
CA ILE D 87 0.79 -1.77 4.37
C ILE D 87 0.87 -1.66 5.91
N THR D 88 1.49 -2.65 6.55
CA THR D 88 1.56 -2.67 8.00
C THR D 88 2.47 -1.58 8.56
N ASP D 89 3.60 -1.33 7.90
CA ASP D 89 4.45 -0.16 8.23
C ASP D 89 3.66 1.15 8.15
N ILE D 90 2.87 1.31 7.08
CA ILE D 90 2.03 2.50 6.96
C ILE D 90 1.01 2.62 8.11
N TRP D 91 0.27 1.56 8.43
CA TRP D 91 -0.74 1.66 9.49
C TRP D 91 -0.12 1.89 10.86
N THR D 92 1.01 1.24 11.12
CA THR D 92 1.72 1.39 12.38
C THR D 92 2.17 2.83 12.57
N TYR D 93 2.77 3.39 11.53
CA TYR D 93 3.13 4.81 11.53
C TYR D 93 1.89 5.70 11.75
N GLN D 94 0.82 5.46 10.99
CA GLN D 94 -0.40 6.23 11.12
C GLN D 94 -1.00 6.11 12.53
N ALA D 95 -0.93 4.91 13.11
CA ALA D 95 -1.49 4.73 14.44
C ALA D 95 -0.66 5.51 15.46
N GLU D 96 0.66 5.49 15.32
CA GLU D 96 1.52 6.22 16.26
C GLU D 96 1.29 7.73 16.13
N LEU D 97 1.16 8.19 14.90
CA LEU D 97 0.93 9.61 14.64
C LEU D 97 -0.40 10.11 15.19
N LEU D 98 -1.45 9.33 14.97
CA LEU D 98 -2.80 9.68 15.42
C LEU D 98 -2.82 9.94 16.91
N VAL D 99 -2.28 9.00 17.65
CA VAL D 99 -2.35 9.01 19.08
C VAL D 99 -1.49 10.17 19.62
N ALA D 100 -0.29 10.33 19.06
CA ALA D 100 0.62 11.38 19.49
C ALA D 100 0.02 12.75 19.22
N MET D 101 -0.41 12.98 18.00
CA MET D 101 -1.02 14.26 17.63
C MET D 101 -2.33 14.50 18.43
N GLU D 102 -3.10 13.45 18.64
CA GLU D 102 -4.36 13.60 19.36
C GLU D 102 -4.10 13.91 20.84
N ASN D 103 -3.13 13.21 21.43
CA ASN D 103 -2.78 13.45 22.83
C ASN D 103 -2.28 14.85 23.07
N GLN D 104 -1.44 15.33 22.15
CA GLN D 104 -0.93 16.68 22.20
C GLN D 104 -2.07 17.67 22.28
N HIS D 105 -3.00 17.53 21.34
CA HIS D 105 -4.14 18.42 21.24
C HIS D 105 -5.05 18.35 22.46
N THR D 106 -5.26 17.14 22.98
CA THR D 106 -6.18 16.96 24.09
C THR D 106 -5.66 17.68 25.35
N ILE D 107 -4.37 17.52 25.62
CA ILE D 107 -3.71 18.18 26.74
C ILE D 107 -3.79 19.69 26.65
N ASP D 108 -3.61 20.22 25.44
CA ASP D 108 -3.60 21.66 25.22
C ASP D 108 -5.01 22.27 25.23
N MET D 109 -5.99 21.49 24.78
CA MET D 109 -7.39 21.89 24.82
C MET D 109 -7.89 21.95 26.28
N ALA D 110 -7.49 20.98 27.09
CA ALA D 110 -7.81 20.99 28.51
C ALA D 110 -7.20 22.22 29.18
N ASP D 111 -5.93 22.51 28.86
CA ASP D 111 -5.25 23.70 29.34
C ASP D 111 -6.03 24.96 28.95
N SER D 112 -6.48 24.98 27.71
CA SER D 112 -7.27 26.07 27.18
C SER D 112 -8.58 26.35 27.94
N GLU D 113 -9.28 25.30 28.35
CA GLU D 113 -10.57 25.48 29.02
C GLU D 113 -10.36 26.02 30.43
N MET D 114 -9.27 25.63 31.07
CA MET D 114 -8.87 26.22 32.35
C MET D 114 -8.62 27.72 32.20
N LEU D 115 -7.82 28.08 31.20
CA LEU D 115 -7.50 29.49 30.96
C LEU D 115 -8.76 30.30 30.70
N ASN D 116 -9.69 29.71 29.95
CA ASN D 116 -10.91 30.42 29.57
C ASN D 116 -11.84 30.66 30.77
N LEU D 117 -11.86 29.74 31.72
CA LEU D 117 -12.60 29.92 32.93
C LEU D 117 -11.95 31.04 33.78
N TYR D 118 -10.63 30.98 33.87
CA TYR D 118 -9.84 31.99 34.56
C TYR D 118 -10.06 33.38 33.99
N GLU D 119 -10.19 33.46 32.68
CA GLU D 119 -10.36 34.74 32.01
C GLU D 119 -11.79 35.27 32.14
N ARG D 120 -12.75 34.35 32.19
CA ARG D 120 -14.14 34.73 32.37
C ARG D 120 -14.30 35.39 33.76
N VAL D 121 -13.76 34.76 34.79
CA VAL D 121 -13.80 35.29 36.14
C VAL D 121 -13.09 36.65 36.25
N ARG D 122 -11.91 36.76 35.63
CA ARG D 122 -11.13 37.99 35.64
C ARG D 122 -11.93 39.18 35.11
N LYS D 123 -12.56 39.02 33.95
CA LYS D 123 -13.34 40.11 33.38
C LYS D 123 -14.63 40.36 34.16
N GLN D 124 -15.05 39.36 34.93
CA GLN D 124 -16.24 39.44 35.73
C GLN D 124 -15.94 40.32 36.95
N LEU D 125 -14.85 39.99 37.64
CA LEU D 125 -14.39 40.72 38.82
C LEU D 125 -13.97 42.14 38.52
N ARG D 126 -13.51 42.36 37.29
CA ARG D 126 -13.22 43.70 36.80
C ARG D 126 -12.21 44.40 37.75
N GLN D 127 -12.54 45.59 38.23
CA GLN D 127 -11.59 46.33 39.07
C GLN D 127 -11.69 46.04 40.57
N ASN D 128 -12.47 45.02 40.97
CA ASN D 128 -12.67 44.74 42.39
C ASN D 128 -11.69 43.72 42.93
N ALA D 129 -10.83 43.18 42.06
CA ALA D 129 -9.88 42.17 42.50
C ALA D 129 -8.57 42.25 41.72
N GLU D 130 -7.54 41.58 42.24
CA GLU D 130 -6.26 41.54 41.56
C GLU D 130 -5.74 40.11 41.57
N GLU D 131 -4.99 39.76 40.52
CA GLU D 131 -4.46 38.42 40.38
C GLU D 131 -3.17 38.28 41.15
N ASP D 132 -3.00 37.15 41.83
CA ASP D 132 -1.77 36.90 42.56
C ASP D 132 -0.74 36.14 41.73
N GLY D 133 -1.10 35.71 40.53
CA GLY D 133 -0.17 35.01 39.66
C GLY D 133 -0.08 33.50 39.84
N LYS D 134 -0.81 32.98 40.83
CA LYS D 134 -0.86 31.54 41.11
C LYS D 134 -2.29 31.04 40.85
N GLY D 135 -3.07 31.83 40.12
CA GLY D 135 -4.42 31.44 39.76
C GLY D 135 -5.51 31.93 40.69
N CYS D 136 -5.12 32.76 41.66
CA CYS D 136 -6.06 33.28 42.66
C CYS D 136 -6.36 34.73 42.40
N PHE D 137 -7.58 35.14 42.74
CA PHE D 137 -7.96 36.54 42.66
C PHE D 137 -8.12 37.08 44.09
N GLU D 138 -7.26 38.00 44.50
CA GLU D 138 -7.39 38.63 45.80
C GLU D 138 -8.52 39.65 45.67
N ILE D 139 -9.61 39.41 46.38
CA ILE D 139 -10.77 40.29 46.32
C ILE D 139 -10.71 41.41 47.38
N TYR D 140 -10.89 42.64 46.93
CA TYR D 140 -10.68 43.80 47.80
C TYR D 140 -11.99 44.31 48.39
N HIS D 141 -12.93 43.39 48.61
CA HIS D 141 -14.09 43.70 49.44
C HIS D 141 -14.48 42.46 50.20
N ALA D 142 -15.40 42.64 51.15
CA ALA D 142 -15.94 41.51 51.90
C ALA D 142 -16.88 40.75 50.96
N CYS D 143 -16.66 39.44 50.84
CA CYS D 143 -17.46 38.61 49.93
C CYS D 143 -17.90 37.34 50.65
N ASP D 144 -19.15 37.34 51.11
CA ASP D 144 -19.69 36.19 51.82
C ASP D 144 -20.08 35.06 50.87
N ASP D 145 -20.51 33.93 51.43
CA ASP D 145 -20.75 32.71 50.66
C ASP D 145 -21.71 32.87 49.48
N SER D 146 -22.64 33.81 49.59
CA SER D 146 -23.56 34.07 48.49
C SER D 146 -22.92 34.92 47.41
N CYS D 147 -21.97 35.75 47.81
CA CYS D 147 -21.20 36.57 46.87
C CYS D 147 -20.24 35.67 46.08
N MET D 148 -19.66 34.68 46.75
CA MET D 148 -18.81 33.71 46.11
C MET D 148 -19.59 32.92 45.05
N GLU D 149 -20.76 32.38 45.41
CA GLU D 149 -21.63 31.72 44.44
C GLU D 149 -22.02 32.65 43.29
N SER D 150 -22.09 33.94 43.59
CA SER D 150 -22.36 34.94 42.57
C SER D 150 -21.26 34.99 41.51
N ILE D 151 -20.03 34.67 41.93
CA ILE D 151 -18.88 34.64 41.04
C ILE D 151 -18.87 33.39 40.17
N ARG D 152 -19.32 32.27 40.73
CA ARG D 152 -19.37 31.01 39.98
C ARG D 152 -20.53 30.92 38.98
N ASN D 153 -21.66 31.54 39.28
CA ASN D 153 -22.82 31.46 38.40
C ASN D 153 -22.81 32.58 37.39
N ASN D 154 -21.74 33.35 37.37
CA ASN D 154 -21.58 34.42 36.40
C ASN D 154 -22.70 35.45 36.59
N THR D 155 -23.09 35.66 37.85
CA THR D 155 -24.11 36.65 38.22
C THR D 155 -23.55 37.85 39.00
N TYR D 156 -22.24 37.85 39.25
CA TYR D 156 -21.55 38.92 39.98
C TYR D 156 -21.63 40.28 39.28
N ASP D 157 -22.31 41.24 39.90
CA ASP D 157 -22.30 42.60 39.39
C ASP D 157 -21.19 43.39 40.07
N HIS D 158 -20.14 43.70 39.31
CA HIS D 158 -18.98 44.41 39.86
C HIS D 158 -19.32 45.80 40.42
N SER D 159 -20.20 46.53 39.74
CA SER D 159 -20.47 47.94 40.05
C SER D 159 -21.07 48.12 41.43
N GLN D 160 -21.57 47.02 42.00
CA GLN D 160 -22.13 47.01 43.34
C GLN D 160 -21.06 47.12 44.42
N TYR D 161 -19.88 46.55 44.19
CA TYR D 161 -18.82 46.62 45.18
C TYR D 161 -17.68 47.55 44.75
N ARG D 162 -17.84 48.19 43.60
CA ARG D 162 -16.73 48.91 42.98
C ARG D 162 -16.16 50.01 43.86
N GLU D 163 -17.00 50.92 44.35
CA GLU D 163 -16.52 52.08 45.09
C GLU D 163 -15.74 51.65 46.33
N GLU D 164 -16.29 50.69 47.08
CA GLU D 164 -15.57 50.13 48.21
C GLU D 164 -14.26 49.43 47.80
N ALA D 165 -14.28 48.66 46.71
CA ALA D 165 -13.09 47.92 46.28
C ALA D 165 -11.94 48.85 45.92
N LEU D 166 -12.25 49.86 45.10
CA LEU D 166 -11.27 50.85 44.70
C LEU D 166 -10.62 51.57 45.89
N LEU D 167 -11.39 51.81 46.95
CA LEU D 167 -10.82 52.50 48.11
C LEU D 167 -9.80 51.61 48.79
N ASN D 168 -10.08 50.31 48.81
CA ASN D 168 -9.18 49.36 49.44
C ASN D 168 -7.95 49.08 48.58
N ARG D 169 -8.10 49.16 47.26
CA ARG D 169 -6.98 48.92 46.36
C ARG D 169 -6.03 50.10 46.39
N LEU D 170 -6.59 51.28 46.66
CA LEU D 170 -5.80 52.50 46.62
C LEU D 170 -5.24 52.89 48.00
N ASN D 171 -5.63 52.17 49.05
CA ASN D 171 -5.17 52.51 50.41
C ASN D 171 -4.72 51.29 51.22
N ASP E 5 12.08 54.16 32.80
CA ASP E 5 12.32 53.00 33.67
C ASP E 5 11.50 51.76 33.24
N LYS E 6 12.15 50.88 32.48
CA LYS E 6 11.46 49.94 31.61
C LYS E 6 12.08 48.53 31.62
N ILE E 7 11.25 47.49 31.54
CA ILE E 7 11.78 46.14 31.26
C ILE E 7 11.02 45.53 30.06
N CYS E 8 11.81 45.08 29.09
CA CYS E 8 11.31 44.64 27.80
C CYS E 8 11.51 43.15 27.65
N LEU E 9 10.50 42.45 27.13
CA LEU E 9 10.68 41.06 26.79
C LEU E 9 10.91 40.86 25.31
N GLY E 10 11.66 39.82 24.97
CA GLY E 10 11.98 39.57 23.58
C GLY E 10 12.56 38.18 23.36
N HIS E 11 12.90 37.90 22.09
CA HIS E 11 13.34 36.59 21.67
C HIS E 11 14.52 36.75 20.73
N HIS E 12 15.34 35.71 20.58
CA HIS E 12 16.49 35.86 19.69
C HIS E 12 16.04 35.81 18.24
N ALA E 13 16.93 36.28 17.37
CA ALA E 13 16.79 36.10 15.95
C ALA E 13 18.17 35.86 15.38
N VAL E 14 18.26 35.44 14.11
CA VAL E 14 19.57 35.22 13.51
C VAL E 14 19.69 35.96 12.21
N ALA E 15 20.94 36.16 11.80
CA ALA E 15 21.26 36.87 10.56
C ALA E 15 20.72 36.13 9.36
N ASN E 16 20.99 34.84 9.30
CA ASN E 16 20.51 34.03 8.19
C ASN E 16 19.56 32.91 8.66
N GLY E 17 18.27 33.11 8.42
CA GLY E 17 17.28 32.10 8.77
C GLY E 17 17.20 30.99 7.73
N THR E 18 16.41 29.96 8.01
CA THR E 18 16.16 28.87 7.07
C THR E 18 14.70 28.86 6.66
N ILE E 19 14.45 28.55 5.40
CA ILE E 19 13.09 28.50 4.92
C ILE E 19 12.49 27.10 5.09
N VAL E 20 11.35 27.01 5.77
CA VAL E 20 10.64 25.73 5.92
C VAL E 20 9.19 25.89 5.46
N LYS E 21 8.50 24.76 5.34
CA LYS E 21 7.08 24.77 4.97
C LYS E 21 6.22 24.46 6.17
N THR E 22 5.04 25.09 6.21
CA THR E 22 4.04 24.82 7.23
C THR E 22 2.70 24.51 6.54
N LEU E 23 1.67 24.27 7.33
CA LEU E 23 0.34 24.01 6.76
C LEU E 23 -0.22 25.21 6.00
N THR E 24 0.23 26.42 6.34
CA THR E 24 -0.39 27.65 5.82
C THR E 24 0.56 28.51 4.98
N ASN E 25 1.80 28.05 4.84
CA ASN E 25 2.85 28.90 4.34
C ASN E 25 4.02 28.08 3.83
N GLU E 26 4.25 28.11 2.53
CA GLU E 26 5.57 27.74 2.03
C GLU E 26 6.44 28.97 2.24
N GLN E 27 7.75 28.85 2.28
CA GLN E 27 8.60 30.02 2.54
C GLN E 27 8.36 30.67 3.91
N GLU E 28 8.25 29.87 4.96
CA GLU E 28 8.24 30.41 6.32
C GLU E 28 9.67 30.46 6.85
N GLU E 29 10.17 31.66 7.18
CA GLU E 29 11.55 31.75 7.64
C GLU E 29 11.65 31.50 9.14
N VAL E 30 12.53 30.56 9.47
CA VAL E 30 12.72 30.02 10.80
C VAL E 30 14.20 30.12 11.19
N THR E 31 14.53 30.09 12.49
CA THR E 31 15.91 30.34 12.91
C THR E 31 16.84 29.16 12.67
N ASN E 32 16.29 27.94 12.62
CA ASN E 32 17.07 26.74 12.36
C ASN E 32 16.19 25.58 11.84
N ALA E 33 16.75 24.71 11.02
CA ALA E 33 16.03 23.52 10.55
C ALA E 33 17.00 22.36 10.26
N THR E 34 16.53 21.12 10.39
CA THR E 34 17.29 19.96 9.93
C THR E 34 16.52 19.15 8.89
N GLU E 35 17.29 18.37 8.15
CA GLU E 35 16.79 17.60 7.03
C GLU E 35 16.12 16.33 7.56
N THR E 36 14.99 15.95 6.98
CA THR E 36 14.36 14.66 7.32
C THR E 36 14.53 13.64 6.18
N VAL E 37 15.03 14.09 5.04
CA VAL E 37 15.18 13.21 3.90
C VAL E 37 16.65 12.95 3.59
N GLU E 38 17.12 11.74 3.87
CA GLU E 38 18.49 11.34 3.53
C GLU E 38 18.73 11.29 2.01
N SER E 39 19.71 12.06 1.55
CA SER E 39 19.98 12.14 0.13
C SER E 39 21.36 11.58 -0.28
N THR E 40 22.14 11.16 0.70
CA THR E 40 23.47 10.65 0.40
C THR E 40 23.68 9.26 0.99
N GLY E 41 24.08 8.32 0.14
CA GLY E 41 24.35 6.99 0.62
C GLY E 41 25.84 6.73 0.62
N ILE E 42 26.24 5.54 1.06
CA ILE E 42 27.64 5.12 0.94
C ILE E 42 27.78 4.18 -0.27
N ASN E 43 28.74 4.46 -1.15
CA ASN E 43 28.87 3.69 -2.39
C ASN E 43 29.64 2.39 -2.17
N ARG E 44 29.40 1.75 -1.04
CA ARG E 44 30.09 0.53 -0.65
C ARG E 44 29.10 -0.38 0.11
N LEU E 45 29.33 -1.69 0.09
CA LEU E 45 28.50 -2.60 0.86
C LEU E 45 29.14 -2.82 2.23
N CYS E 46 28.58 -2.14 3.22
CA CYS E 46 29.09 -2.20 4.56
C CYS E 46 28.72 -3.53 5.23
N MET E 47 29.71 -4.41 5.39
CA MET E 47 29.42 -5.78 5.83
C MET E 47 29.93 -6.14 7.23
N LYS E 48 30.35 -5.15 8.01
CA LYS E 48 30.75 -5.39 9.40
C LYS E 48 29.64 -6.06 10.21
N GLY E 49 29.99 -7.12 10.92
CA GLY E 49 29.02 -7.83 11.73
C GLY E 49 28.19 -8.82 10.96
N ARG E 50 28.50 -9.00 9.67
CA ARG E 50 27.77 -9.91 8.80
C ARG E 50 28.61 -11.06 8.26
N LYS E 51 28.20 -12.29 8.53
CA LYS E 51 28.80 -13.43 7.85
C LYS E 51 28.25 -13.48 6.39
N HIS E 52 29.06 -13.01 5.45
CA HIS E 52 28.58 -12.85 4.10
C HIS E 52 29.37 -13.66 3.10
N LYS E 53 28.76 -13.85 1.94
CA LYS E 53 29.41 -14.44 0.79
C LYS E 53 29.22 -13.52 -0.42
N ASP E 54 30.33 -13.03 -0.94
CA ASP E 54 30.34 -12.33 -2.21
C ASP E 54 30.54 -13.36 -3.34
N LEU E 55 29.55 -13.50 -4.21
CA LEU E 55 29.60 -14.52 -5.23
C LEU E 55 30.47 -14.13 -6.43
N GLY E 56 30.89 -12.87 -6.52
CA GLY E 56 31.70 -12.45 -7.66
C GLY E 56 31.01 -12.68 -9.01
N ASN E 57 31.68 -13.33 -9.97
CA ASN E 57 31.00 -13.65 -11.22
C ASN E 57 30.28 -15.03 -11.20
N CYS E 58 30.01 -15.56 -10.02
CA CYS E 58 29.19 -16.77 -9.94
C CYS E 58 27.72 -16.37 -9.68
N HIS E 59 26.84 -16.76 -10.60
CA HIS E 59 25.40 -16.55 -10.40
C HIS E 59 24.87 -17.55 -9.40
N PRO E 60 23.88 -17.14 -8.57
CA PRO E 60 23.32 -18.07 -7.56
C PRO E 60 22.85 -19.42 -8.11
N ILE E 61 22.20 -19.45 -9.28
CA ILE E 61 21.81 -20.69 -9.94
C ILE E 61 23.04 -21.61 -10.20
N GLY E 62 24.14 -21.02 -10.65
CA GLY E 62 25.41 -21.75 -10.82
C GLY E 62 25.91 -22.52 -9.59
N MET E 63 25.57 -22.04 -8.40
CA MET E 63 25.94 -22.71 -7.16
C MET E 63 25.32 -24.09 -7.02
N LEU E 64 24.09 -24.22 -7.52
CA LEU E 64 23.34 -25.47 -7.43
C LEU E 64 23.77 -26.49 -8.48
N ILE E 65 24.13 -26.04 -9.67
CA ILE E 65 24.44 -27.01 -10.73
C ILE E 65 25.97 -27.17 -10.89
N GLY E 66 26.73 -26.22 -10.38
CA GLY E 66 28.18 -26.37 -10.34
C GLY E 66 28.93 -25.93 -11.59
N THR E 67 28.53 -24.77 -12.10
CA THR E 67 29.20 -24.17 -13.24
C THR E 67 30.63 -23.84 -12.76
N PRO E 68 31.62 -23.94 -13.65
CA PRO E 68 33.00 -23.74 -13.18
C PRO E 68 33.22 -22.41 -12.41
N ALA E 69 32.57 -21.34 -12.85
CA ALA E 69 32.67 -20.04 -12.19
C ALA E 69 32.25 -20.12 -10.72
N CYS E 70 31.44 -21.11 -10.38
CA CYS E 70 30.91 -21.27 -9.03
C CYS E 70 31.61 -22.35 -8.19
N ASP E 71 32.76 -22.85 -8.66
CA ASP E 71 33.45 -23.96 -7.96
C ASP E 71 33.75 -23.64 -6.47
N LEU E 72 33.95 -22.39 -6.12
CA LEU E 72 34.25 -22.06 -4.71
C LEU E 72 33.01 -21.64 -3.94
N HIS E 73 31.82 -21.85 -4.53
CA HIS E 73 30.56 -21.43 -3.92
C HIS E 73 29.51 -22.54 -3.97
N LEU E 74 29.94 -23.80 -3.94
CA LEU E 74 29.06 -24.95 -4.03
C LEU E 74 28.35 -25.26 -2.70
N THR E 75 28.98 -24.86 -1.59
CA THR E 75 28.43 -24.98 -0.23
C THR E 75 28.88 -23.77 0.55
N GLY E 76 28.32 -23.60 1.74
CA GLY E 76 28.75 -22.51 2.61
C GLY E 76 27.66 -22.11 3.58
N MET E 77 27.96 -21.18 4.46
CA MET E 77 26.97 -20.63 5.37
C MET E 77 27.15 -19.14 5.32
N TRP E 78 26.06 -18.40 5.40
CA TRP E 78 26.13 -16.96 5.34
C TRP E 78 24.87 -16.37 5.96
N ASP E 79 24.91 -15.11 6.38
CA ASP E 79 23.66 -14.43 6.71
C ASP E 79 23.39 -13.36 5.65
N THR E 80 24.37 -13.14 4.77
CA THR E 80 24.21 -12.21 3.67
C THR E 80 24.82 -12.79 2.38
N LEU E 81 24.08 -12.73 1.27
CA LEU E 81 24.56 -13.24 -0.01
C LEU E 81 24.53 -12.14 -1.05
N ILE E 82 25.65 -11.92 -1.69
CA ILE E 82 25.80 -10.81 -2.61
C ILE E 82 26.02 -11.29 -4.02
N GLU E 83 25.08 -10.90 -4.89
CA GLU E 83 25.07 -11.24 -6.29
C GLU E 83 25.54 -10.03 -7.12
N ARG E 84 26.33 -10.27 -8.16
CA ARG E 84 26.88 -9.22 -9.01
C ARG E 84 26.28 -9.25 -10.40
N GLU E 85 26.40 -8.14 -11.12
CA GLU E 85 25.92 -8.06 -12.49
C GLU E 85 26.71 -8.96 -13.47
N ASN E 86 26.02 -9.57 -14.43
CA ASN E 86 26.66 -10.46 -15.43
C ASN E 86 27.31 -11.73 -14.85
N ALA E 87 26.98 -12.06 -13.62
CA ALA E 87 27.44 -13.32 -13.06
C ALA E 87 27.04 -14.50 -13.98
N ILE E 88 27.82 -15.57 -13.92
CA ILE E 88 27.64 -16.73 -14.79
C ILE E 88 26.91 -17.89 -14.10
N ALA E 89 25.81 -18.30 -14.70
CA ALA E 89 25.03 -19.44 -14.24
C ALA E 89 25.28 -20.68 -15.07
N TYR E 90 25.45 -20.50 -16.37
CA TYR E 90 25.54 -21.63 -17.31
C TYR E 90 26.83 -21.60 -18.08
N CYS E 91 27.36 -22.77 -18.43
CA CYS E 91 28.55 -22.77 -19.25
C CYS E 91 28.18 -23.29 -20.62
N TYR E 92 27.18 -24.17 -20.68
CA TYR E 92 26.58 -24.67 -21.92
C TYR E 92 25.27 -23.89 -22.24
N PRO E 93 24.92 -23.74 -23.54
CA PRO E 93 23.67 -23.02 -23.87
C PRO E 93 22.46 -23.65 -23.16
N GLY E 94 21.53 -22.82 -22.72
CA GLY E 94 20.36 -23.32 -22.03
C GLY E 94 19.90 -22.36 -20.96
N ALA E 95 18.89 -22.78 -20.20
CA ALA E 95 18.23 -21.93 -19.24
C ALA E 95 17.48 -22.80 -18.26
N THR E 96 17.03 -22.20 -17.17
CA THR E 96 16.31 -22.88 -16.11
C THR E 96 14.84 -22.48 -16.19
N VAL E 97 13.96 -23.44 -16.24
CA VAL E 97 12.53 -23.20 -16.12
C VAL E 97 12.20 -22.69 -14.71
N ASN E 98 11.34 -21.69 -14.61
CA ASN E 98 11.01 -21.15 -13.29
C ASN E 98 12.21 -20.59 -12.53
N VAL E 99 13.01 -19.77 -13.21
CA VAL E 99 14.32 -19.43 -12.69
C VAL E 99 14.22 -18.38 -11.59
N GLU E 100 13.23 -17.48 -11.67
CA GLU E 100 13.28 -16.35 -10.74
C GLU E 100 12.81 -16.77 -9.35
N ALA E 101 11.87 -17.71 -9.28
CA ALA E 101 11.55 -18.33 -8.00
C ALA E 101 12.80 -18.99 -7.34
N LEU E 102 13.54 -19.77 -8.12
CA LEU E 102 14.70 -20.48 -7.60
C LEU E 102 15.79 -19.52 -7.12
N ARG E 103 16.03 -18.46 -7.88
CA ARG E 103 17.05 -17.50 -7.49
C ARG E 103 16.65 -16.80 -6.17
N GLN E 104 15.40 -16.38 -6.06
CA GLN E 104 14.91 -15.78 -4.83
C GLN E 104 15.02 -16.74 -3.65
N LYS E 105 14.73 -18.04 -3.85
CA LYS E 105 14.92 -19.04 -2.75
C LYS E 105 16.35 -19.08 -2.23
N ILE E 106 17.31 -19.06 -3.16
CA ILE E 106 18.73 -19.09 -2.85
C ILE E 106 19.17 -17.80 -2.15
N MET E 107 18.74 -16.67 -2.69
CA MET E 107 19.03 -15.35 -2.14
C MET E 107 18.33 -15.03 -0.81
N GLU E 108 17.40 -15.90 -0.39
CA GLU E 108 16.74 -15.84 0.93
C GLU E 108 17.37 -16.80 1.95
N SER E 109 18.34 -17.60 1.50
CA SER E 109 18.84 -18.68 2.36
C SER E 109 19.98 -18.21 3.24
N GLY E 110 20.32 -19.03 4.22
CA GLY E 110 21.46 -18.74 5.09
C GLY E 110 22.65 -19.64 4.78
N GLY E 111 22.59 -20.37 3.66
CA GLY E 111 23.68 -21.28 3.31
C GLY E 111 23.23 -22.46 2.47
N ILE E 112 24.18 -23.25 1.98
CA ILE E 112 23.84 -24.45 1.19
C ILE E 112 24.68 -25.66 1.58
N ASN E 113 24.07 -26.82 1.74
CA ASN E 113 24.83 -28.08 1.82
C ASN E 113 24.57 -28.90 0.57
N LYS E 114 25.52 -29.77 0.25
CA LYS E 114 25.34 -30.70 -0.86
C LYS E 114 25.30 -32.14 -0.34
N ILE E 115 24.42 -32.95 -0.91
CA ILE E 115 24.30 -34.35 -0.55
C ILE E 115 24.36 -35.18 -1.82
N SER E 116 25.21 -36.20 -1.82
CA SER E 116 25.34 -37.06 -2.97
C SER E 116 24.03 -37.81 -3.20
N THR E 117 23.66 -37.97 -4.47
CA THR E 117 22.46 -38.72 -4.80
C THR E 117 22.72 -40.22 -4.79
N GLY E 118 23.99 -40.60 -4.94
CA GLY E 118 24.36 -41.99 -5.00
C GLY E 118 24.07 -42.69 -6.30
N PHE E 119 23.62 -41.95 -7.33
CA PHE E 119 23.23 -42.59 -8.59
C PHE E 119 24.40 -43.33 -9.21
N THR E 120 24.12 -44.51 -9.77
CA THR E 120 25.12 -45.28 -10.50
C THR E 120 24.46 -45.79 -11.76
N TYR E 121 25.25 -46.15 -12.74
CA TYR E 121 24.75 -46.43 -14.05
C TYR E 121 25.36 -47.70 -14.57
N GLY E 122 24.56 -48.49 -15.28
CA GLY E 122 25.03 -49.73 -15.87
C GLY E 122 26.15 -49.50 -16.86
N SER E 123 26.77 -50.60 -17.28
CA SER E 123 27.86 -50.60 -18.24
C SER E 123 27.57 -49.93 -19.60
N SER E 124 26.31 -49.94 -20.04
CA SER E 124 25.90 -49.35 -21.34
C SER E 124 26.00 -47.83 -21.37
N ILE E 125 26.09 -47.23 -20.18
CA ILE E 125 26.09 -45.78 -20.07
C ILE E 125 27.49 -45.21 -19.83
N ASN E 126 27.87 -44.21 -20.62
CA ASN E 126 28.99 -43.36 -20.30
C ASN E 126 28.49 -42.14 -19.49
N SER E 127 28.83 -42.07 -18.21
CA SER E 127 28.34 -40.96 -17.40
C SER E 127 29.36 -39.81 -17.33
N ALA E 128 30.42 -39.90 -18.12
CA ALA E 128 31.50 -38.88 -18.02
C ALA E 128 31.51 -37.95 -19.23
N GLY E 129 30.35 -37.70 -19.83
CA GLY E 129 30.25 -36.72 -20.88
C GLY E 129 30.76 -35.37 -20.41
N THR E 130 31.50 -34.70 -21.30
CA THR E 130 32.09 -33.38 -21.05
C THR E 130 31.93 -32.59 -22.32
N THR E 131 32.30 -31.31 -22.25
CA THR E 131 32.13 -30.38 -23.35
C THR E 131 33.13 -29.26 -23.26
N ARG E 132 33.63 -28.81 -24.40
CA ARG E 132 34.58 -27.71 -24.42
C ARG E 132 33.93 -26.36 -24.08
N ALA E 133 32.60 -26.31 -24.06
CA ALA E 133 31.92 -25.10 -23.57
C ALA E 133 31.99 -24.94 -22.04
N CYS E 134 32.25 -26.03 -21.32
CA CYS E 134 32.45 -25.94 -19.87
C CYS E 134 33.89 -26.30 -19.51
N MET E 135 34.82 -25.38 -19.71
CA MET E 135 36.23 -25.62 -19.44
C MET E 135 36.51 -25.52 -17.95
N ARG E 136 37.38 -26.39 -17.45
CA ARG E 136 37.82 -26.31 -16.07
C ARG E 136 39.31 -26.63 -16.06
N ASN E 137 40.10 -25.70 -15.55
CA ASN E 137 41.55 -25.88 -15.49
C ASN E 137 42.12 -26.32 -16.86
N GLY E 138 41.53 -25.79 -17.94
CA GLY E 138 42.03 -26.00 -19.28
C GLY E 138 41.60 -27.30 -19.92
N GLY E 139 40.68 -28.04 -19.30
CA GLY E 139 40.23 -29.27 -19.91
C GLY E 139 38.72 -29.22 -20.09
N ASN E 140 38.20 -29.94 -21.08
CA ASN E 140 36.77 -30.14 -21.24
C ASN E 140 36.16 -30.72 -19.97
N SER E 141 35.08 -30.13 -19.51
CA SER E 141 34.48 -30.54 -18.25
C SER E 141 32.94 -30.40 -18.31
N PHE E 142 32.31 -30.33 -17.15
CA PHE E 142 30.86 -30.30 -17.13
C PHE E 142 30.45 -29.74 -15.81
N TYR E 143 29.20 -29.29 -15.70
CA TYR E 143 28.63 -28.91 -14.40
C TYR E 143 29.04 -29.89 -13.30
N ALA E 144 29.61 -29.39 -12.22
CA ALA E 144 30.18 -30.27 -11.20
C ALA E 144 29.11 -31.13 -10.53
N GLU E 145 27.88 -30.62 -10.41
CA GLU E 145 26.81 -31.33 -9.68
C GLU E 145 25.90 -32.22 -10.54
N LEU E 146 26.24 -32.39 -11.82
CA LEU E 146 25.40 -33.13 -12.78
C LEU E 146 26.27 -34.08 -13.57
N LYS E 147 25.64 -35.04 -14.26
CA LYS E 147 26.38 -35.92 -15.17
C LYS E 147 25.67 -36.05 -16.51
N TRP E 148 26.42 -35.82 -17.58
CA TRP E 148 25.90 -35.99 -18.89
C TRP E 148 25.99 -37.47 -19.32
N LEU E 149 24.85 -38.15 -19.34
CA LEU E 149 24.79 -39.57 -19.67
C LEU E 149 24.60 -39.75 -21.15
N VAL E 150 25.50 -40.52 -21.78
CA VAL E 150 25.30 -40.87 -23.19
C VAL E 150 25.55 -42.37 -23.38
N SER E 151 25.18 -42.92 -24.52
CA SER E 151 25.44 -44.33 -24.77
C SER E 151 26.94 -44.59 -24.86
N LYS E 152 27.44 -45.56 -24.08
CA LYS E 152 28.86 -45.95 -24.10
C LYS E 152 29.32 -46.23 -25.52
N SER E 153 28.46 -46.95 -26.23
CA SER E 153 28.71 -47.32 -27.60
C SER E 153 27.94 -46.37 -28.51
N ALA E 154 28.65 -45.51 -29.23
CA ALA E 154 27.98 -44.46 -30.00
C ALA E 154 26.97 -45.07 -30.96
N GLY E 155 25.88 -44.35 -31.19
CA GLY E 155 24.83 -44.80 -32.09
C GLY E 155 23.87 -45.85 -31.58
N GLN E 156 24.25 -46.61 -30.55
CA GLN E 156 23.34 -47.62 -29.98
C GLN E 156 22.35 -47.01 -29.00
N ASN E 157 21.18 -47.64 -28.88
CA ASN E 157 20.15 -47.18 -27.96
C ASN E 157 20.58 -47.17 -26.50
N PHE E 158 20.41 -46.01 -25.89
CA PHE E 158 20.56 -45.79 -24.47
C PHE E 158 19.60 -46.71 -23.74
N PRO E 159 20.05 -47.40 -22.70
CA PRO E 159 19.14 -48.35 -22.05
C PRO E 159 18.08 -47.67 -21.20
N GLN E 160 16.93 -48.33 -21.05
CA GLN E 160 15.91 -47.88 -20.11
C GLN E 160 16.56 -47.94 -18.72
N THR E 161 16.40 -46.87 -17.94
CA THR E 161 17.17 -46.71 -16.70
C THR E 161 16.29 -46.10 -15.66
N THR E 162 16.47 -46.51 -14.41
CA THR E 162 15.74 -45.93 -13.28
C THR E 162 16.74 -45.50 -12.18
N ASN E 163 16.53 -44.31 -11.61
CA ASN E 163 17.38 -43.83 -10.53
C ASN E 163 16.51 -43.15 -9.52
N THR E 164 16.69 -43.50 -8.26
CA THR E 164 15.89 -42.94 -7.21
C THR E 164 16.73 -42.30 -6.12
N TYR E 165 16.49 -41.03 -5.89
CA TYR E 165 17.05 -40.32 -4.77
C TYR E 165 16.11 -40.40 -3.59
N ARG E 166 16.64 -40.73 -2.42
CA ARG E 166 15.80 -40.80 -1.23
C ARG E 166 16.24 -39.75 -0.26
N ASN E 167 15.32 -38.89 0.13
CA ASN E 167 15.62 -37.93 1.16
C ASN E 167 15.41 -38.57 2.53
N THR E 168 16.52 -38.88 3.21
CA THR E 168 16.49 -39.52 4.53
C THR E 168 16.85 -38.53 5.61
N ASP E 169 16.67 -37.25 5.33
CA ASP E 169 17.03 -36.17 6.24
C ASP E 169 15.74 -35.57 6.84
N THR E 170 15.87 -34.59 7.72
CA THR E 170 14.67 -34.02 8.35
C THR E 170 14.27 -32.69 7.73
N ALA E 171 14.80 -32.41 6.54
CA ALA E 171 14.51 -31.15 5.87
C ALA E 171 14.43 -31.36 4.37
N GLU E 172 13.65 -30.52 3.70
CA GLU E 172 13.49 -30.63 2.26
C GLU E 172 14.81 -30.42 1.54
N HIS E 173 15.02 -31.18 0.48
CA HIS E 173 16.19 -31.03 -0.38
C HIS E 173 15.77 -30.49 -1.73
N LEU E 174 16.66 -29.74 -2.36
CA LEU E 174 16.36 -29.20 -3.68
C LEU E 174 17.14 -29.96 -4.73
N ILE E 175 16.42 -30.63 -5.63
CA ILE E 175 17.05 -31.41 -6.64
C ILE E 175 16.89 -30.70 -7.99
N MET E 176 18.00 -30.64 -8.74
CA MET E 176 18.02 -30.05 -10.09
C MET E 176 18.44 -31.06 -11.11
N TRP E 177 17.79 -31.06 -12.27
CA TRP E 177 18.25 -31.88 -13.38
C TRP E 177 18.18 -31.09 -14.64
N GLY E 178 18.78 -31.65 -15.67
CA GLY E 178 18.76 -31.04 -16.98
C GLY E 178 18.21 -31.98 -18.02
N ILE E 179 17.71 -31.40 -19.10
CA ILE E 179 17.27 -32.13 -20.27
C ILE E 179 18.14 -31.67 -21.45
N HIS E 180 18.74 -32.60 -22.17
CA HIS E 180 19.52 -32.22 -23.34
C HIS E 180 18.61 -32.19 -24.55
N HIS E 181 18.56 -31.05 -25.22
CA HIS E 181 17.88 -30.92 -26.49
C HIS E 181 18.93 -30.94 -27.61
N PRO E 182 19.10 -32.09 -28.28
CA PRO E 182 20.18 -32.20 -29.27
C PRO E 182 20.03 -31.25 -30.45
N SER E 183 21.11 -31.08 -31.21
CA SER E 183 21.13 -30.09 -32.28
C SER E 183 20.57 -30.62 -33.59
N SER E 184 20.37 -31.92 -33.69
CA SER E 184 19.94 -32.56 -34.93
C SER E 184 19.60 -33.99 -34.64
N THR E 185 18.85 -34.61 -35.54
CA THR E 185 18.55 -36.02 -35.43
C THR E 185 19.84 -36.86 -35.51
N GLN E 186 20.81 -36.43 -36.31
CA GLN E 186 22.07 -37.16 -36.43
C GLN E 186 22.86 -37.17 -35.10
N GLU E 187 22.90 -36.02 -34.41
CA GLU E 187 23.55 -35.95 -33.10
C GLU E 187 22.73 -36.75 -32.09
N LYS E 188 21.41 -36.62 -32.13
CA LYS E 188 20.57 -37.35 -31.21
C LYS E 188 20.76 -38.88 -31.33
N ASN E 189 20.85 -39.41 -32.55
CA ASN E 189 21.09 -40.84 -32.74
C ASN E 189 22.46 -41.30 -32.23
N ASP E 190 23.49 -40.51 -32.49
CA ASP E 190 24.84 -40.85 -32.03
C ASP E 190 24.93 -40.91 -30.49
N LEU E 191 24.37 -39.92 -29.80
CA LEU E 191 24.38 -39.90 -28.31
C LEU E 191 23.50 -40.95 -27.63
N TYR E 192 22.31 -41.18 -28.17
CA TYR E 192 21.31 -41.87 -27.39
C TYR E 192 20.60 -42.99 -28.15
N GLY E 193 20.88 -43.12 -29.45
CA GLY E 193 20.23 -44.16 -30.25
C GLY E 193 18.99 -43.66 -30.97
N THR E 194 18.39 -44.52 -31.80
CA THR E 194 17.31 -44.13 -32.69
C THR E 194 15.94 -44.09 -32.03
N GLN E 195 15.80 -44.74 -30.87
CA GLN E 195 14.53 -44.80 -30.13
C GLN E 195 13.90 -43.44 -29.78
N SER E 196 12.65 -43.47 -29.33
CA SER E 196 11.97 -42.29 -28.83
C SER E 196 12.37 -42.02 -27.40
N LEU E 197 12.88 -40.82 -27.13
CA LEU E 197 13.36 -40.47 -25.79
C LEU E 197 12.24 -39.95 -24.92
N SER E 198 12.29 -40.28 -23.65
CA SER E 198 11.30 -39.85 -22.69
C SER E 198 11.93 -39.87 -21.32
N ILE E 199 11.78 -38.77 -20.59
CA ILE E 199 12.31 -38.62 -19.24
C ILE E 199 11.17 -38.34 -18.26
N SER E 200 10.94 -39.24 -17.32
CA SER E 200 9.86 -39.10 -16.37
C SER E 200 10.44 -38.92 -15.00
N VAL E 201 9.85 -37.99 -14.27
CA VAL E 201 10.32 -37.64 -12.97
C VAL E 201 9.15 -37.63 -12.02
N GLY E 202 9.27 -38.37 -10.92
CA GLY E 202 8.15 -38.46 -10.01
C GLY E 202 8.51 -38.65 -8.58
N SER E 203 7.82 -37.91 -7.73
CA SER E 203 7.92 -38.06 -6.30
C SER E 203 6.50 -38.19 -5.75
N SER E 204 6.33 -38.07 -4.44
CA SER E 204 4.97 -38.15 -3.88
C SER E 204 4.13 -36.92 -4.25
N THR E 205 4.83 -35.80 -4.45
CA THR E 205 4.22 -34.49 -4.66
C THR E 205 4.51 -33.90 -6.04
N TYR E 206 5.31 -34.58 -6.85
CA TYR E 206 5.70 -34.04 -8.16
C TYR E 206 5.65 -35.12 -9.24
N ARG E 207 5.18 -34.80 -10.44
CA ARG E 207 5.34 -35.68 -11.61
C ARG E 207 5.36 -34.86 -12.86
N ASN E 208 6.17 -35.29 -13.81
CA ASN E 208 6.36 -34.53 -15.02
C ASN E 208 7.05 -35.37 -16.03
N ASN E 209 6.79 -35.09 -17.30
CA ASN E 209 7.46 -35.82 -18.34
C ASN E 209 8.17 -34.82 -19.25
N PHE E 210 9.35 -35.17 -19.76
CA PHE E 210 10.10 -34.33 -20.68
C PHE E 210 10.51 -35.10 -21.93
N VAL E 211 10.41 -34.45 -23.08
CA VAL E 211 10.81 -35.07 -24.32
C VAL E 211 11.75 -34.10 -25.01
N PRO E 212 13.04 -34.49 -25.19
CA PRO E 212 14.01 -33.64 -25.89
C PRO E 212 13.49 -33.12 -27.24
N VAL E 213 13.70 -31.84 -27.47
CA VAL E 213 13.30 -31.19 -28.70
C VAL E 213 14.50 -31.11 -29.62
N VAL E 214 14.49 -31.92 -30.67
CA VAL E 214 15.61 -32.10 -31.57
C VAL E 214 15.63 -30.94 -32.56
N GLY E 215 16.78 -30.28 -32.66
CA GLY E 215 16.91 -29.09 -33.48
C GLY E 215 17.09 -29.44 -34.95
N ALA E 216 17.54 -28.49 -35.76
CA ALA E 216 17.73 -28.81 -37.17
C ALA E 216 18.89 -28.06 -37.80
N ARG E 217 19.43 -28.62 -38.90
CA ARG E 217 20.24 -27.94 -39.94
C ARG E 217 21.49 -27.21 -39.37
N PRO E 218 21.74 -25.89 -39.65
CA PRO E 218 23.11 -25.61 -39.18
C PRO E 218 23.19 -25.33 -37.69
N GLN E 219 24.37 -25.50 -37.11
CA GLN E 219 24.58 -25.16 -35.71
C GLN E 219 24.34 -23.68 -35.40
N VAL E 220 24.46 -22.82 -36.41
CA VAL E 220 24.30 -21.37 -36.20
C VAL E 220 22.81 -20.88 -36.18
N ASN E 221 21.86 -21.73 -36.53
CA ASN E 221 20.45 -21.32 -36.51
C ASN E 221 19.89 -21.42 -35.07
N GLY E 222 18.64 -21.03 -34.88
CA GLY E 222 18.10 -20.97 -33.52
C GLY E 222 17.90 -22.28 -32.76
N LEU E 223 17.86 -23.39 -33.49
CA LEU E 223 17.48 -24.69 -32.97
C LEU E 223 18.72 -25.57 -32.88
N SER E 224 19.63 -25.25 -31.99
CA SER E 224 20.84 -26.07 -31.86
C SER E 224 20.92 -26.68 -30.47
N SER E 225 22.08 -27.19 -30.08
CA SER E 225 22.15 -27.95 -28.83
C SER E 225 21.96 -27.04 -27.64
N ARG E 226 21.11 -27.48 -26.71
CA ARG E 226 20.99 -26.81 -25.41
C ARG E 226 20.62 -27.80 -24.32
N ILE E 227 20.88 -27.38 -23.10
CA ILE E 227 20.54 -28.13 -21.92
C ILE E 227 19.74 -27.22 -21.03
N ASP E 228 18.49 -27.58 -20.80
CA ASP E 228 17.60 -26.80 -19.96
C ASP E 228 17.43 -27.49 -18.62
N PHE E 229 17.30 -26.68 -17.59
CA PHE E 229 17.23 -27.16 -16.23
C PHE E 229 15.85 -27.05 -15.59
N HIS E 230 15.57 -28.04 -14.77
CA HIS E 230 14.35 -28.09 -14.01
C HIS E 230 14.71 -28.41 -12.57
N TRP E 231 13.81 -28.06 -11.65
CA TRP E 231 14.07 -28.28 -10.24
C TRP E 231 12.78 -28.58 -9.49
N THR E 232 12.92 -29.19 -8.32
CA THR E 232 11.78 -29.38 -7.44
C THR E 232 12.32 -29.61 -6.02
N LEU E 233 11.43 -29.61 -5.06
CA LEU E 233 11.80 -29.83 -3.68
C LEU E 233 11.40 -31.22 -3.33
N VAL E 234 12.24 -31.90 -2.55
CA VAL E 234 11.97 -33.27 -2.17
C VAL E 234 11.83 -33.26 -0.67
N GLN E 235 10.62 -33.54 -0.18
CA GLN E 235 10.32 -33.47 1.23
C GLN E 235 11.01 -34.56 2.06
N PRO E 236 11.19 -34.35 3.38
CA PRO E 236 11.81 -35.38 4.23
C PRO E 236 11.06 -36.71 4.11
N GLY E 237 11.79 -37.81 4.02
CA GLY E 237 11.18 -39.12 3.84
C GLY E 237 10.71 -39.47 2.44
N ASP E 238 10.69 -38.51 1.53
CA ASP E 238 10.14 -38.79 0.21
C ASP E 238 11.22 -39.23 -0.78
N ASN E 239 10.81 -39.94 -1.80
CA ASN E 239 11.71 -40.42 -2.83
C ASN E 239 11.33 -39.78 -4.14
N ILE E 240 12.32 -39.51 -4.99
CA ILE E 240 12.02 -39.02 -6.33
C ILE E 240 12.74 -39.92 -7.32
N THR E 241 12.02 -40.31 -8.37
CA THR E 241 12.51 -41.29 -9.31
C THR E 241 12.62 -40.72 -10.72
N PHE E 242 13.73 -41.01 -11.38
CA PHE E 242 13.93 -40.65 -12.77
C PHE E 242 13.85 -41.92 -13.61
N SER E 243 12.98 -41.92 -14.62
CA SER E 243 12.96 -43.00 -15.62
C SER E 243 13.30 -42.41 -16.95
N HIS E 244 14.31 -42.95 -17.59
CA HIS E 244 14.85 -42.20 -18.69
C HIS E 244 15.51 -43.08 -19.69
N ASN E 245 15.53 -42.52 -20.88
CA ASN E 245 15.75 -43.25 -22.10
C ASN E 245 16.91 -42.67 -22.91
N GLY E 246 17.49 -41.59 -22.38
CA GLY E 246 18.44 -40.80 -23.13
C GLY E 246 17.99 -39.34 -23.10
N GLY E 247 18.91 -38.43 -22.82
CA GLY E 247 18.58 -37.03 -22.75
C GLY E 247 18.55 -36.45 -21.35
N LEU E 248 18.54 -37.29 -20.32
CA LEU E 248 18.64 -36.79 -18.95
C LEU E 248 20.08 -36.38 -18.62
N ILE E 249 20.20 -35.18 -18.08
CA ILE E 249 21.40 -34.70 -17.41
C ILE E 249 21.14 -34.90 -15.92
N ALA E 250 21.71 -35.95 -15.33
CA ALA E 250 21.30 -36.40 -14.01
C ALA E 250 22.05 -35.69 -12.88
N PRO E 251 21.38 -35.50 -11.74
CA PRO E 251 22.03 -34.91 -10.58
C PRO E 251 22.95 -35.94 -9.94
N SER E 252 24.16 -35.54 -9.51
CA SER E 252 25.03 -36.44 -8.75
C SER E 252 25.09 -35.91 -7.33
N ARG E 253 24.66 -34.67 -7.16
CA ARG E 253 24.38 -34.14 -5.83
C ARG E 253 23.05 -33.34 -5.84
N VAL E 254 22.37 -33.28 -4.70
CA VAL E 254 21.24 -32.38 -4.53
C VAL E 254 21.68 -31.33 -3.55
N SER E 255 20.90 -30.25 -3.40
CA SER E 255 21.24 -29.19 -2.46
C SER E 255 20.30 -29.12 -1.28
N LYS E 256 20.74 -28.43 -0.26
CA LYS E 256 19.92 -28.19 0.91
C LYS E 256 20.12 -26.74 1.31
N LEU E 257 19.08 -25.93 1.12
CA LEU E 257 19.07 -24.54 1.57
C LEU E 257 18.85 -24.50 3.08
N ILE E 258 19.69 -23.75 3.77
CA ILE E 258 19.72 -23.70 5.23
C ILE E 258 19.51 -22.30 5.76
N GLY E 259 18.59 -22.15 6.72
CA GLY E 259 18.43 -20.89 7.41
C GLY E 259 18.01 -19.75 6.51
N ARG E 260 18.24 -18.53 6.98
CA ARG E 260 17.81 -17.32 6.30
C ARG E 260 18.96 -16.36 6.21
N GLY E 261 19.04 -15.68 5.08
CA GLY E 261 20.01 -14.63 4.87
C GLY E 261 19.37 -13.50 4.13
N LEU E 262 20.07 -12.38 4.05
CA LEU E 262 19.60 -11.25 3.30
C LEU E 262 20.30 -11.27 1.94
N GLY E 263 19.52 -11.30 0.86
CA GLY E 263 20.10 -11.27 -0.47
C GLY E 263 20.25 -9.89 -1.06
N ILE E 264 21.46 -9.57 -1.49
CA ILE E 264 21.76 -8.29 -2.11
C ILE E 264 22.26 -8.39 -3.55
N GLN E 265 21.67 -7.60 -4.45
CA GLN E 265 22.20 -7.39 -5.78
C GLN E 265 22.84 -6.00 -5.86
N SER E 266 24.14 -5.96 -6.16
CA SER E 266 24.89 -4.71 -6.20
C SER E 266 26.26 -4.94 -6.82
N ASP E 267 26.82 -3.93 -7.47
CA ASP E 267 28.23 -4.01 -7.88
C ASP E 267 29.11 -3.07 -7.03
N ALA E 268 28.65 -2.73 -5.83
CA ALA E 268 29.46 -1.90 -4.93
C ALA E 268 30.50 -2.73 -4.15
N PRO E 269 31.75 -2.20 -4.06
CA PRO E 269 32.77 -2.91 -3.27
C PRO E 269 32.38 -3.17 -1.83
N ILE E 270 32.80 -4.31 -1.31
CA ILE E 270 32.58 -4.67 0.07
C ILE E 270 33.49 -3.89 1.04
N ASP E 271 32.90 -3.40 2.13
CA ASP E 271 33.67 -2.74 3.19
C ASP E 271 33.37 -3.39 4.55
N ASN E 272 34.41 -3.96 5.15
CA ASN E 272 34.25 -4.73 6.36
C ASN E 272 34.38 -3.91 7.66
N ASN E 273 34.80 -2.66 7.53
CA ASN E 273 34.96 -1.74 8.68
C ASN E 273 33.62 -1.13 9.09
N CYS E 274 32.68 -1.19 8.15
CA CYS E 274 31.49 -0.35 8.02
C CYS E 274 30.21 -1.18 8.26
N GLU E 275 29.35 -0.73 9.17
CA GLU E 275 28.18 -1.52 9.55
C GLU E 275 26.96 -0.88 8.90
N SER E 276 25.98 -1.70 8.52
CA SER E 276 24.74 -1.19 7.89
C SER E 276 23.61 -2.19 7.94
N LYS E 277 22.38 -1.70 7.72
CA LYS E 277 21.19 -2.56 7.69
C LYS E 277 20.36 -2.34 6.41
N CYS E 278 20.78 -1.39 5.60
CA CYS E 278 20.02 -1.02 4.41
C CYS E 278 20.92 -0.95 3.18
N PHE E 279 20.47 -1.55 2.06
CA PHE E 279 21.30 -1.66 0.87
C PHE E 279 20.54 -1.44 -0.41
N TRP E 280 21.21 -0.93 -1.41
CA TRP E 280 20.60 -0.88 -2.72
C TRP E 280 21.64 -1.19 -3.79
N ARG E 281 21.25 -1.06 -5.04
CA ARG E 281 22.15 -1.38 -6.13
C ARG E 281 23.48 -0.63 -5.99
N GLY E 282 23.45 0.59 -5.46
CA GLY E 282 24.61 1.47 -5.43
C GLY E 282 25.42 1.45 -4.15
N GLY E 283 25.01 0.65 -3.19
CA GLY E 283 25.73 0.61 -1.93
C GLY E 283 24.85 0.52 -0.71
N SER E 284 25.25 1.23 0.36
CA SER E 284 24.55 1.17 1.63
C SER E 284 23.91 2.52 1.97
N ILE E 285 22.91 2.50 2.85
CA ILE E 285 22.34 3.71 3.44
C ILE E 285 22.34 3.61 4.95
N ASN E 286 23.13 4.46 5.57
CA ASN E 286 23.23 4.52 7.01
C ASN E 286 22.78 5.88 7.48
N THR E 287 21.60 5.93 8.06
CA THR E 287 21.03 7.22 8.41
C THR E 287 20.06 7.02 9.56
N ARG E 288 19.88 8.06 10.35
CA ARG E 288 18.84 8.04 11.36
C ARG E 288 17.56 8.64 10.76
N LEU E 289 17.68 9.27 9.61
CA LEU E 289 16.54 9.97 9.03
C LEU E 289 15.47 8.97 8.59
N PRO E 290 14.19 9.38 8.64
CA PRO E 290 13.18 8.34 8.36
C PRO E 290 12.81 8.19 6.89
N PHE E 291 13.27 9.11 6.05
CA PHE E 291 12.98 9.08 4.62
C PHE E 291 14.29 9.13 3.86
N GLN E 292 14.28 8.63 2.62
CA GLN E 292 15.45 8.78 1.75
C GLN E 292 14.97 8.99 0.34
N ASN E 293 15.75 9.69 -0.47
CA ASN E 293 15.43 9.80 -1.87
C ASN E 293 16.53 9.20 -2.76
N LEU E 294 17.31 8.27 -2.20
CA LEU E 294 18.34 7.59 -3.01
C LEU E 294 17.78 6.57 -4.02
N SER E 295 16.91 5.66 -3.58
CA SER E 295 16.33 4.63 -4.45
C SER E 295 15.03 4.04 -3.96
N PRO E 296 14.08 3.83 -4.88
CA PRO E 296 12.82 3.12 -4.58
C PRO E 296 13.01 1.60 -4.41
N ARG E 297 14.22 1.11 -4.71
CA ARG E 297 14.54 -0.32 -4.60
C ARG E 297 15.60 -0.59 -3.53
N THR E 298 15.17 -0.90 -2.31
CA THR E 298 16.13 -1.19 -1.25
C THR E 298 15.77 -2.52 -0.60
N VAL E 299 16.74 -3.11 0.09
CA VAL E 299 16.50 -4.27 0.93
C VAL E 299 17.09 -4.05 2.31
N GLY E 300 16.55 -4.75 3.31
CA GLY E 300 16.99 -4.65 4.68
C GLY E 300 16.06 -3.81 5.53
N GLN E 301 16.58 -3.18 6.58
CA GLN E 301 15.77 -2.27 7.39
C GLN E 301 16.10 -0.86 6.91
N CYS E 302 15.14 -0.26 6.21
CA CYS E 302 15.39 0.94 5.43
C CYS E 302 14.44 2.08 5.74
N PRO E 303 14.93 3.33 5.61
CA PRO E 303 14.04 4.50 5.56
C PRO E 303 13.18 4.44 4.31
N LYS E 304 11.97 4.98 4.39
CA LYS E 304 11.02 4.88 3.29
C LYS E 304 11.43 5.80 2.17
N TYR E 305 11.44 5.30 0.93
CA TYR E 305 11.72 6.15 -0.20
C TYR E 305 10.62 7.21 -0.37
N VAL E 306 11.04 8.43 -0.70
CA VAL E 306 10.09 9.50 -1.04
C VAL E 306 10.58 10.30 -2.24
N ASN E 307 9.62 10.80 -3.03
CA ASN E 307 9.90 11.58 -4.23
C ASN E 307 10.19 13.06 -3.97
N ARG E 308 11.11 13.33 -3.04
CA ARG E 308 11.40 14.69 -2.61
C ARG E 308 12.89 14.85 -2.39
N ARG E 309 13.49 15.89 -2.94
CA ARG E 309 14.90 16.18 -2.68
C ARG E 309 15.11 16.55 -1.19
N SER E 310 14.19 17.35 -0.62
CA SER E 310 14.41 17.88 0.71
C SER E 310 13.11 18.24 1.46
N LEU E 311 13.00 17.81 2.72
CA LEU E 311 11.90 18.24 3.60
C LEU E 311 12.45 18.72 4.94
N MET E 312 12.49 20.03 5.10
CA MET E 312 13.14 20.66 6.28
C MET E 312 12.20 20.70 7.48
N LEU E 313 12.68 20.20 8.61
CA LEU E 313 11.95 20.22 9.88
C LEU E 313 12.43 21.38 10.77
N ALA E 314 11.57 22.36 11.05
CA ALA E 314 11.91 23.49 11.94
C ALA E 314 12.45 23.03 13.30
N THR E 315 13.59 23.57 13.71
CA THR E 315 14.10 23.35 15.06
C THR E 315 14.23 24.69 15.79
N GLY E 316 13.50 25.69 15.31
CA GLY E 316 13.52 27.01 15.91
C GLY E 316 12.25 27.81 15.64
N MET E 317 12.08 28.88 16.39
CA MET E 317 10.96 29.80 16.26
C MET E 317 11.02 30.57 14.94
N ARG E 318 9.94 31.29 14.61
CA ARG E 318 9.98 32.25 13.52
C ARG E 318 11.17 33.20 13.70
N ASN E 319 11.88 33.46 12.60
CA ASN E 319 13.01 34.38 12.57
C ASN E 319 12.51 35.74 12.07
N VAL E 320 12.54 36.71 12.97
CA VAL E 320 12.07 38.06 12.68
C VAL E 320 13.22 39.02 12.89
N PRO E 321 14.00 39.28 11.83
CA PRO E 321 15.14 40.20 12.00
C PRO E 321 14.72 41.68 12.11
N GLU E 322 15.57 42.54 12.66
CA GLU E 322 15.21 43.97 12.75
C GLU E 322 15.19 44.63 11.37
N LEU F 1 -0.08 33.09 16.24
CA LEU F 1 -1.19 32.42 16.93
C LEU F 1 -1.33 32.83 18.40
N PHE F 2 -0.21 32.95 19.09
CA PHE F 2 -0.25 33.48 20.45
C PHE F 2 0.04 34.97 20.51
N GLY F 3 0.21 35.58 19.35
CA GLY F 3 0.30 37.03 19.25
C GLY F 3 1.58 37.74 19.63
N ALA F 4 2.57 37.03 20.18
CA ALA F 4 3.84 37.63 20.60
C ALA F 4 4.95 37.63 19.52
N ILE F 5 5.51 36.46 19.18
CA ILE F 5 6.56 36.43 18.15
C ILE F 5 5.96 36.72 16.78
N ALA F 6 6.51 37.72 16.12
CA ALA F 6 5.98 38.30 14.89
C ALA F 6 4.56 38.85 15.09
N GLY F 7 4.25 39.20 16.34
CA GLY F 7 2.99 39.82 16.69
C GLY F 7 3.29 41.17 17.34
N PHE F 8 2.99 41.32 18.62
CA PHE F 8 3.20 42.65 19.22
C PHE F 8 4.68 42.89 19.52
N LEU F 9 5.47 41.83 19.56
CA LEU F 9 6.91 42.04 19.55
C LEU F 9 7.28 42.37 18.10
N GLU F 10 7.88 43.53 17.86
CA GLU F 10 8.22 43.96 16.51
C GLU F 10 9.25 43.08 15.82
N ASN F 11 10.29 42.65 16.55
CA ASN F 11 11.33 41.84 15.93
C ASN F 11 12.13 41.10 16.97
N GLY F 12 12.96 40.16 16.52
CA GLY F 12 13.83 39.44 17.42
C GLY F 12 15.11 40.20 17.70
N TRP F 13 15.90 39.67 18.62
CA TRP F 13 17.17 40.27 19.00
C TRP F 13 18.33 39.40 18.56
N GLU F 14 19.04 39.80 17.51
CA GLU F 14 20.18 39.01 17.04
C GLU F 14 21.31 39.00 18.06
N GLY F 15 21.31 40.00 18.95
CA GLY F 15 22.36 40.16 19.95
C GLY F 15 22.24 39.18 21.08
N MET F 16 21.08 38.55 21.22
CA MET F 16 20.90 37.61 22.32
C MET F 16 21.28 36.17 21.93
N VAL F 17 22.50 35.76 22.25
CA VAL F 17 22.99 34.47 21.80
C VAL F 17 23.07 33.42 22.91
N ASP F 18 22.65 33.77 24.12
CA ASP F 18 22.72 32.84 25.24
C ASP F 18 21.36 32.25 25.59
N GLY F 19 20.37 32.50 24.74
CA GLY F 19 19.06 31.92 24.95
C GLY F 19 18.07 32.33 23.88
N TRP F 20 16.93 31.65 23.86
CA TRP F 20 15.86 31.95 22.93
C TRP F 20 15.03 33.16 23.33
N TYR F 21 14.71 33.24 24.63
CA TYR F 21 13.91 34.33 25.21
C TYR F 21 14.67 35.05 26.32
N GLY F 22 14.35 36.32 26.51
CA GLY F 22 15.07 37.11 27.48
C GLY F 22 14.54 38.50 27.77
N PHE F 23 15.38 39.26 28.48
CA PHE F 23 15.03 40.56 29.01
C PHE F 23 16.05 41.60 28.61
N ARG F 24 15.59 42.72 28.09
CA ARG F 24 16.38 43.96 28.03
C ARG F 24 15.78 44.98 29.01
N HIS F 25 16.60 45.71 29.75
CA HIS F 25 16.05 46.71 30.67
C HIS F 25 16.64 48.11 30.49
N GLN F 26 16.00 49.07 31.15
CA GLN F 26 16.33 50.49 31.08
C GLN F 26 16.15 51.06 32.50
N ASN F 27 17.24 51.52 33.15
CA ASN F 27 17.12 52.32 34.38
C ASN F 27 18.10 53.52 34.43
N ALA F 28 18.26 54.16 35.58
CA ALA F 28 19.11 55.36 35.65
C ALA F 28 20.59 55.03 35.41
N GLN F 29 20.97 53.81 35.76
CA GLN F 29 22.34 53.35 35.60
C GLN F 29 22.63 52.84 34.18
N GLY F 30 21.61 52.70 33.33
CA GLY F 30 21.83 52.33 31.94
C GLY F 30 20.99 51.19 31.38
N THR F 31 21.62 50.37 30.55
CA THR F 31 20.95 49.32 29.76
C THR F 31 21.56 47.96 30.07
N GLY F 32 20.75 46.89 29.95
CA GLY F 32 21.26 45.53 30.12
C GLY F 32 20.43 44.50 29.36
N GLN F 33 20.98 43.30 29.24
CA GLN F 33 20.32 42.19 28.57
C GLN F 33 20.68 40.90 29.29
N ALA F 34 19.68 40.03 29.49
CA ALA F 34 19.91 38.70 30.04
C ALA F 34 18.93 37.69 29.39
N ALA F 35 19.35 36.44 29.27
CA ALA F 35 18.49 35.41 28.72
C ALA F 35 17.70 34.76 29.83
N ASP F 36 16.49 34.30 29.51
CA ASP F 36 15.72 33.54 30.50
C ASP F 36 15.88 32.03 30.30
N TYR F 37 16.56 31.39 31.25
CA TYR F 37 16.91 29.99 31.14
C TYR F 37 15.72 29.01 31.04
N LYS F 38 14.75 29.11 31.95
CA LYS F 38 13.64 28.17 32.03
C LYS F 38 12.80 28.13 30.75
N SER F 39 12.48 29.30 30.20
CA SER F 39 11.62 29.34 29.03
C SER F 39 12.37 28.87 27.77
N THR F 40 13.67 29.15 27.66
CA THR F 40 14.41 28.65 26.51
C THR F 40 14.55 27.13 26.59
N GLN F 41 14.75 26.59 27.79
CA GLN F 41 14.83 25.15 27.98
C GLN F 41 13.51 24.46 27.74
N ALA F 42 12.42 25.07 28.20
CA ALA F 42 11.10 24.53 27.93
C ALA F 42 10.88 24.35 26.42
N ALA F 43 11.36 25.33 25.64
CA ALA F 43 11.23 25.29 24.19
C ALA F 43 12.17 24.28 23.55
N ILE F 44 13.42 24.24 24.00
CA ILE F 44 14.39 23.30 23.46
C ILE F 44 14.02 21.85 23.79
N ASP F 45 13.57 21.57 25.01
CA ASP F 45 13.11 20.23 25.37
C ASP F 45 11.98 19.72 24.46
N GLN F 46 11.08 20.60 24.05
CA GLN F 46 10.00 20.16 23.17
C GLN F 46 10.53 19.88 21.75
N ILE F 47 11.41 20.73 21.23
CA ILE F 47 12.10 20.49 19.96
C ILE F 47 12.84 19.14 19.96
N THR F 48 13.57 18.86 21.01
CA THR F 48 14.38 17.66 21.04
C THR F 48 13.46 16.44 21.19
N GLY F 49 12.34 16.63 21.88
CA GLY F 49 11.28 15.64 21.92
C GLY F 49 10.82 15.21 20.53
N LYS F 50 10.56 16.19 19.67
CA LYS F 50 10.15 15.91 18.30
C LYS F 50 11.24 15.23 17.47
N LEU F 51 12.49 15.66 17.67
CA LEU F 51 13.61 15.07 16.95
C LEU F 51 13.76 13.60 17.33
N ASN F 52 13.54 13.27 18.59
CA ASN F 52 13.57 11.89 19.06
C ASN F 52 12.50 11.01 18.39
N ARG F 53 11.28 11.51 18.29
CA ARG F 53 10.21 10.81 17.56
C ARG F 53 10.57 10.59 16.09
N LEU F 54 11.18 11.59 15.47
CA LEU F 54 11.60 11.54 14.06
C LEU F 54 12.56 10.38 13.74
N VAL F 55 13.64 10.30 14.52
CA VAL F 55 14.72 9.34 14.30
C VAL F 55 14.40 7.97 14.90
N GLU F 56 13.18 7.84 15.43
CA GLU F 56 12.71 6.56 15.97
C GLU F 56 12.51 5.54 14.84
N LYS F 57 13.40 4.55 14.76
CA LYS F 57 13.05 3.31 14.10
C LYS F 57 12.77 2.16 15.06
N ASN F 59 12.13 -1.29 13.10
CA ASN F 59 11.97 -1.41 11.66
C ASN F 59 11.82 -2.81 11.09
N THR F 60 11.02 -2.87 10.05
CA THR F 60 10.70 -4.08 9.33
C THR F 60 11.79 -4.42 8.32
N GLU F 61 12.15 -5.69 8.24
CA GLU F 61 13.14 -6.13 7.27
C GLU F 61 12.45 -6.45 5.94
N PHE F 62 12.92 -5.87 4.84
CA PHE F 62 12.37 -6.19 3.53
C PHE F 62 13.38 -6.92 2.68
N GLU F 63 12.88 -7.87 1.90
CA GLU F 63 13.64 -8.54 0.87
C GLU F 63 13.29 -7.99 -0.49
N SER F 64 14.13 -8.35 -1.47
CA SER F 64 13.92 -7.95 -2.85
C SER F 64 12.72 -8.64 -3.52
N ILE F 65 11.94 -7.92 -4.32
CA ILE F 65 10.91 -8.59 -5.12
C ILE F 65 11.04 -8.20 -6.59
N GLU F 66 12.04 -7.39 -6.94
CA GLU F 66 12.36 -7.25 -8.35
C GLU F 66 13.85 -7.39 -8.55
N SER F 67 14.24 -8.14 -9.58
CA SER F 67 15.64 -8.37 -9.82
C SER F 67 16.29 -7.15 -10.45
N GLU F 68 17.43 -6.75 -9.91
CA GLU F 68 18.22 -5.70 -10.52
C GLU F 68 18.84 -6.10 -11.87
N PHE F 69 19.19 -7.38 -12.01
CA PHE F 69 20.13 -7.82 -13.06
C PHE F 69 19.53 -8.79 -14.05
N SER F 70 18.26 -9.12 -13.88
CA SER F 70 17.61 -10.03 -14.81
C SER F 70 16.15 -9.61 -15.01
N GLU F 71 15.49 -10.23 -15.98
CA GLU F 71 14.16 -9.80 -16.34
C GLU F 71 13.21 -10.53 -15.43
N ILE F 72 12.02 -9.99 -15.25
CA ILE F 72 10.96 -10.72 -14.55
C ILE F 72 9.68 -10.61 -15.35
N GLU F 73 8.78 -11.54 -15.11
CA GLU F 73 7.61 -11.70 -15.95
C GLU F 73 6.78 -10.39 -15.97
N HIS F 74 6.30 -10.06 -17.15
CA HIS F 74 5.81 -8.73 -17.44
C HIS F 74 4.59 -8.33 -16.57
N GLN F 75 3.61 -9.22 -16.45
CA GLN F 75 2.38 -8.92 -15.71
C GLN F 75 2.62 -8.72 -14.20
N ILE F 76 3.39 -9.61 -13.58
CA ILE F 76 3.70 -9.43 -12.15
C ILE F 76 4.63 -8.19 -11.99
N GLY F 77 5.51 -7.95 -12.95
CA GLY F 77 6.37 -6.77 -12.94
C GLY F 77 5.56 -5.48 -12.91
N ASN F 78 4.49 -5.44 -13.69
CA ASN F 78 3.57 -4.32 -13.70
C ASN F 78 2.80 -4.19 -12.37
N VAL F 79 2.35 -5.31 -11.80
CA VAL F 79 1.72 -5.25 -10.48
C VAL F 79 2.69 -4.68 -9.41
N ILE F 80 3.93 -5.16 -9.41
CA ILE F 80 4.90 -4.70 -8.43
C ILE F 80 5.15 -3.20 -8.60
N ASN F 81 5.27 -2.75 -9.84
CA ASN F 81 5.46 -1.32 -10.14
C ASN F 81 4.32 -0.43 -9.67
N TRP F 82 3.08 -0.84 -9.96
CA TRP F 82 1.92 -0.11 -9.49
C TRP F 82 1.93 -0.07 -7.95
N THR F 83 2.23 -1.19 -7.31
CA THR F 83 2.17 -1.27 -5.85
C THR F 83 3.30 -0.40 -5.23
N LYS F 84 4.50 -0.51 -5.78
CA LYS F 84 5.59 0.30 -5.22
C LYS F 84 5.37 1.80 -5.43
N ASP F 85 4.90 2.20 -6.61
CA ASP F 85 4.58 3.59 -6.82
C ASP F 85 3.43 4.09 -5.91
N SER F 86 2.44 3.24 -5.60
CA SER F 86 1.36 3.64 -4.68
C SER F 86 1.88 3.86 -3.27
N ILE F 87 2.76 2.95 -2.84
CA ILE F 87 3.33 2.99 -1.51
C ILE F 87 4.18 4.28 -1.37
N THR F 88 4.98 4.57 -2.40
CA THR F 88 5.78 5.78 -2.42
C THR F 88 4.95 7.05 -2.41
N ASP F 89 3.84 7.11 -3.16
CA ASP F 89 2.96 8.28 -3.09
C ASP F 89 2.41 8.47 -1.70
N ILE F 90 2.10 7.36 -1.02
CA ILE F 90 1.63 7.46 0.35
C ILE F 90 2.74 8.01 1.26
N TRP F 91 3.96 7.47 1.18
CA TRP F 91 5.02 7.96 2.06
C TRP F 91 5.42 9.41 1.75
N THR F 92 5.45 9.76 0.48
CA THR F 92 5.75 11.13 0.09
C THR F 92 4.71 12.12 0.67
N TYR F 93 3.43 11.76 0.57
CA TYR F 93 2.38 12.59 1.14
C TYR F 93 2.53 12.68 2.66
N GLN F 94 2.77 11.54 3.33
CA GLN F 94 2.92 11.50 4.79
C GLN F 94 4.13 12.29 5.27
N ALA F 95 5.21 12.23 4.49
CA ALA F 95 6.42 12.96 4.83
C ALA F 95 6.19 14.47 4.75
N GLU F 96 5.47 14.91 3.71
CA GLU F 96 5.16 16.32 3.51
C GLU F 96 4.19 16.85 4.57
N LEU F 97 3.18 16.05 4.91
CA LEU F 97 2.25 16.39 5.97
C LEU F 97 2.93 16.44 7.34
N LEU F 98 3.80 15.46 7.59
CA LEU F 98 4.52 15.40 8.85
C LEU F 98 5.23 16.72 9.14
N VAL F 99 6.05 17.18 8.19
CA VAL F 99 6.86 18.35 8.50
C VAL F 99 6.05 19.62 8.41
N ALA F 100 5.05 19.69 7.52
CA ALA F 100 4.18 20.87 7.48
C ALA F 100 3.50 21.07 8.85
N MET F 101 2.95 19.99 9.39
CA MET F 101 2.21 19.99 10.64
C MET F 101 3.13 20.27 11.84
N GLU F 102 4.22 19.50 11.91
CA GLU F 102 5.25 19.69 12.91
C GLU F 102 5.79 21.12 12.92
N ASN F 103 6.08 21.68 11.75
CA ASN F 103 6.60 23.03 11.66
C ASN F 103 5.59 24.06 12.18
N GLN F 104 4.32 23.89 11.82
CA GLN F 104 3.28 24.79 12.31
C GLN F 104 3.26 24.80 13.82
N HIS F 105 3.31 23.59 14.38
CA HIS F 105 3.24 23.44 15.80
C HIS F 105 4.50 23.98 16.49
N THR F 106 5.65 23.78 15.88
CA THR F 106 6.91 24.23 16.46
C THR F 106 6.92 25.76 16.55
N ILE F 107 6.53 26.43 15.47
CA ILE F 107 6.43 27.87 15.45
C ILE F 107 5.47 28.46 16.50
N ASP F 108 4.27 27.88 16.62
CA ASP F 108 3.28 28.31 17.58
C ASP F 108 3.67 27.96 19.01
N MET F 109 4.37 26.85 19.20
CA MET F 109 4.80 26.48 20.55
C MET F 109 5.84 27.49 21.06
N ALA F 110 6.73 27.92 20.17
CA ALA F 110 7.74 28.93 20.53
C ALA F 110 7.09 30.27 20.85
N ASP F 111 6.05 30.62 20.09
CA ASP F 111 5.23 31.81 20.34
C ASP F 111 4.60 31.75 21.74
N SER F 112 4.08 30.58 22.07
CA SER F 112 3.44 30.33 23.35
C SER F 112 4.41 30.48 24.51
N GLU F 113 5.62 29.96 24.38
CA GLU F 113 6.57 30.08 25.46
C GLU F 113 6.94 31.54 25.66
N MET F 114 6.96 32.31 24.58
CA MET F 114 7.26 33.75 24.69
C MET F 114 6.15 34.44 25.48
N LEU F 115 4.90 34.12 25.14
CA LEU F 115 3.73 34.72 25.78
C LEU F 115 3.67 34.39 27.27
N ASN F 116 3.92 33.14 27.61
CA ASN F 116 3.82 32.73 29.00
C ASN F 116 4.89 33.41 29.88
N LEU F 117 6.03 33.75 29.28
CA LEU F 117 7.08 34.48 30.00
C LEU F 117 6.59 35.91 30.25
N TYR F 118 6.05 36.52 29.20
CA TYR F 118 5.40 37.84 29.26
C TYR F 118 4.31 37.90 30.33
N GLU F 119 3.48 36.87 30.39
CA GLU F 119 2.38 36.81 31.34
C GLU F 119 2.86 36.61 32.77
N ARG F 120 3.91 35.82 32.92
CA ARG F 120 4.56 35.63 34.21
C ARG F 120 5.06 36.95 34.79
N VAL F 121 5.77 37.71 33.96
CA VAL F 121 6.31 38.99 34.37
C VAL F 121 5.19 40.00 34.68
N ARG F 122 4.16 40.01 33.84
CA ARG F 122 3.09 40.97 33.99
C ARG F 122 2.39 40.78 35.33
N LYS F 123 2.14 39.52 35.70
CA LYS F 123 1.49 39.20 36.97
C LYS F 123 2.34 39.52 38.19
N GLN F 124 3.65 39.29 38.07
CA GLN F 124 4.61 39.66 39.12
C GLN F 124 4.60 41.14 39.46
N LEU F 125 4.60 41.98 38.43
CA LEU F 125 4.70 43.41 38.61
C LEU F 125 3.38 43.98 39.15
N ARG F 126 2.29 43.25 38.92
CA ARG F 126 0.96 43.60 39.44
C ARG F 126 0.59 45.05 39.14
N GLN F 127 0.44 45.89 40.16
CA GLN F 127 -0.03 47.25 39.92
C GLN F 127 1.10 48.26 39.84
N ASN F 128 2.34 47.77 39.77
CA ASN F 128 3.51 48.65 39.79
C ASN F 128 4.00 48.99 38.41
N ALA F 129 3.35 48.44 37.39
CA ALA F 129 3.77 48.61 36.01
C ALA F 129 2.60 48.63 35.03
N GLU F 130 2.84 49.14 33.84
CA GLU F 130 1.84 49.14 32.79
C GLU F 130 2.46 48.68 31.45
N GLU F 131 1.65 48.05 30.60
CA GLU F 131 2.12 47.56 29.31
C GLU F 131 2.14 48.66 28.27
N ASP F 132 3.23 48.73 27.49
CA ASP F 132 3.30 49.69 26.39
C ASP F 132 2.79 49.12 25.07
N GLY F 133 2.54 47.82 25.04
CA GLY F 133 1.95 47.20 23.86
C GLY F 133 2.93 46.61 22.87
N LYS F 134 4.22 46.80 23.13
CA LYS F 134 5.27 46.27 22.27
C LYS F 134 6.20 45.35 23.06
N GLY F 135 5.69 44.81 24.15
CA GLY F 135 6.46 43.85 24.93
C GLY F 135 7.21 44.37 26.15
N CYS F 136 7.14 45.68 26.39
CA CYS F 136 7.78 46.31 27.54
C CYS F 136 6.79 46.62 28.68
N PHE F 137 7.30 46.61 29.90
CA PHE F 137 6.57 47.09 31.05
C PHE F 137 7.20 48.40 31.52
N GLU F 138 6.42 49.46 31.52
CA GLU F 138 6.87 50.68 32.14
C GLU F 138 6.62 50.56 33.63
N ILE F 139 7.72 50.55 34.39
CA ILE F 139 7.69 50.42 35.85
C ILE F 139 7.64 51.81 36.49
N TYR F 140 6.79 51.97 37.50
CA TYR F 140 6.54 53.30 38.11
C TYR F 140 7.26 53.52 39.44
N HIS F 141 8.48 53.00 39.50
CA HIS F 141 9.40 53.29 40.58
C HIS F 141 10.81 53.05 40.03
N ALA F 142 11.78 53.69 40.66
CA ALA F 142 13.17 53.42 40.37
C ALA F 142 13.38 51.93 40.57
N CYS F 143 13.98 51.28 39.58
CA CYS F 143 14.26 49.86 39.65
C CYS F 143 15.72 49.65 39.30
N ASP F 144 16.60 49.56 40.29
CA ASP F 144 18.04 49.41 40.01
C ASP F 144 18.39 48.01 39.52
N ASP F 145 19.67 47.78 39.25
CA ASP F 145 20.10 46.53 38.62
C ASP F 145 19.70 45.33 39.47
N SER F 146 19.74 45.48 40.78
CA SER F 146 19.32 44.40 41.67
C SER F 146 17.80 44.15 41.61
N CYS F 147 17.04 45.22 41.40
CA CYS F 147 15.60 45.12 41.31
C CYS F 147 15.23 44.50 39.98
N MET F 148 15.95 44.88 38.92
CA MET F 148 15.80 44.25 37.61
C MET F 148 16.07 42.75 37.70
N GLU F 149 17.11 42.37 38.44
CA GLU F 149 17.48 40.95 38.64
C GLU F 149 16.36 40.20 39.32
N SER F 150 15.75 40.83 40.30
CA SER F 150 14.64 40.26 41.03
C SER F 150 13.42 39.99 40.13
N ILE F 151 13.18 40.86 39.15
CA ILE F 151 12.11 40.59 38.20
C ILE F 151 12.45 39.37 37.32
N ARG F 152 13.67 39.30 36.78
CA ARG F 152 14.07 38.18 35.92
C ARG F 152 14.16 36.90 36.71
N ASN F 153 14.39 37.01 38.02
CA ASN F 153 14.64 35.86 38.90
C ASN F 153 13.36 35.39 39.59
N ASN F 154 12.27 36.12 39.33
CA ASN F 154 10.95 35.77 39.84
C ASN F 154 10.89 35.85 41.38
N THR F 155 11.53 36.87 41.97
CA THR F 155 11.43 37.12 43.41
C THR F 155 11.09 38.59 43.71
N TYR F 156 10.76 39.35 42.67
CA TYR F 156 10.25 40.70 42.84
C TYR F 156 9.00 40.71 43.72
N ASP F 157 9.07 41.41 44.86
CA ASP F 157 7.92 41.57 45.76
C ASP F 157 7.17 42.87 45.44
N HIS F 158 6.00 42.77 44.84
CA HIS F 158 5.32 43.97 44.39
C HIS F 158 4.92 44.91 45.56
N SER F 159 4.58 44.35 46.72
CA SER F 159 4.00 45.18 47.78
C SER F 159 5.06 46.14 48.37
N GLN F 160 6.32 45.81 48.12
CA GLN F 160 7.46 46.63 48.52
C GLN F 160 7.49 47.96 47.77
N TYR F 161 6.83 48.05 46.63
CA TYR F 161 6.89 49.26 45.81
C TYR F 161 5.53 49.81 45.52
N ARG F 162 4.50 49.08 45.95
CA ARG F 162 3.12 49.40 45.55
C ARG F 162 2.70 50.84 45.86
N GLU F 163 2.94 51.28 47.08
CA GLU F 163 2.61 52.66 47.48
C GLU F 163 3.16 53.70 46.53
N GLU F 164 4.48 53.69 46.39
CA GLU F 164 5.15 54.61 45.49
C GLU F 164 4.59 54.45 44.08
N ALA F 165 4.44 53.19 43.64
CA ALA F 165 4.03 52.92 42.26
C ALA F 165 2.66 53.51 42.00
N LEU F 166 1.73 53.28 42.92
CA LEU F 166 0.36 53.73 42.69
C LEU F 166 0.27 55.24 42.61
N LEU F 167 1.04 55.97 43.42
CA LEU F 167 0.86 57.41 43.34
C LEU F 167 1.63 57.99 42.14
N ASN F 168 2.66 57.31 41.67
CA ASN F 168 3.25 57.71 40.39
C ASN F 168 2.34 57.41 39.19
N ARG F 169 1.60 56.29 39.25
CA ARG F 169 0.69 55.96 38.15
C ARG F 169 -0.47 56.95 38.13
N LEU F 170 -0.81 57.48 39.30
CA LEU F 170 -1.97 58.36 39.43
C LEU F 170 -1.63 59.83 39.20
N ASN F 171 -0.40 60.14 38.84
CA ASN F 171 0.01 61.53 38.84
C ASN F 171 1.06 61.87 37.79
#